data_1LMT
# 
_entry.id   1LMT 
# 
_audit_conform.dict_name       mmcif_pdbx.dic 
_audit_conform.dict_version    5.399 
_audit_conform.dict_location   http://mmcif.pdb.org/dictionaries/ascii/mmcif_pdbx.dic 
# 
loop_
_database_2.database_id 
_database_2.database_code 
_database_2.pdbx_database_accession 
_database_2.pdbx_DOI 
PDB   1LMT         pdb_00001lmt 10.2210/pdb1lmt/pdb 
WWPDB D_1000174766 ?            ?                   
# 
loop_
_pdbx_audit_revision_history.ordinal 
_pdbx_audit_revision_history.data_content_type 
_pdbx_audit_revision_history.major_revision 
_pdbx_audit_revision_history.minor_revision 
_pdbx_audit_revision_history.revision_date 
1 'Structure model' 1 0 1995-03-31 
2 'Structure model' 1 1 2008-03-03 
3 'Structure model' 1 2 2011-07-13 
4 'Structure model' 1 3 2017-11-29 
5 'Structure model' 1 4 2019-07-17 
6 'Structure model' 1 5 2019-08-14 
7 'Structure model' 2 0 2020-07-29 
8 'Structure model' 2 1 2024-11-20 
# 
loop_
_pdbx_audit_revision_details.ordinal 
_pdbx_audit_revision_details.revision_ordinal 
_pdbx_audit_revision_details.data_content_type 
_pdbx_audit_revision_details.provider 
_pdbx_audit_revision_details.type 
_pdbx_audit_revision_details.description 
_pdbx_audit_revision_details.details 
1 1 'Structure model' repository 'Initial release' ?                          ? 
2 7 'Structure model' repository Remediation       'Carbohydrate remediation' ? 
# 
loop_
_pdbx_audit_revision_group.ordinal 
_pdbx_audit_revision_group.revision_ordinal 
_pdbx_audit_revision_group.data_content_type 
_pdbx_audit_revision_group.group 
1  2 'Structure model' 'Version format compliance' 
2  3 'Structure model' 'Non-polymer description'   
3  3 'Structure model' 'Version format compliance' 
4  4 'Structure model' 'Derived calculations'      
5  4 'Structure model' Other                       
6  5 'Structure model' 'Data collection'           
7  5 'Structure model' 'Derived calculations'      
8  5 'Structure model' 'Refinement description'    
9  6 'Structure model' 'Data collection'           
10 6 'Structure model' 'Refinement description'    
11 7 'Structure model' 'Atomic model'              
12 7 'Structure model' 'Data collection'           
13 7 'Structure model' 'Database references'       
14 7 'Structure model' 'Derived calculations'      
15 7 'Structure model' 'Structure summary'         
16 8 'Structure model' 'Data collection'           
17 8 'Structure model' 'Database references'       
18 8 'Structure model' 'Structure summary'         
# 
loop_
_pdbx_audit_revision_category.ordinal 
_pdbx_audit_revision_category.revision_ordinal 
_pdbx_audit_revision_category.data_content_type 
_pdbx_audit_revision_category.category 
1  4 'Structure model' pdbx_database_status          
2  4 'Structure model' struct_conf                   
3  4 'Structure model' struct_conf_type              
4  5 'Structure model' software                      
5  5 'Structure model' struct_conn                   
6  6 'Structure model' software                      
7  7 'Structure model' atom_site                     
8  7 'Structure model' chem_comp                     
9  7 'Structure model' entity                        
10 7 'Structure model' entity_name_com               
11 7 'Structure model' pdbx_branch_scheme            
12 7 'Structure model' pdbx_chem_comp_identifier     
13 7 'Structure model' pdbx_entity_branch            
14 7 'Structure model' pdbx_entity_branch_descriptor 
15 7 'Structure model' pdbx_entity_branch_link       
16 7 'Structure model' pdbx_entity_branch_list       
17 7 'Structure model' pdbx_entity_nonpoly           
18 7 'Structure model' pdbx_molecule_features        
19 7 'Structure model' pdbx_nonpoly_scheme           
20 7 'Structure model' pdbx_struct_assembly_gen      
21 7 'Structure model' struct_asym                   
22 7 'Structure model' struct_conn                   
23 7 'Structure model' struct_ref_seq_dif            
24 7 'Structure model' struct_site                   
25 7 'Structure model' struct_site_gen               
26 8 'Structure model' chem_comp                     
27 8 'Structure model' chem_comp_atom                
28 8 'Structure model' chem_comp_bond                
29 8 'Structure model' database_2                    
30 8 'Structure model' pdbx_entry_details            
31 8 'Structure model' pdbx_modification_feature     
# 
loop_
_pdbx_audit_revision_item.ordinal 
_pdbx_audit_revision_item.revision_ordinal 
_pdbx_audit_revision_item.data_content_type 
_pdbx_audit_revision_item.item 
1  4 'Structure model' '_pdbx_database_status.process_site'           
2  5 'Structure model' '_software.classification'                     
3  5 'Structure model' '_struct_conn.pdbx_leaving_atom_flag'          
4  6 'Structure model' '_software.classification'                     
5  7 'Structure model' '_atom_site.B_iso_or_equiv'                    
6  7 'Structure model' '_atom_site.Cartn_x'                           
7  7 'Structure model' '_atom_site.Cartn_y'                           
8  7 'Structure model' '_atom_site.Cartn_z'                           
9  7 'Structure model' '_atom_site.auth_asym_id'                      
10 7 'Structure model' '_atom_site.auth_atom_id'                      
11 7 'Structure model' '_atom_site.auth_seq_id'                       
12 7 'Structure model' '_atom_site.label_asym_id'                     
13 7 'Structure model' '_atom_site.label_atom_id'                     
14 7 'Structure model' '_chem_comp.name'                              
15 7 'Structure model' '_chem_comp.type'                              
16 7 'Structure model' '_entity.formula_weight'                       
17 7 'Structure model' '_entity.pdbx_description'                     
18 7 'Structure model' '_entity.pdbx_number_of_molecules'             
19 7 'Structure model' '_entity.type'                                 
20 7 'Structure model' '_pdbx_struct_assembly_gen.asym_id_list'       
21 7 'Structure model' '_struct_conn.pdbx_dist_value'                 
22 7 'Structure model' '_struct_conn.pdbx_leaving_atom_flag'          
23 7 'Structure model' '_struct_conn.pdbx_value_order'                
24 7 'Structure model' '_struct_conn.ptnr1_auth_asym_id'              
25 7 'Structure model' '_struct_conn.ptnr1_auth_seq_id'               
26 7 'Structure model' '_struct_conn.ptnr1_label_asym_id'             
27 7 'Structure model' '_struct_conn.ptnr1_label_atom_id'             
28 7 'Structure model' '_struct_conn.ptnr2_auth_asym_id'              
29 7 'Structure model' '_struct_conn.ptnr2_auth_seq_id'               
30 7 'Structure model' '_struct_conn.ptnr2_label_asym_id'             
31 7 'Structure model' '_struct_conn.ptnr2_label_atom_id'             
32 7 'Structure model' '_struct_ref_seq_dif.details'                  
33 8 'Structure model' '_chem_comp.pdbx_synonyms'                     
34 8 'Structure model' '_database_2.pdbx_DOI'                         
35 8 'Structure model' '_database_2.pdbx_database_accession'          
36 8 'Structure model' '_pdbx_entry_details.has_protein_modification' 
# 
_pdbx_database_status.status_code                     REL 
_pdbx_database_status.entry_id                        1LMT 
_pdbx_database_status.recvd_initial_deposition_date   1995-01-13 
_pdbx_database_status.deposit_site                    ? 
_pdbx_database_status.process_site                    BNL 
_pdbx_database_status.status_code_sf                  REL 
_pdbx_database_status.status_code_mr                  ? 
_pdbx_database_status.SG_entry                        ? 
_pdbx_database_status.pdb_format_compatible           Y 
_pdbx_database_status.status_code_cs                  ? 
_pdbx_database_status.methods_development_category    ? 
_pdbx_database_status.status_code_nmr_data            ? 
# 
loop_
_audit_author.name 
_audit_author.pdbx_ordinal 
'Matsushima, M.' 1 
'Song, H.'       2 
# 
loop_
_citation.id 
_citation.title 
_citation.journal_abbrev 
_citation.journal_volume 
_citation.page_first 
_citation.page_last 
_citation.year 
_citation.journal_id_ASTM 
_citation.country 
_citation.journal_id_ISSN 
_citation.journal_id_CSD 
_citation.book_publisher 
_citation.pdbx_database_id_PubMed 
_citation.pdbx_database_id_DOI 
primary 'Structure of a conformationally constrained Arg-Gly-Asp sequence inserted into human lysozyme.' J.Biol.Chem. 270 5687  
5690 1995 JBCHA3 US 0021-9258 0071 ? 7890692 10.1074/jbc.270.11.5687 
1       'Structural and Functional Analyses of the Arg-Gly-Asp Sequence Introduced Into Human Lysozyme'  J.Biol.Chem. 268 10588 ? 
1993 JBCHA3 US 0021-9258 0071 ? ?       ?                       
# 
loop_
_citation_author.citation_id 
_citation_author.name 
_citation_author.ordinal 
_citation_author.identifier_ORCID 
primary 'Yamada, T.'     1  ? 
primary 'Song, H.'       2  ? 
primary 'Inaka, K.'      3  ? 
primary 'Shimada, Y.'    4  ? 
primary 'Kikuchi, M.'    5  ? 
primary 'Matsushima, M.' 6  ? 
1       'Yamada, T.'     7  ? 
1       'Matsushima, M.' 8  ? 
1       'Inaka, K.'      9  ? 
1       'Ohkubo, T.'     10 ? 
1       'Uyeda, A.'      11 ? 
1       'Maeda, T.'      12 ? 
1       'Titani, K.'     13 ? 
1       'Sekiguchi, K.'  14 ? 
1       'Kikuchi, M.'    15 ? 
# 
loop_
_entity.id 
_entity.type 
_entity.src_method 
_entity.pdbx_description 
_entity.formula_weight 
_entity.pdbx_number_of_molecules 
_entity.pdbx_ec 
_entity.pdbx_mutation 
_entity.pdbx_fragment 
_entity.details 
1 polymer     man 'HUMAN LYSOZYME' 15343.392 1   3.2.1.17 ? ? ? 
2 branched    man 
;2-acetamido-2-deoxy-beta-D-glucopyranose-(1-4)-2-acetamido-2-deoxy-beta-D-glucopyranose-(1-4)-2-acetamido-2-deoxy-beta-D-glucopyranose
;
627.594   1   ?        ? ? ? 
3 non-polymer syn 'CHLORIDE ION' 35.453    2   ?        ? ? ? 
4 water       nat water 18.015    115 ?        ? ? ? 
# 
_entity_name_com.entity_id   2 
_entity_name_com.name        triacetyl-beta-chitotriose 
# 
_entity_poly.entity_id                      1 
_entity_poly.type                           'polypeptide(L)' 
_entity_poly.nstd_linkage                   no 
_entity_poly.nstd_monomer                   no 
_entity_poly.pdbx_seq_one_letter_code       
;KVFERCELARTLKRLGMDGYRGISLANWMCLAKWESGYNTRATNYNAGDRSTDYGIFQINSRYWCNDGKTPGAVCRGDSC
NACHLSCSALLQDNIADAVACAKRVVRDPQGIRAWVAWRNRCQNRDVRQYVQGCGV
;
_entity_poly.pdbx_seq_one_letter_code_can   
;KVFERCELARTLKRLGMDGYRGISLANWMCLAKWESGYNTRATNYNAGDRSTDYGIFQINSRYWCNDGKTPGAVCRGDSC
NACHLSCSALLQDNIADAVACAKRVVRDPQGIRAWVAWRNRCQNRDVRQYVQGCGV
;
_entity_poly.pdbx_strand_id                 A 
_entity_poly.pdbx_target_identifier         ? 
# 
loop_
_pdbx_entity_nonpoly.entity_id 
_pdbx_entity_nonpoly.name 
_pdbx_entity_nonpoly.comp_id 
3 'CHLORIDE ION' CL  
4 water          HOH 
# 
loop_
_entity_poly_seq.entity_id 
_entity_poly_seq.num 
_entity_poly_seq.mon_id 
_entity_poly_seq.hetero 
1 1   LYS n 
1 2   VAL n 
1 3   PHE n 
1 4   GLU n 
1 5   ARG n 
1 6   CYS n 
1 7   GLU n 
1 8   LEU n 
1 9   ALA n 
1 10  ARG n 
1 11  THR n 
1 12  LEU n 
1 13  LYS n 
1 14  ARG n 
1 15  LEU n 
1 16  GLY n 
1 17  MET n 
1 18  ASP n 
1 19  GLY n 
1 20  TYR n 
1 21  ARG n 
1 22  GLY n 
1 23  ILE n 
1 24  SER n 
1 25  LEU n 
1 26  ALA n 
1 27  ASN n 
1 28  TRP n 
1 29  MET n 
1 30  CYS n 
1 31  LEU n 
1 32  ALA n 
1 33  LYS n 
1 34  TRP n 
1 35  GLU n 
1 36  SER n 
1 37  GLY n 
1 38  TYR n 
1 39  ASN n 
1 40  THR n 
1 41  ARG n 
1 42  ALA n 
1 43  THR n 
1 44  ASN n 
1 45  TYR n 
1 46  ASN n 
1 47  ALA n 
1 48  GLY n 
1 49  ASP n 
1 50  ARG n 
1 51  SER n 
1 52  THR n 
1 53  ASP n 
1 54  TYR n 
1 55  GLY n 
1 56  ILE n 
1 57  PHE n 
1 58  GLN n 
1 59  ILE n 
1 60  ASN n 
1 61  SER n 
1 62  ARG n 
1 63  TYR n 
1 64  TRP n 
1 65  CYS n 
1 66  ASN n 
1 67  ASP n 
1 68  GLY n 
1 69  LYS n 
1 70  THR n 
1 71  PRO n 
1 72  GLY n 
1 73  ALA n 
1 74  VAL n 
1 75  CYS n 
1 76  ARG n 
1 77  GLY n 
1 78  ASP n 
1 79  SER n 
1 80  CYS n 
1 81  ASN n 
1 82  ALA n 
1 83  CYS n 
1 84  HIS n 
1 85  LEU n 
1 86  SER n 
1 87  CYS n 
1 88  SER n 
1 89  ALA n 
1 90  LEU n 
1 91  LEU n 
1 92  GLN n 
1 93  ASP n 
1 94  ASN n 
1 95  ILE n 
1 96  ALA n 
1 97  ASP n 
1 98  ALA n 
1 99  VAL n 
1 100 ALA n 
1 101 CYS n 
1 102 ALA n 
1 103 LYS n 
1 104 ARG n 
1 105 VAL n 
1 106 VAL n 
1 107 ARG n 
1 108 ASP n 
1 109 PRO n 
1 110 GLN n 
1 111 GLY n 
1 112 ILE n 
1 113 ARG n 
1 114 ALA n 
1 115 TRP n 
1 116 VAL n 
1 117 ALA n 
1 118 TRP n 
1 119 ARG n 
1 120 ASN n 
1 121 ARG n 
1 122 CYS n 
1 123 GLN n 
1 124 ASN n 
1 125 ARG n 
1 126 ASP n 
1 127 VAL n 
1 128 ARG n 
1 129 GLN n 
1 130 TYR n 
1 131 VAL n 
1 132 GLN n 
1 133 GLY n 
1 134 CYS n 
1 135 GLY n 
1 136 VAL n 
# 
_entity_src_gen.entity_id                          1 
_entity_src_gen.pdbx_src_id                        1 
_entity_src_gen.pdbx_alt_source_flag               sample 
_entity_src_gen.pdbx_seq_type                      ? 
_entity_src_gen.pdbx_beg_seq_num                   ? 
_entity_src_gen.pdbx_end_seq_num                   ? 
_entity_src_gen.gene_src_common_name               human 
_entity_src_gen.gene_src_genus                     Homo 
_entity_src_gen.pdbx_gene_src_gene                 ? 
_entity_src_gen.gene_src_species                   ? 
_entity_src_gen.gene_src_strain                    ? 
_entity_src_gen.gene_src_tissue                    ? 
_entity_src_gen.gene_src_tissue_fraction           ? 
_entity_src_gen.gene_src_details                   ? 
_entity_src_gen.pdbx_gene_src_fragment             ? 
_entity_src_gen.pdbx_gene_src_scientific_name      'Homo sapiens' 
_entity_src_gen.pdbx_gene_src_ncbi_taxonomy_id     9606 
_entity_src_gen.pdbx_gene_src_variant              ? 
_entity_src_gen.pdbx_gene_src_cell_line            ? 
_entity_src_gen.pdbx_gene_src_atcc                 ? 
_entity_src_gen.pdbx_gene_src_organ                ? 
_entity_src_gen.pdbx_gene_src_organelle            ? 
_entity_src_gen.pdbx_gene_src_cell                 ? 
_entity_src_gen.pdbx_gene_src_cellular_location    ? 
_entity_src_gen.host_org_common_name               ? 
_entity_src_gen.pdbx_host_org_scientific_name      ? 
_entity_src_gen.pdbx_host_org_ncbi_taxonomy_id     ? 
_entity_src_gen.host_org_genus                     ? 
_entity_src_gen.pdbx_host_org_gene                 ? 
_entity_src_gen.pdbx_host_org_organ                ? 
_entity_src_gen.host_org_species                   ? 
_entity_src_gen.pdbx_host_org_tissue               ? 
_entity_src_gen.pdbx_host_org_tissue_fraction      ? 
_entity_src_gen.pdbx_host_org_strain               ? 
_entity_src_gen.pdbx_host_org_variant              ? 
_entity_src_gen.pdbx_host_org_cell_line            ? 
_entity_src_gen.pdbx_host_org_atcc                 ? 
_entity_src_gen.pdbx_host_org_culture_collection   ? 
_entity_src_gen.pdbx_host_org_cell                 ? 
_entity_src_gen.pdbx_host_org_organelle            ? 
_entity_src_gen.pdbx_host_org_cellular_location    ? 
_entity_src_gen.pdbx_host_org_vector_type          ? 
_entity_src_gen.pdbx_host_org_vector               ? 
_entity_src_gen.host_org_details                   ? 
_entity_src_gen.expression_system_id               ? 
_entity_src_gen.plasmid_name                       ? 
_entity_src_gen.plasmid_details                    ? 
_entity_src_gen.pdbx_description                   ? 
# 
_pdbx_entity_branch.entity_id   2 
_pdbx_entity_branch.type        oligosaccharide 
# 
loop_
_pdbx_entity_branch_descriptor.ordinal 
_pdbx_entity_branch_descriptor.entity_id 
_pdbx_entity_branch_descriptor.descriptor 
_pdbx_entity_branch_descriptor.type 
_pdbx_entity_branch_descriptor.program 
_pdbx_entity_branch_descriptor.program_version 
1 2 DGlcpNAcb1-4DGlcpNAcb1-4DGlcpNAcb1-ROH                          'Glycam Condensed Sequence' GMML       1.0   
2 2 'WURCS=2.0/1,3,2/[a2122h-1b_1-5_2*NCC/3=O]/1-1-1/a4-b1_b4-c1'   WURCS                       PDB2Glycan 1.1.0 
3 2 '[][b-D-GlcpNAc]{[(4+1)][b-D-GlcpNAc]{[(4+1)][b-D-GlcpNAc]{}}}' LINUCS                      PDB-CARE   ?     
# 
loop_
_pdbx_entity_branch_link.link_id 
_pdbx_entity_branch_link.entity_id 
_pdbx_entity_branch_link.entity_branch_list_num_1 
_pdbx_entity_branch_link.comp_id_1 
_pdbx_entity_branch_link.atom_id_1 
_pdbx_entity_branch_link.leaving_atom_id_1 
_pdbx_entity_branch_link.entity_branch_list_num_2 
_pdbx_entity_branch_link.comp_id_2 
_pdbx_entity_branch_link.atom_id_2 
_pdbx_entity_branch_link.leaving_atom_id_2 
_pdbx_entity_branch_link.value_order 
_pdbx_entity_branch_link.details 
1 2 2 NAG C1 O1 1 NAG O4 HO4 sing ? 
2 2 3 NAG C1 O1 2 NAG O4 HO4 sing ? 
# 
loop_
_chem_comp.id 
_chem_comp.type 
_chem_comp.mon_nstd_flag 
_chem_comp.name 
_chem_comp.pdbx_synonyms 
_chem_comp.formula 
_chem_comp.formula_weight 
ALA 'L-peptide linking'          y ALANINE                                  ? 'C3 H7 N O2'     89.093  
ARG 'L-peptide linking'          y ARGININE                                 ? 'C6 H15 N4 O2 1' 175.209 
ASN 'L-peptide linking'          y ASPARAGINE                               ? 'C4 H8 N2 O3'    132.118 
ASP 'L-peptide linking'          y 'ASPARTIC ACID'                          ? 'C4 H7 N O4'     133.103 
CL  non-polymer                  . 'CHLORIDE ION'                           ? 'Cl -1'          35.453  
CYS 'L-peptide linking'          y CYSTEINE                                 ? 'C3 H7 N O2 S'   121.158 
GLN 'L-peptide linking'          y GLUTAMINE                                ? 'C5 H10 N2 O3'   146.144 
GLU 'L-peptide linking'          y 'GLUTAMIC ACID'                          ? 'C5 H9 N O4'     147.129 
GLY 'peptide linking'            y GLYCINE                                  ? 'C2 H5 N O2'     75.067  
HIS 'L-peptide linking'          y HISTIDINE                                ? 'C6 H10 N3 O2 1' 156.162 
HOH non-polymer                  . WATER                                    ? 'H2 O'           18.015  
ILE 'L-peptide linking'          y ISOLEUCINE                               ? 'C6 H13 N O2'    131.173 
LEU 'L-peptide linking'          y LEUCINE                                  ? 'C6 H13 N O2'    131.173 
LYS 'L-peptide linking'          y LYSINE                                   ? 'C6 H15 N2 O2 1' 147.195 
MET 'L-peptide linking'          y METHIONINE                               ? 'C5 H11 N O2 S'  149.211 
NAG 'D-saccharide, beta linking' . 2-acetamido-2-deoxy-beta-D-glucopyranose 
;N-acetyl-beta-D-glucosamine; 2-acetamido-2-deoxy-beta-D-glucose; 2-acetamido-2-deoxy-D-glucose; 2-acetamido-2-deoxy-glucose; N-ACETYL-D-GLUCOSAMINE
;
'C8 H15 N O6'    221.208 
PHE 'L-peptide linking'          y PHENYLALANINE                            ? 'C9 H11 N O2'    165.189 
PRO 'L-peptide linking'          y PROLINE                                  ? 'C5 H9 N O2'     115.130 
SER 'L-peptide linking'          y SERINE                                   ? 'C3 H7 N O3'     105.093 
THR 'L-peptide linking'          y THREONINE                                ? 'C4 H9 N O3'     119.119 
TRP 'L-peptide linking'          y TRYPTOPHAN                               ? 'C11 H12 N2 O2'  204.225 
TYR 'L-peptide linking'          y TYROSINE                                 ? 'C9 H11 N O3'    181.189 
VAL 'L-peptide linking'          y VALINE                                   ? 'C5 H11 N O2'    117.146 
# 
loop_
_pdbx_chem_comp_identifier.comp_id 
_pdbx_chem_comp_identifier.type 
_pdbx_chem_comp_identifier.program 
_pdbx_chem_comp_identifier.program_version 
_pdbx_chem_comp_identifier.identifier 
NAG 'CONDENSED IUPAC CARBOHYDRATE SYMBOL' GMML     1.0 DGlcpNAcb                      
NAG 'COMMON NAME'                         GMML     1.0 N-acetyl-b-D-glucopyranosamine 
NAG 'IUPAC CARBOHYDRATE SYMBOL'           PDB-CARE 1.0 b-D-GlcpNAc                    
NAG 'SNFG CARBOHYDRATE SYMBOL'            GMML     1.0 GlcNAc                         
# 
loop_
_pdbx_poly_seq_scheme.asym_id 
_pdbx_poly_seq_scheme.entity_id 
_pdbx_poly_seq_scheme.seq_id 
_pdbx_poly_seq_scheme.mon_id 
_pdbx_poly_seq_scheme.ndb_seq_num 
_pdbx_poly_seq_scheme.pdb_seq_num 
_pdbx_poly_seq_scheme.auth_seq_num 
_pdbx_poly_seq_scheme.pdb_mon_id 
_pdbx_poly_seq_scheme.auth_mon_id 
_pdbx_poly_seq_scheme.pdb_strand_id 
_pdbx_poly_seq_scheme.pdb_ins_code 
_pdbx_poly_seq_scheme.hetero 
A 1 1   LYS 1   1   1   LYS LYS A . n 
A 1 2   VAL 2   2   2   VAL VAL A . n 
A 1 3   PHE 3   3   3   PHE PHE A . n 
A 1 4   GLU 4   4   4   GLU GLU A . n 
A 1 5   ARG 5   5   5   ARG ARG A . n 
A 1 6   CYS 6   6   6   CYS CYS A . n 
A 1 7   GLU 7   7   7   GLU GLU A . n 
A 1 8   LEU 8   8   8   LEU LEU A . n 
A 1 9   ALA 9   9   9   ALA ALA A . n 
A 1 10  ARG 10  10  10  ARG ARG A . n 
A 1 11  THR 11  11  11  THR THR A . n 
A 1 12  LEU 12  12  12  LEU LEU A . n 
A 1 13  LYS 13  13  13  LYS LYS A . n 
A 1 14  ARG 14  14  14  ARG ARG A . n 
A 1 15  LEU 15  15  15  LEU LEU A . n 
A 1 16  GLY 16  16  16  GLY GLY A . n 
A 1 17  MET 17  17  17  MET MET A . n 
A 1 18  ASP 18  18  18  ASP ASP A . n 
A 1 19  GLY 19  19  19  GLY GLY A . n 
A 1 20  TYR 20  20  20  TYR TYR A . n 
A 1 21  ARG 21  21  21  ARG ARG A . n 
A 1 22  GLY 22  22  22  GLY GLY A . n 
A 1 23  ILE 23  23  23  ILE ILE A . n 
A 1 24  SER 24  24  24  SER SER A . n 
A 1 25  LEU 25  25  25  LEU LEU A . n 
A 1 26  ALA 26  26  26  ALA ALA A . n 
A 1 27  ASN 27  27  27  ASN ASN A . n 
A 1 28  TRP 28  28  28  TRP TRP A . n 
A 1 29  MET 29  29  29  MET MET A . n 
A 1 30  CYS 30  30  30  CYS CYS A . n 
A 1 31  LEU 31  31  31  LEU LEU A . n 
A 1 32  ALA 32  32  32  ALA ALA A . n 
A 1 33  LYS 33  33  33  LYS LYS A . n 
A 1 34  TRP 34  34  34  TRP TRP A . n 
A 1 35  GLU 35  35  35  GLU GLU A . n 
A 1 36  SER 36  36  36  SER SER A . n 
A 1 37  GLY 37  37  37  GLY GLY A . n 
A 1 38  TYR 38  38  38  TYR TYR A . n 
A 1 39  ASN 39  39  39  ASN ASN A . n 
A 1 40  THR 40  40  40  THR THR A . n 
A 1 41  ARG 41  41  41  ARG ARG A . n 
A 1 42  ALA 42  42  42  ALA ALA A . n 
A 1 43  THR 43  43  43  THR THR A . n 
A 1 44  ASN 44  44  44  ASN ASN A . n 
A 1 45  TYR 45  45  45  TYR TYR A . n 
A 1 46  ASN 46  46  46  ASN ASN A . n 
A 1 47  ALA 47  47  47  ALA ALA A . n 
A 1 48  GLY 48  48  48  GLY GLY A . n 
A 1 49  ASP 49  49  49  ASP ASP A . n 
A 1 50  ARG 50  50  50  ARG ARG A . n 
A 1 51  SER 51  51  51  SER SER A . n 
A 1 52  THR 52  52  52  THR THR A . n 
A 1 53  ASP 53  53  53  ASP ASP A . n 
A 1 54  TYR 54  54  54  TYR TYR A . n 
A 1 55  GLY 55  55  55  GLY GLY A . n 
A 1 56  ILE 56  56  56  ILE ILE A . n 
A 1 57  PHE 57  57  57  PHE PHE A . n 
A 1 58  GLN 58  58  58  GLN GLN A . n 
A 1 59  ILE 59  59  59  ILE ILE A . n 
A 1 60  ASN 60  60  60  ASN ASN A . n 
A 1 61  SER 61  61  61  SER SER A . n 
A 1 62  ARG 62  62  62  ARG ARG A . n 
A 1 63  TYR 63  63  63  TYR TYR A . n 
A 1 64  TRP 64  64  64  TRP TRP A . n 
A 1 65  CYS 65  65  65  CYS CYS A . n 
A 1 66  ASN 66  66  66  ASN ASN A . n 
A 1 67  ASP 67  67  67  ASP ASP A . n 
A 1 68  GLY 68  68  68  GLY GLY A . n 
A 1 69  LYS 69  69  69  LYS LYS A . n 
A 1 70  THR 70  70  70  THR THR A . n 
A 1 71  PRO 71  71  71  PRO PRO A . n 
A 1 72  GLY 72  72  72  GLY GLY A . n 
A 1 73  ALA 73  73  73  ALA ALA A . n 
A 1 74  VAL 74  74  74  VAL VAL A . n 
A 1 75  CYS 75  74  74  CYS CYS A A n 
A 1 76  ARG 76  74  74  ARG ARG A B n 
A 1 77  GLY 77  74  74  GLY GLY A C n 
A 1 78  ASP 78  74  74  ASP ASP A D n 
A 1 79  SER 79  74  74  SER SER A E n 
A 1 80  CYS 80  74  74  CYS CYS A F n 
A 1 81  ASN 81  75  75  ASN ASN A . n 
A 1 82  ALA 82  76  76  ALA ALA A . n 
A 1 83  CYS 83  77  77  CYS CYS A . n 
A 1 84  HIS 84  78  78  HIS HIS A . n 
A 1 85  LEU 85  79  79  LEU LEU A . n 
A 1 86  SER 86  80  80  SER SER A . n 
A 1 87  CYS 87  81  81  CYS CYS A . n 
A 1 88  SER 88  82  82  SER SER A . n 
A 1 89  ALA 89  83  83  ALA ALA A . n 
A 1 90  LEU 90  84  84  LEU LEU A . n 
A 1 91  LEU 91  85  85  LEU LEU A . n 
A 1 92  GLN 92  86  86  GLN GLN A . n 
A 1 93  ASP 93  87  87  ASP ASP A . n 
A 1 94  ASN 94  88  88  ASN ASN A . n 
A 1 95  ILE 95  89  89  ILE ILE A . n 
A 1 96  ALA 96  90  90  ALA ALA A . n 
A 1 97  ASP 97  91  91  ASP ASP A . n 
A 1 98  ALA 98  92  92  ALA ALA A . n 
A 1 99  VAL 99  93  93  VAL VAL A . n 
A 1 100 ALA 100 94  94  ALA ALA A . n 
A 1 101 CYS 101 95  95  CYS CYS A . n 
A 1 102 ALA 102 96  96  ALA ALA A . n 
A 1 103 LYS 103 97  97  LYS LYS A . n 
A 1 104 ARG 104 98  98  ARG ARG A . n 
A 1 105 VAL 105 99  99  VAL VAL A . n 
A 1 106 VAL 106 100 100 VAL VAL A . n 
A 1 107 ARG 107 101 101 ARG ARG A . n 
A 1 108 ASP 108 102 102 ASP ASP A . n 
A 1 109 PRO 109 103 103 PRO PRO A . n 
A 1 110 GLN 110 104 104 GLN GLN A . n 
A 1 111 GLY 111 105 105 GLY GLY A . n 
A 1 112 ILE 112 106 106 ILE ILE A . n 
A 1 113 ARG 113 107 107 ARG ARG A . n 
A 1 114 ALA 114 108 108 ALA ALA A . n 
A 1 115 TRP 115 109 109 TRP TRP A . n 
A 1 116 VAL 116 110 110 VAL VAL A . n 
A 1 117 ALA 117 111 111 ALA ALA A . n 
A 1 118 TRP 118 112 112 TRP TRP A . n 
A 1 119 ARG 119 113 113 ARG ARG A . n 
A 1 120 ASN 120 114 114 ASN ASN A . n 
A 1 121 ARG 121 115 115 ARG ARG A . n 
A 1 122 CYS 122 116 116 CYS CYS A . n 
A 1 123 GLN 123 117 117 GLN GLN A . n 
A 1 124 ASN 124 118 118 ASN ASN A . n 
A 1 125 ARG 125 119 119 ARG ARG A . n 
A 1 126 ASP 126 120 120 ASP ASP A . n 
A 1 127 VAL 127 121 121 VAL VAL A . n 
A 1 128 ARG 128 122 122 ARG ARG A . n 
A 1 129 GLN 129 123 123 GLN GLN A . n 
A 1 130 TYR 130 124 124 TYR TYR A . n 
A 1 131 VAL 131 125 125 VAL VAL A . n 
A 1 132 GLN 132 126 126 GLN GLN A . n 
A 1 133 GLY 133 127 127 GLY GLY A . n 
A 1 134 CYS 134 128 128 CYS CYS A . n 
A 1 135 GLY 135 129 129 GLY GLY A . n 
A 1 136 VAL 136 130 130 VAL VAL A . n 
# 
loop_
_pdbx_branch_scheme.asym_id 
_pdbx_branch_scheme.entity_id 
_pdbx_branch_scheme.mon_id 
_pdbx_branch_scheme.num 
_pdbx_branch_scheme.pdb_asym_id 
_pdbx_branch_scheme.pdb_mon_id 
_pdbx_branch_scheme.pdb_seq_num 
_pdbx_branch_scheme.auth_asym_id 
_pdbx_branch_scheme.auth_mon_id 
_pdbx_branch_scheme.auth_seq_num 
_pdbx_branch_scheme.hetero 
B 2 NAG 1 B NAG 1 ? NAG 143 n 
B 2 NAG 2 B NAG 2 ? NAG 142 n 
B 2 NAG 3 B NAG 3 ? NAG 141 n 
# 
loop_
_pdbx_nonpoly_scheme.asym_id 
_pdbx_nonpoly_scheme.entity_id 
_pdbx_nonpoly_scheme.mon_id 
_pdbx_nonpoly_scheme.ndb_seq_num 
_pdbx_nonpoly_scheme.pdb_seq_num 
_pdbx_nonpoly_scheme.auth_seq_num 
_pdbx_nonpoly_scheme.pdb_mon_id 
_pdbx_nonpoly_scheme.auth_mon_id 
_pdbx_nonpoly_scheme.pdb_strand_id 
_pdbx_nonpoly_scheme.pdb_ins_code 
C 3 CL  1   145 145 CL  CL  A . 
D 3 CL  1   146 146 CL  CL  A . 
E 4 HOH 1   150 150 HOH HOH A . 
E 4 HOH 2   151 151 HOH HOH A . 
E 4 HOH 3   152 152 HOH HOH A . 
E 4 HOH 4   153 153 HOH HOH A . 
E 4 HOH 5   154 154 HOH HOH A . 
E 4 HOH 6   156 156 HOH HOH A . 
E 4 HOH 7   157 157 HOH HOH A . 
E 4 HOH 8   158 158 HOH HOH A . 
E 4 HOH 9   159 159 HOH HOH A . 
E 4 HOH 10  166 166 HOH HOH A . 
E 4 HOH 11  167 167 HOH HOH A . 
E 4 HOH 12  168 168 HOH HOH A . 
E 4 HOH 13  170 170 HOH HOH A . 
E 4 HOH 14  171 171 HOH HOH A . 
E 4 HOH 15  172 172 HOH HOH A . 
E 4 HOH 16  173 173 HOH HOH A . 
E 4 HOH 17  174 174 HOH HOH A . 
E 4 HOH 18  175 175 HOH HOH A . 
E 4 HOH 19  176 176 HOH HOH A . 
E 4 HOH 20  177 177 HOH HOH A . 
E 4 HOH 21  178 178 HOH HOH A . 
E 4 HOH 22  179 179 HOH HOH A . 
E 4 HOH 23  180 180 HOH HOH A . 
E 4 HOH 24  181 181 HOH HOH A . 
E 4 HOH 25  183 183 HOH HOH A . 
E 4 HOH 26  184 184 HOH HOH A . 
E 4 HOH 27  185 185 HOH HOH A . 
E 4 HOH 28  187 187 HOH HOH A . 
E 4 HOH 29  188 188 HOH HOH A . 
E 4 HOH 30  189 189 HOH HOH A . 
E 4 HOH 31  190 190 HOH HOH A . 
E 4 HOH 32  191 191 HOH HOH A . 
E 4 HOH 33  192 192 HOH HOH A . 
E 4 HOH 34  193 193 HOH HOH A . 
E 4 HOH 35  194 194 HOH HOH A . 
E 4 HOH 36  195 195 HOH HOH A . 
E 4 HOH 37  196 196 HOH HOH A . 
E 4 HOH 38  197 197 HOH HOH A . 
E 4 HOH 39  198 198 HOH HOH A . 
E 4 HOH 40  199 199 HOH HOH A . 
E 4 HOH 41  200 200 HOH HOH A . 
E 4 HOH 42  201 201 HOH HOH A . 
E 4 HOH 43  204 204 HOH HOH A . 
E 4 HOH 44  205 205 HOH HOH A . 
E 4 HOH 45  206 206 HOH HOH A . 
E 4 HOH 46  208 208 HOH HOH A . 
E 4 HOH 47  210 210 HOH HOH A . 
E 4 HOH 48  212 212 HOH HOH A . 
E 4 HOH 49  213 213 HOH HOH A . 
E 4 HOH 50  214 214 HOH HOH A . 
E 4 HOH 51  215 215 HOH HOH A . 
E 4 HOH 52  216 216 HOH HOH A . 
E 4 HOH 53  218 218 HOH HOH A . 
E 4 HOH 54  219 219 HOH HOH A . 
E 4 HOH 55  220 220 HOH HOH A . 
E 4 HOH 56  221 221 HOH HOH A . 
E 4 HOH 57  222 222 HOH HOH A . 
E 4 HOH 58  224 224 HOH HOH A . 
E 4 HOH 59  226 226 HOH HOH A . 
E 4 HOH 60  227 227 HOH HOH A . 
E 4 HOH 61  228 228 HOH HOH A . 
E 4 HOH 62  229 229 HOH HOH A . 
E 4 HOH 63  231 231 HOH HOH A . 
E 4 HOH 64  232 232 HOH HOH A . 
E 4 HOH 65  233 233 HOH HOH A . 
E 4 HOH 66  240 240 HOH HOH A . 
E 4 HOH 67  242 242 HOH HOH A . 
E 4 HOH 68  243 243 HOH HOH A . 
E 4 HOH 69  245 245 HOH HOH A . 
E 4 HOH 70  246 246 HOH HOH A . 
E 4 HOH 71  247 247 HOH HOH A . 
E 4 HOH 72  248 248 HOH HOH A . 
E 4 HOH 73  249 249 HOH HOH A . 
E 4 HOH 74  250 250 HOH HOH A . 
E 4 HOH 75  251 251 HOH HOH A . 
E 4 HOH 76  252 252 HOH HOH A . 
E 4 HOH 77  253 253 HOH HOH A . 
E 4 HOH 78  254 254 HOH HOH A . 
E 4 HOH 79  255 255 HOH HOH A . 
E 4 HOH 80  256 256 HOH HOH A . 
E 4 HOH 81  257 257 HOH HOH A . 
E 4 HOH 82  260 260 HOH HOH A . 
E 4 HOH 83  261 261 HOH HOH A . 
E 4 HOH 84  262 262 HOH HOH A . 
E 4 HOH 85  263 263 HOH HOH A . 
E 4 HOH 86  264 264 HOH HOH A . 
E 4 HOH 87  265 265 HOH HOH A . 
E 4 HOH 88  266 266 HOH HOH A . 
E 4 HOH 89  267 267 HOH HOH A . 
E 4 HOH 90  268 268 HOH HOH A . 
E 4 HOH 91  270 270 HOH HOH A . 
E 4 HOH 92  271 271 HOH HOH A . 
E 4 HOH 93  272 272 HOH HOH A . 
E 4 HOH 94  273 273 HOH HOH A . 
E 4 HOH 95  274 274 HOH HOH A . 
E 4 HOH 96  275 275 HOH HOH A . 
E 4 HOH 97  276 276 HOH HOH A . 
E 4 HOH 98  280 280 HOH HOH A . 
E 4 HOH 99  281 281 HOH HOH A . 
E 4 HOH 100 282 282 HOH HOH A . 
E 4 HOH 101 283 283 HOH HOH A . 
E 4 HOH 102 284 284 HOH HOH A . 
E 4 HOH 103 285 285 HOH HOH A . 
E 4 HOH 104 286 286 HOH HOH A . 
E 4 HOH 105 287 287 HOH HOH A . 
E 4 HOH 106 288 288 HOH HOH A . 
E 4 HOH 107 289 289 HOH HOH A . 
E 4 HOH 108 290 290 HOH HOH A . 
E 4 HOH 109 291 291 HOH HOH A . 
E 4 HOH 110 292 292 HOH HOH A . 
E 4 HOH 111 293 293 HOH HOH A . 
E 4 HOH 112 294 294 HOH HOH A . 
E 4 HOH 113 295 295 HOH HOH A . 
E 4 HOH 114 296 296 HOH HOH A . 
E 4 HOH 115 297 297 HOH HOH A . 
# 
loop_
_software.name 
_software.classification 
_software.version 
_software.citation_id 
_software.pdbx_ordinal 
X-PLOR 'model building' . ? 1 
PROLSQ refinement       . ? 2 
X-PLOR refinement       . ? 3 
X-PLOR phasing          . ? 4 
# 
_cell.entry_id           1LMT 
_cell.length_a           56.490 
_cell.length_b           61.460 
_cell.length_c           33.420 
_cell.angle_alpha        90.00 
_cell.angle_beta         90.00 
_cell.angle_gamma        90.00 
_cell.Z_PDB              4 
_cell.pdbx_unique_axis   ? 
# 
_symmetry.entry_id                         1LMT 
_symmetry.space_group_name_H-M             'P 21 21 21' 
_symmetry.pdbx_full_space_group_name_H-M   ? 
_symmetry.cell_setting                     ? 
_symmetry.Int_Tables_number                19 
# 
_exptl.entry_id          1LMT 
_exptl.method            'X-RAY DIFFRACTION' 
_exptl.crystals_number   ? 
# 
_exptl_crystal.id                    1 
_exptl_crystal.density_meas          ? 
_exptl_crystal.density_Matthews      1.89 
_exptl_crystal.density_percent_sol   34.93 
_exptl_crystal.description           ? 
# 
_diffrn.id                     1 
_diffrn.ambient_temp           ? 
_diffrn.ambient_temp_details   ? 
_diffrn.crystal_id             1 
# 
_diffrn_radiation.diffrn_id                        1 
_diffrn_radiation.wavelength_id                    1 
_diffrn_radiation.pdbx_monochromatic_or_laue_m_l   ? 
_diffrn_radiation.monochromator                    ? 
_diffrn_radiation.pdbx_diffrn_protocol             ? 
_diffrn_radiation.pdbx_scattering_type             x-ray 
# 
_diffrn_radiation_wavelength.id           1 
_diffrn_radiation_wavelength.wavelength   . 
_diffrn_radiation_wavelength.wt           1.0 
# 
_reflns.entry_id                     1LMT 
_reflns.observed_criterion_sigma_I   ? 
_reflns.observed_criterion_sigma_F   ? 
_reflns.d_resolution_low             6.0 
_reflns.d_resolution_high            1.60 
_reflns.number_obs                   ? 
_reflns.number_all                   ? 
_reflns.percent_possible_obs         ? 
_reflns.pdbx_Rmerge_I_obs            ? 
_reflns.pdbx_Rsym_value              ? 
_reflns.pdbx_netI_over_sigmaI        ? 
_reflns.B_iso_Wilson_estimate        ? 
_reflns.pdbx_redundancy              ? 
_reflns.pdbx_ordinal                 1 
_reflns.pdbx_diffrn_id               1 
# 
_refine.entry_id                                 1LMT 
_refine.ls_number_reflns_obs                     12583 
_refine.ls_number_reflns_all                     ? 
_refine.pdbx_ls_sigma_I                          ? 
_refine.pdbx_ls_sigma_F                          ? 
_refine.pdbx_data_cutoff_high_absF               ? 
_refine.pdbx_data_cutoff_low_absF                ? 
_refine.pdbx_data_cutoff_high_rms_absF           ? 
_refine.ls_d_res_low                             ? 
_refine.ls_d_res_high                            1.60 
_refine.ls_percent_reflns_obs                    ? 
_refine.ls_R_factor_obs                          0.176 
_refine.ls_R_factor_all                          ? 
_refine.ls_R_factor_R_work                       0.176 
_refine.ls_R_factor_R_free                       ? 
_refine.ls_R_factor_R_free_error                 ? 
_refine.ls_R_factor_R_free_error_details         ? 
_refine.ls_percent_reflns_R_free                 ? 
_refine.ls_number_reflns_R_free                  ? 
_refine.ls_number_parameters                     ? 
_refine.ls_number_restraints                     ? 
_refine.occupancy_min                            ? 
_refine.occupancy_max                            ? 
_refine.B_iso_mean                               ? 
_refine.aniso_B[1][1]                            ? 
_refine.aniso_B[2][2]                            ? 
_refine.aniso_B[3][3]                            ? 
_refine.aniso_B[1][2]                            ? 
_refine.aniso_B[1][3]                            ? 
_refine.aniso_B[2][3]                            ? 
_refine.solvent_model_details                    ? 
_refine.solvent_model_param_ksol                 ? 
_refine.solvent_model_param_bsol                 ? 
_refine.pdbx_ls_cross_valid_method               ? 
_refine.details                                  ? 
_refine.pdbx_starting_model                      ? 
_refine.pdbx_method_to_determine_struct          ? 
_refine.pdbx_isotropic_thermal_model             ? 
_refine.pdbx_stereochemistry_target_values       ? 
_refine.pdbx_stereochem_target_val_spec_case     ? 
_refine.pdbx_R_Free_selection_details            ? 
_refine.pdbx_overall_ESU_R                       ? 
_refine.pdbx_overall_ESU_R_Free                  ? 
_refine.overall_SU_ML                            ? 
_refine.overall_SU_B                             ? 
_refine.pdbx_refine_id                           'X-RAY DIFFRACTION' 
_refine.pdbx_diffrn_id                           1 
_refine.pdbx_TLS_residual_ADP_flag               ? 
_refine.correlation_coeff_Fo_to_Fc               ? 
_refine.correlation_coeff_Fo_to_Fc_free          ? 
_refine.pdbx_solvent_vdw_probe_radii             ? 
_refine.pdbx_solvent_ion_probe_radii             ? 
_refine.pdbx_solvent_shrinkage_radii             ? 
_refine.pdbx_overall_phase_error                 ? 
_refine.overall_SU_R_Cruickshank_DPI             ? 
_refine.pdbx_overall_SU_R_free_Cruickshank_DPI   ? 
_refine.pdbx_overall_SU_R_Blow_DPI               ? 
_refine.pdbx_overall_SU_R_free_Blow_DPI          ? 
# 
_refine_hist.pdbx_refine_id                   'X-RAY DIFFRACTION' 
_refine_hist.cycle_id                         LAST 
_refine_hist.pdbx_number_atoms_protein        1070 
_refine_hist.pdbx_number_atoms_nucleic_acid   0 
_refine_hist.pdbx_number_atoms_ligand         45 
_refine_hist.number_atoms_solvent             115 
_refine_hist.number_atoms_total               1230 
_refine_hist.d_res_high                       1.60 
_refine_hist.d_res_low                        . 
# 
loop_
_refine_ls_restr.type 
_refine_ls_restr.dev_ideal 
_refine_ls_restr.dev_ideal_target 
_refine_ls_restr.weight 
_refine_ls_restr.number 
_refine_ls_restr.pdbx_refine_id 
_refine_ls_restr.pdbx_restraint_function 
x_bond_d                0.014 ? ? ? 'X-RAY DIFFRACTION' ? 
x_bond_d_na             ?     ? ? ? 'X-RAY DIFFRACTION' ? 
x_bond_d_prot           ?     ? ? ? 'X-RAY DIFFRACTION' ? 
x_angle_d               ?     ? ? ? 'X-RAY DIFFRACTION' ? 
x_angle_d_na            ?     ? ? ? 'X-RAY DIFFRACTION' ? 
x_angle_d_prot          ?     ? ? ? 'X-RAY DIFFRACTION' ? 
x_angle_deg             ?     ? ? ? 'X-RAY DIFFRACTION' ? 
x_angle_deg_na          ?     ? ? ? 'X-RAY DIFFRACTION' ? 
x_angle_deg_prot        ?     ? ? ? 'X-RAY DIFFRACTION' ? 
x_dihedral_angle_d      ?     ? ? ? 'X-RAY DIFFRACTION' ? 
x_dihedral_angle_d_na   ?     ? ? ? 'X-RAY DIFFRACTION' ? 
x_dihedral_angle_d_prot ?     ? ? ? 'X-RAY DIFFRACTION' ? 
x_improper_angle_d      ?     ? ? ? 'X-RAY DIFFRACTION' ? 
x_improper_angle_d_na   ?     ? ? ? 'X-RAY DIFFRACTION' ? 
x_improper_angle_d_prot ?     ? ? ? 'X-RAY DIFFRACTION' ? 
x_mcbond_it             ?     ? ? ? 'X-RAY DIFFRACTION' ? 
x_mcangle_it            ?     ? ? ? 'X-RAY DIFFRACTION' ? 
x_scbond_it             ?     ? ? ? 'X-RAY DIFFRACTION' ? 
x_scangle_it            ?     ? ? ? 'X-RAY DIFFRACTION' ? 
# 
_struct.entry_id                  1LMT 
_struct.title                     'STRUCTURE OF A CONFORMATIONALLY CONSTRAINED ARG-GLY-ASP SEQUENCE INSERTED INTO HUMAN LYSOZYME' 
_struct.pdbx_model_details        ? 
_struct.pdbx_CASP_flag            ? 
_struct.pdbx_model_type_details   ? 
# 
_struct_keywords.entry_id        1LMT 
_struct_keywords.pdbx_keywords   'HYDROLASE (O-GLYCOSYL)' 
_struct_keywords.text            'HYDROLASE (O-GLYCOSYL)' 
# 
loop_
_struct_asym.id 
_struct_asym.pdbx_blank_PDB_chainid_flag 
_struct_asym.pdbx_modified 
_struct_asym.entity_id 
_struct_asym.details 
A N N 1 ? 
B N N 2 ? 
C N N 3 ? 
D N N 3 ? 
E N N 4 ? 
# 
_struct_ref.id                         1 
_struct_ref.db_name                    UNP 
_struct_ref.db_code                    LYC_HUMAN 
_struct_ref.entity_id                  1 
_struct_ref.pdbx_db_accession          P00695 
_struct_ref.pdbx_align_begin           1 
_struct_ref.pdbx_seq_one_letter_code   
;MKALIVLGLVLLSVTVQGKVFERCELARTLKRLGMDGYRGISLANWMCLAKWESGYNTRATNYNAGDRSTDYGIFQINSR
YWCNDGKTPGAVNACHLSCSALLQDNIADAVACAKRVVRDPQGIRAWVAWRNRCQNRDVRQYVQGCGV
;
_struct_ref.pdbx_db_isoform            ? 
# 
_struct_ref_seq.align_id                      1 
_struct_ref_seq.ref_id                        1 
_struct_ref_seq.pdbx_PDB_id_code              1LMT 
_struct_ref_seq.pdbx_strand_id                A 
_struct_ref_seq.seq_align_beg                 1 
_struct_ref_seq.pdbx_seq_align_beg_ins_code   ? 
_struct_ref_seq.seq_align_end                 130 
_struct_ref_seq.pdbx_seq_align_end_ins_code   ? 
_struct_ref_seq.pdbx_db_accession             P00695 
_struct_ref_seq.db_align_beg                  19 
_struct_ref_seq.pdbx_db_align_beg_ins_code    ? 
_struct_ref_seq.db_align_end                  142 
_struct_ref_seq.pdbx_db_align_end_ins_code    ? 
_struct_ref_seq.pdbx_auth_seq_align_beg       1 
_struct_ref_seq.pdbx_auth_seq_align_end       124 
# 
loop_
_struct_ref_seq_dif.align_id 
_struct_ref_seq_dif.pdbx_pdb_id_code 
_struct_ref_seq_dif.mon_id 
_struct_ref_seq_dif.pdbx_pdb_strand_id 
_struct_ref_seq_dif.seq_num 
_struct_ref_seq_dif.pdbx_pdb_ins_code 
_struct_ref_seq_dif.pdbx_seq_db_name 
_struct_ref_seq_dif.pdbx_seq_db_accession_code 
_struct_ref_seq_dif.db_mon_id 
_struct_ref_seq_dif.pdbx_seq_db_seq_num 
_struct_ref_seq_dif.details 
_struct_ref_seq_dif.pdbx_auth_seq_num 
_struct_ref_seq_dif.pdbx_ordinal 
1 1LMT CYS A 75 A UNP P00695 ? ? insertion 74 1 
1 1LMT ARG A 76 B UNP P00695 ? ? insertion 74 2 
1 1LMT GLY A 77 C UNP P00695 ? ? insertion 74 3 
1 1LMT ASP A 78 D UNP P00695 ? ? insertion 74 4 
1 1LMT SER A 79 E UNP P00695 ? ? insertion 74 5 
1 1LMT CYS A 80 F UNP P00695 ? ? insertion 74 6 
# 
_pdbx_struct_assembly.id                   1 
_pdbx_struct_assembly.details              author_defined_assembly 
_pdbx_struct_assembly.method_details       ? 
_pdbx_struct_assembly.oligomeric_details   monomeric 
_pdbx_struct_assembly.oligomeric_count     1 
# 
_pdbx_struct_assembly_gen.assembly_id       1 
_pdbx_struct_assembly_gen.oper_expression   1 
_pdbx_struct_assembly_gen.asym_id_list      A,B,C,D,E 
# 
_pdbx_struct_oper_list.id                   1 
_pdbx_struct_oper_list.type                 'identity operation' 
_pdbx_struct_oper_list.name                 1_555 
_pdbx_struct_oper_list.symmetry_operation   x,y,z 
_pdbx_struct_oper_list.matrix[1][1]         1.0000000000 
_pdbx_struct_oper_list.matrix[1][2]         0.0000000000 
_pdbx_struct_oper_list.matrix[1][3]         0.0000000000 
_pdbx_struct_oper_list.vector[1]            0.0000000000 
_pdbx_struct_oper_list.matrix[2][1]         0.0000000000 
_pdbx_struct_oper_list.matrix[2][2]         1.0000000000 
_pdbx_struct_oper_list.matrix[2][3]         0.0000000000 
_pdbx_struct_oper_list.vector[2]            0.0000000000 
_pdbx_struct_oper_list.matrix[3][1]         0.0000000000 
_pdbx_struct_oper_list.matrix[3][2]         0.0000000000 
_pdbx_struct_oper_list.matrix[3][3]         1.0000000000 
_pdbx_struct_oper_list.vector[3]            0.0000000000 
# 
_struct_biol.id   1 
# 
loop_
_struct_conf.conf_type_id 
_struct_conf.id 
_struct_conf.pdbx_PDB_helix_id 
_struct_conf.beg_label_comp_id 
_struct_conf.beg_label_asym_id 
_struct_conf.beg_label_seq_id 
_struct_conf.pdbx_beg_PDB_ins_code 
_struct_conf.end_label_comp_id 
_struct_conf.end_label_asym_id 
_struct_conf.end_label_seq_id 
_struct_conf.pdbx_end_PDB_ins_code 
_struct_conf.beg_auth_comp_id 
_struct_conf.beg_auth_asym_id 
_struct_conf.beg_auth_seq_id 
_struct_conf.end_auth_comp_id 
_struct_conf.end_auth_asym_id 
_struct_conf.end_auth_seq_id 
_struct_conf.pdbx_PDB_helix_class 
_struct_conf.details 
_struct_conf.pdbx_PDB_helix_length 
HELX_P HELX_P1 A ARG A 5   ? ARG A 14  ? ARG A 5   ARG A 14  1 ? 10 
HELX_P HELX_P2 B LEU A 25  ? GLU A 35  ? LEU A 25  GLU A 35  1 ? 11 
HELX_P HELX_P3 E SER A 86  ? LEU A 91  ? SER A 80  LEU A 85  5 ? 6  
HELX_P HELX_P4 C ALA A 96  ? VAL A 105 ? ALA A 90  VAL A 99  1 ? 10 
HELX_P HELX_P5 D VAL A 116 ? CYS A 122 ? VAL A 110 CYS A 116 1 ? 7  
# 
_struct_conf_type.id          HELX_P 
_struct_conf_type.criteria    ? 
_struct_conf_type.reference   ? 
# 
loop_
_struct_conn.id 
_struct_conn.conn_type_id 
_struct_conn.pdbx_leaving_atom_flag 
_struct_conn.pdbx_PDB_id 
_struct_conn.ptnr1_label_asym_id 
_struct_conn.ptnr1_label_comp_id 
_struct_conn.ptnr1_label_seq_id 
_struct_conn.ptnr1_label_atom_id 
_struct_conn.pdbx_ptnr1_label_alt_id 
_struct_conn.pdbx_ptnr1_PDB_ins_code 
_struct_conn.pdbx_ptnr1_standard_comp_id 
_struct_conn.ptnr1_symmetry 
_struct_conn.ptnr2_label_asym_id 
_struct_conn.ptnr2_label_comp_id 
_struct_conn.ptnr2_label_seq_id 
_struct_conn.ptnr2_label_atom_id 
_struct_conn.pdbx_ptnr2_label_alt_id 
_struct_conn.pdbx_ptnr2_PDB_ins_code 
_struct_conn.ptnr1_auth_asym_id 
_struct_conn.ptnr1_auth_comp_id 
_struct_conn.ptnr1_auth_seq_id 
_struct_conn.ptnr2_auth_asym_id 
_struct_conn.ptnr2_auth_comp_id 
_struct_conn.ptnr2_auth_seq_id 
_struct_conn.ptnr2_symmetry 
_struct_conn.pdbx_ptnr3_label_atom_id 
_struct_conn.pdbx_ptnr3_label_seq_id 
_struct_conn.pdbx_ptnr3_label_comp_id 
_struct_conn.pdbx_ptnr3_label_asym_id 
_struct_conn.pdbx_ptnr3_label_alt_id 
_struct_conn.pdbx_ptnr3_PDB_ins_code 
_struct_conn.details 
_struct_conn.pdbx_dist_value 
_struct_conn.pdbx_value_order 
_struct_conn.pdbx_role 
disulf1 disulf ?    ? A CYS 6  SG ? ? ? 1_555 A CYS 134 SG ? ? A CYS 6  A CYS 128 1_555 ? ? ? ? ? ? ? 2.031 ?    ? 
disulf2 disulf ?    ? A CYS 30 SG ? ? ? 1_555 A CYS 122 SG ? ? A CYS 30 A CYS 116 1_555 ? ? ? ? ? ? ? 2.053 ?    ? 
disulf3 disulf ?    ? A CYS 65 SG ? ? ? 1_555 A CYS 87  SG ? ? A CYS 65 A CYS 81  1_555 ? ? ? ? ? ? ? 2.076 ?    ? 
disulf4 disulf ?    ? A CYS 75 SG ? A ? 1_555 A CYS 80  SG ? F A CYS 74 A CYS 74  1_555 ? ? ? ? ? ? ? 2.055 ?    ? 
disulf5 disulf ?    ? A CYS 83 SG ? ? ? 1_555 A CYS 101 SG ? ? A CYS 77 A CYS 95  1_555 ? ? ? ? ? ? ? 2.010 ?    ? 
covale1 covale both ? B NAG .  O4 ? ? ? 1_555 B NAG .   C1 ? ? B NAG 1  B NAG 2   1_555 ? ? ? ? ? ? ? 1.378 sing ? 
covale2 covale both ? B NAG .  O4 ? ? ? 1_555 B NAG .   C1 ? ? B NAG 2  B NAG 3   1_555 ? ? ? ? ? ? ? 1.383 sing ? 
# 
loop_
_struct_conn_type.id 
_struct_conn_type.criteria 
_struct_conn_type.reference 
disulf ? ? 
covale ? ? 
# 
loop_
_pdbx_modification_feature.ordinal 
_pdbx_modification_feature.label_comp_id 
_pdbx_modification_feature.label_asym_id 
_pdbx_modification_feature.label_seq_id 
_pdbx_modification_feature.label_alt_id 
_pdbx_modification_feature.modified_residue_label_comp_id 
_pdbx_modification_feature.modified_residue_label_asym_id 
_pdbx_modification_feature.modified_residue_label_seq_id 
_pdbx_modification_feature.modified_residue_label_alt_id 
_pdbx_modification_feature.auth_comp_id 
_pdbx_modification_feature.auth_asym_id 
_pdbx_modification_feature.auth_seq_id 
_pdbx_modification_feature.PDB_ins_code 
_pdbx_modification_feature.symmetry 
_pdbx_modification_feature.modified_residue_auth_comp_id 
_pdbx_modification_feature.modified_residue_auth_asym_id 
_pdbx_modification_feature.modified_residue_auth_seq_id 
_pdbx_modification_feature.modified_residue_PDB_ins_code 
_pdbx_modification_feature.modified_residue_symmetry 
_pdbx_modification_feature.comp_id_linking_atom 
_pdbx_modification_feature.modified_residue_id_linking_atom 
_pdbx_modification_feature.modified_residue_id 
_pdbx_modification_feature.ref_pcm_id 
_pdbx_modification_feature.ref_comp_id 
_pdbx_modification_feature.type 
_pdbx_modification_feature.category 
1 CYS A 6  ? CYS A 134 ? CYS A 6  ? 1_555 CYS A 128 ? 1_555 SG SG . . . None 'Disulfide bridge' 
2 CYS A 30 ? CYS A 122 ? CYS A 30 ? 1_555 CYS A 116 ? 1_555 SG SG . . . None 'Disulfide bridge' 
3 CYS A 65 ? CYS A 87  ? CYS A 65 ? 1_555 CYS A 81  ? 1_555 SG SG . . . None 'Disulfide bridge' 
4 CYS A 75 ? CYS A 80  ? CYS A 74 A 1_555 CYS A 74  F 1_555 SG SG . . . None 'Disulfide bridge' 
5 CYS A 83 ? CYS A 101 ? CYS A 77 ? 1_555 CYS A 95  ? 1_555 SG SG . . . None 'Disulfide bridge' 
# 
loop_
_struct_sheet.id 
_struct_sheet.type 
_struct_sheet.number_strands 
_struct_sheet.details 
A ? 2 ? 
B ? 3 ? 
# 
loop_
_struct_sheet_order.sheet_id 
_struct_sheet_order.range_id_1 
_struct_sheet_order.range_id_2 
_struct_sheet_order.offset 
_struct_sheet_order.sense 
A 1 2 ? anti-parallel 
B 1 2 ? anti-parallel 
B 2 3 ? anti-parallel 
# 
loop_
_struct_sheet_range.sheet_id 
_struct_sheet_range.id 
_struct_sheet_range.beg_label_comp_id 
_struct_sheet_range.beg_label_asym_id 
_struct_sheet_range.beg_label_seq_id 
_struct_sheet_range.pdbx_beg_PDB_ins_code 
_struct_sheet_range.end_label_comp_id 
_struct_sheet_range.end_label_asym_id 
_struct_sheet_range.end_label_seq_id 
_struct_sheet_range.pdbx_end_PDB_ins_code 
_struct_sheet_range.beg_auth_comp_id 
_struct_sheet_range.beg_auth_asym_id 
_struct_sheet_range.beg_auth_seq_id 
_struct_sheet_range.end_auth_comp_id 
_struct_sheet_range.end_auth_asym_id 
_struct_sheet_range.end_auth_seq_id 
A 1 LYS A 1  ? PHE A 3  ? LYS A 1  PHE A 3  
A 2 TYR A 38 ? THR A 40 ? TYR A 38 THR A 40 
B 1 ALA A 42 ? ASN A 46 ? ALA A 42 ASN A 46 
B 2 SER A 51 ? GLY A 55 ? SER A 51 GLY A 55 
B 3 ILE A 59 ? SER A 61 ? ILE A 59 SER A 61 
# 
loop_
_pdbx_struct_sheet_hbond.sheet_id 
_pdbx_struct_sheet_hbond.range_id_1 
_pdbx_struct_sheet_hbond.range_id_2 
_pdbx_struct_sheet_hbond.range_1_label_atom_id 
_pdbx_struct_sheet_hbond.range_1_label_comp_id 
_pdbx_struct_sheet_hbond.range_1_label_asym_id 
_pdbx_struct_sheet_hbond.range_1_label_seq_id 
_pdbx_struct_sheet_hbond.range_1_PDB_ins_code 
_pdbx_struct_sheet_hbond.range_1_auth_atom_id 
_pdbx_struct_sheet_hbond.range_1_auth_comp_id 
_pdbx_struct_sheet_hbond.range_1_auth_asym_id 
_pdbx_struct_sheet_hbond.range_1_auth_seq_id 
_pdbx_struct_sheet_hbond.range_2_label_atom_id 
_pdbx_struct_sheet_hbond.range_2_label_comp_id 
_pdbx_struct_sheet_hbond.range_2_label_asym_id 
_pdbx_struct_sheet_hbond.range_2_label_seq_id 
_pdbx_struct_sheet_hbond.range_2_PDB_ins_code 
_pdbx_struct_sheet_hbond.range_2_auth_atom_id 
_pdbx_struct_sheet_hbond.range_2_auth_comp_id 
_pdbx_struct_sheet_hbond.range_2_auth_asym_id 
_pdbx_struct_sheet_hbond.range_2_auth_seq_id 
A 1 2 O LYS A 1  ? O LYS A 1  N THR A 40 ? N THR A 40 
B 1 2 O ALA A 42 ? O ALA A 42 N GLY A 55 ? N GLY A 55 
B 2 3 O THR A 52 ? O THR A 52 N SER A 61 ? N SER A 61 
# 
_struct_site.id                   RGD 
_struct_site.pdbx_evidence_code   Unknown 
_struct_site.pdbx_auth_asym_id    ? 
_struct_site.pdbx_auth_comp_id    ? 
_struct_site.pdbx_auth_seq_id     ? 
_struct_site.pdbx_auth_ins_code   ? 
_struct_site.pdbx_num_residues    3 
_struct_site.details              ? 
# 
loop_
_struct_site_gen.id 
_struct_site_gen.site_id 
_struct_site_gen.pdbx_num_res 
_struct_site_gen.label_comp_id 
_struct_site_gen.label_asym_id 
_struct_site_gen.label_seq_id 
_struct_site_gen.pdbx_auth_ins_code 
_struct_site_gen.auth_comp_id 
_struct_site_gen.auth_asym_id 
_struct_site_gen.auth_seq_id 
_struct_site_gen.label_atom_id 
_struct_site_gen.label_alt_id 
_struct_site_gen.symmetry 
_struct_site_gen.details 
1 RGD 3 ARG A 76 B ARG A 74 . ? 1_555 ? 
2 RGD 3 GLY A 77 C GLY A 74 . ? 1_555 ? 
3 RGD 3 ASP A 78 D ASP A 74 . ? 1_555 ? 
# 
_pdbx_entry_details.entry_id                   1LMT 
_pdbx_entry_details.compound_details           
;THE LYSOZYME MOLECULE BINDS THE SACCHARIDE MOLECULE,
(GLCNAC)3, IN THE BINDING SUBSITES, A, B, AND C.
;
_pdbx_entry_details.source_details             ? 
_pdbx_entry_details.nonpolymer_details         ? 
_pdbx_entry_details.sequence_details           ? 
_pdbx_entry_details.has_ligand_of_interest     ? 
_pdbx_entry_details.has_protein_modification   Y 
# 
loop_
_pdbx_validate_rmsd_angle.id 
_pdbx_validate_rmsd_angle.PDB_model_num 
_pdbx_validate_rmsd_angle.auth_atom_id_1 
_pdbx_validate_rmsd_angle.auth_asym_id_1 
_pdbx_validate_rmsd_angle.auth_comp_id_1 
_pdbx_validate_rmsd_angle.auth_seq_id_1 
_pdbx_validate_rmsd_angle.PDB_ins_code_1 
_pdbx_validate_rmsd_angle.label_alt_id_1 
_pdbx_validate_rmsd_angle.auth_atom_id_2 
_pdbx_validate_rmsd_angle.auth_asym_id_2 
_pdbx_validate_rmsd_angle.auth_comp_id_2 
_pdbx_validate_rmsd_angle.auth_seq_id_2 
_pdbx_validate_rmsd_angle.PDB_ins_code_2 
_pdbx_validate_rmsd_angle.label_alt_id_2 
_pdbx_validate_rmsd_angle.auth_atom_id_3 
_pdbx_validate_rmsd_angle.auth_asym_id_3 
_pdbx_validate_rmsd_angle.auth_comp_id_3 
_pdbx_validate_rmsd_angle.auth_seq_id_3 
_pdbx_validate_rmsd_angle.PDB_ins_code_3 
_pdbx_validate_rmsd_angle.label_alt_id_3 
_pdbx_validate_rmsd_angle.angle_value 
_pdbx_validate_rmsd_angle.angle_target_value 
_pdbx_validate_rmsd_angle.angle_deviation 
_pdbx_validate_rmsd_angle.angle_standard_deviation 
_pdbx_validate_rmsd_angle.linker_flag 
1  1 NE A ARG 14  ? ? CZ A ARG 14  ? ? NH2 A ARG 14  ? ? 117.26 120.30 -3.04 0.50 N 
2  1 CB A ASP 18  ? ? CG A ASP 18  ? ? OD1 A ASP 18  ? ? 124.32 118.30 6.02  0.90 N 
3  1 CB A ASP 18  ? ? CG A ASP 18  ? ? OD2 A ASP 18  ? ? 111.97 118.30 -6.33 0.90 N 
4  1 NE A ARG 21  ? ? CZ A ARG 21  ? ? NH2 A ARG 21  ? ? 124.89 120.30 4.59  0.50 N 
5  1 CD A ARG 41  ? ? NE A ARG 41  ? ? CZ  A ARG 41  ? ? 133.25 123.60 9.65  1.40 N 
6  1 NE A ARG 41  ? ? CZ A ARG 41  ? ? NH1 A ARG 41  ? ? 124.91 120.30 4.61  0.50 N 
7  1 CD A ARG 50  ? ? NE A ARG 50  ? ? CZ  A ARG 50  ? ? 133.41 123.60 9.81  1.40 N 
8  1 O  A THR 52  ? ? C  A THR 52  ? ? N   A ASP 53  ? ? 132.70 122.70 10.00 1.60 Y 
9  1 CB A ASP 53  ? ? CG A ASP 53  ? ? OD2 A ASP 53  ? ? 111.25 118.30 -7.05 0.90 N 
10 1 O  A ILE 56  ? ? C  A ILE 56  ? ? N   A PHE 57  ? ? 132.31 122.70 9.61  1.60 Y 
11 1 NE A ARG 101 ? ? CZ A ARG 101 ? ? NH1 A ARG 101 ? ? 125.96 120.30 5.66  0.50 N 
12 1 NE A ARG 101 ? ? CZ A ARG 101 ? ? NH2 A ARG 101 ? ? 117.02 120.30 -3.28 0.50 N 
13 1 CD A ARG 107 ? ? NE A ARG 107 ? ? CZ  A ARG 107 ? ? 135.00 123.60 11.40 1.40 N 
14 1 NE A ARG 115 ? ? CZ A ARG 115 ? ? NH2 A ARG 115 ? ? 115.36 120.30 -4.94 0.50 N 
# 
loop_
_pdbx_validate_torsion.id 
_pdbx_validate_torsion.PDB_model_num 
_pdbx_validate_torsion.auth_comp_id 
_pdbx_validate_torsion.auth_asym_id 
_pdbx_validate_torsion.auth_seq_id 
_pdbx_validate_torsion.PDB_ins_code 
_pdbx_validate_torsion.label_alt_id 
_pdbx_validate_torsion.phi 
_pdbx_validate_torsion.psi 
1 1 LYS A 69 ? ? -108.42 78.67  
2 1 THR A 70 ? ? -160.44 111.89 
3 1 PRO A 71 ? ? -75.16  -91.52 
4 1 ASN A 75 ? ? -152.28 69.67  
# 
_pdbx_molecule_features.prd_id    PRD_900017 
_pdbx_molecule_features.name      triacetyl-beta-chitotriose 
_pdbx_molecule_features.type      Oligosaccharide 
_pdbx_molecule_features.class     Inhibitor 
_pdbx_molecule_features.details   oligosaccharide 
# 
_pdbx_molecule.instance_id   1 
_pdbx_molecule.prd_id        PRD_900017 
_pdbx_molecule.asym_id       B 
# 
loop_
_chem_comp_atom.comp_id 
_chem_comp_atom.atom_id 
_chem_comp_atom.type_symbol 
_chem_comp_atom.pdbx_aromatic_flag 
_chem_comp_atom.pdbx_stereo_config 
_chem_comp_atom.pdbx_ordinal 
ALA N    N  N N 1   
ALA CA   C  N S 2   
ALA C    C  N N 3   
ALA O    O  N N 4   
ALA CB   C  N N 5   
ALA OXT  O  N N 6   
ALA H    H  N N 7   
ALA H2   H  N N 8   
ALA HA   H  N N 9   
ALA HB1  H  N N 10  
ALA HB2  H  N N 11  
ALA HB3  H  N N 12  
ALA HXT  H  N N 13  
ARG N    N  N N 14  
ARG CA   C  N S 15  
ARG C    C  N N 16  
ARG O    O  N N 17  
ARG CB   C  N N 18  
ARG CG   C  N N 19  
ARG CD   C  N N 20  
ARG NE   N  N N 21  
ARG CZ   C  N N 22  
ARG NH1  N  N N 23  
ARG NH2  N  N N 24  
ARG OXT  O  N N 25  
ARG H    H  N N 26  
ARG H2   H  N N 27  
ARG HA   H  N N 28  
ARG HB2  H  N N 29  
ARG HB3  H  N N 30  
ARG HG2  H  N N 31  
ARG HG3  H  N N 32  
ARG HD2  H  N N 33  
ARG HD3  H  N N 34  
ARG HE   H  N N 35  
ARG HH11 H  N N 36  
ARG HH12 H  N N 37  
ARG HH21 H  N N 38  
ARG HH22 H  N N 39  
ARG HXT  H  N N 40  
ASN N    N  N N 41  
ASN CA   C  N S 42  
ASN C    C  N N 43  
ASN O    O  N N 44  
ASN CB   C  N N 45  
ASN CG   C  N N 46  
ASN OD1  O  N N 47  
ASN ND2  N  N N 48  
ASN OXT  O  N N 49  
ASN H    H  N N 50  
ASN H2   H  N N 51  
ASN HA   H  N N 52  
ASN HB2  H  N N 53  
ASN HB3  H  N N 54  
ASN HD21 H  N N 55  
ASN HD22 H  N N 56  
ASN HXT  H  N N 57  
ASP N    N  N N 58  
ASP CA   C  N S 59  
ASP C    C  N N 60  
ASP O    O  N N 61  
ASP CB   C  N N 62  
ASP CG   C  N N 63  
ASP OD1  O  N N 64  
ASP OD2  O  N N 65  
ASP OXT  O  N N 66  
ASP H    H  N N 67  
ASP H2   H  N N 68  
ASP HA   H  N N 69  
ASP HB2  H  N N 70  
ASP HB3  H  N N 71  
ASP HD2  H  N N 72  
ASP HXT  H  N N 73  
CL  CL   CL N N 74  
CYS N    N  N N 75  
CYS CA   C  N R 76  
CYS C    C  N N 77  
CYS O    O  N N 78  
CYS CB   C  N N 79  
CYS SG   S  N N 80  
CYS OXT  O  N N 81  
CYS H    H  N N 82  
CYS H2   H  N N 83  
CYS HA   H  N N 84  
CYS HB2  H  N N 85  
CYS HB3  H  N N 86  
CYS HG   H  N N 87  
CYS HXT  H  N N 88  
GLN N    N  N N 89  
GLN CA   C  N S 90  
GLN C    C  N N 91  
GLN O    O  N N 92  
GLN CB   C  N N 93  
GLN CG   C  N N 94  
GLN CD   C  N N 95  
GLN OE1  O  N N 96  
GLN NE2  N  N N 97  
GLN OXT  O  N N 98  
GLN H    H  N N 99  
GLN H2   H  N N 100 
GLN HA   H  N N 101 
GLN HB2  H  N N 102 
GLN HB3  H  N N 103 
GLN HG2  H  N N 104 
GLN HG3  H  N N 105 
GLN HE21 H  N N 106 
GLN HE22 H  N N 107 
GLN HXT  H  N N 108 
GLU N    N  N N 109 
GLU CA   C  N S 110 
GLU C    C  N N 111 
GLU O    O  N N 112 
GLU CB   C  N N 113 
GLU CG   C  N N 114 
GLU CD   C  N N 115 
GLU OE1  O  N N 116 
GLU OE2  O  N N 117 
GLU OXT  O  N N 118 
GLU H    H  N N 119 
GLU H2   H  N N 120 
GLU HA   H  N N 121 
GLU HB2  H  N N 122 
GLU HB3  H  N N 123 
GLU HG2  H  N N 124 
GLU HG3  H  N N 125 
GLU HE2  H  N N 126 
GLU HXT  H  N N 127 
GLY N    N  N N 128 
GLY CA   C  N N 129 
GLY C    C  N N 130 
GLY O    O  N N 131 
GLY OXT  O  N N 132 
GLY H    H  N N 133 
GLY H2   H  N N 134 
GLY HA2  H  N N 135 
GLY HA3  H  N N 136 
GLY HXT  H  N N 137 
HIS N    N  N N 138 
HIS CA   C  N S 139 
HIS C    C  N N 140 
HIS O    O  N N 141 
HIS CB   C  N N 142 
HIS CG   C  Y N 143 
HIS ND1  N  Y N 144 
HIS CD2  C  Y N 145 
HIS CE1  C  Y N 146 
HIS NE2  N  Y N 147 
HIS OXT  O  N N 148 
HIS H    H  N N 149 
HIS H2   H  N N 150 
HIS HA   H  N N 151 
HIS HB2  H  N N 152 
HIS HB3  H  N N 153 
HIS HD1  H  N N 154 
HIS HD2  H  N N 155 
HIS HE1  H  N N 156 
HIS HE2  H  N N 157 
HIS HXT  H  N N 158 
HOH O    O  N N 159 
HOH H1   H  N N 160 
HOH H2   H  N N 161 
ILE N    N  N N 162 
ILE CA   C  N S 163 
ILE C    C  N N 164 
ILE O    O  N N 165 
ILE CB   C  N S 166 
ILE CG1  C  N N 167 
ILE CG2  C  N N 168 
ILE CD1  C  N N 169 
ILE OXT  O  N N 170 
ILE H    H  N N 171 
ILE H2   H  N N 172 
ILE HA   H  N N 173 
ILE HB   H  N N 174 
ILE HG12 H  N N 175 
ILE HG13 H  N N 176 
ILE HG21 H  N N 177 
ILE HG22 H  N N 178 
ILE HG23 H  N N 179 
ILE HD11 H  N N 180 
ILE HD12 H  N N 181 
ILE HD13 H  N N 182 
ILE HXT  H  N N 183 
LEU N    N  N N 184 
LEU CA   C  N S 185 
LEU C    C  N N 186 
LEU O    O  N N 187 
LEU CB   C  N N 188 
LEU CG   C  N N 189 
LEU CD1  C  N N 190 
LEU CD2  C  N N 191 
LEU OXT  O  N N 192 
LEU H    H  N N 193 
LEU H2   H  N N 194 
LEU HA   H  N N 195 
LEU HB2  H  N N 196 
LEU HB3  H  N N 197 
LEU HG   H  N N 198 
LEU HD11 H  N N 199 
LEU HD12 H  N N 200 
LEU HD13 H  N N 201 
LEU HD21 H  N N 202 
LEU HD22 H  N N 203 
LEU HD23 H  N N 204 
LEU HXT  H  N N 205 
LYS N    N  N N 206 
LYS CA   C  N S 207 
LYS C    C  N N 208 
LYS O    O  N N 209 
LYS CB   C  N N 210 
LYS CG   C  N N 211 
LYS CD   C  N N 212 
LYS CE   C  N N 213 
LYS NZ   N  N N 214 
LYS OXT  O  N N 215 
LYS H    H  N N 216 
LYS H2   H  N N 217 
LYS HA   H  N N 218 
LYS HB2  H  N N 219 
LYS HB3  H  N N 220 
LYS HG2  H  N N 221 
LYS HG3  H  N N 222 
LYS HD2  H  N N 223 
LYS HD3  H  N N 224 
LYS HE2  H  N N 225 
LYS HE3  H  N N 226 
LYS HZ1  H  N N 227 
LYS HZ2  H  N N 228 
LYS HZ3  H  N N 229 
LYS HXT  H  N N 230 
MET N    N  N N 231 
MET CA   C  N S 232 
MET C    C  N N 233 
MET O    O  N N 234 
MET CB   C  N N 235 
MET CG   C  N N 236 
MET SD   S  N N 237 
MET CE   C  N N 238 
MET OXT  O  N N 239 
MET H    H  N N 240 
MET H2   H  N N 241 
MET HA   H  N N 242 
MET HB2  H  N N 243 
MET HB3  H  N N 244 
MET HG2  H  N N 245 
MET HG3  H  N N 246 
MET HE1  H  N N 247 
MET HE2  H  N N 248 
MET HE3  H  N N 249 
MET HXT  H  N N 250 
NAG C1   C  N R 251 
NAG C2   C  N R 252 
NAG C3   C  N R 253 
NAG C4   C  N S 254 
NAG C5   C  N R 255 
NAG C6   C  N N 256 
NAG C7   C  N N 257 
NAG C8   C  N N 258 
NAG N2   N  N N 259 
NAG O1   O  N N 260 
NAG O3   O  N N 261 
NAG O4   O  N N 262 
NAG O5   O  N N 263 
NAG O6   O  N N 264 
NAG O7   O  N N 265 
NAG H1   H  N N 266 
NAG H2   H  N N 267 
NAG H3   H  N N 268 
NAG H4   H  N N 269 
NAG H5   H  N N 270 
NAG H61  H  N N 271 
NAG H62  H  N N 272 
NAG H81  H  N N 273 
NAG H82  H  N N 274 
NAG H83  H  N N 275 
NAG HN2  H  N N 276 
NAG HO1  H  N N 277 
NAG HO3  H  N N 278 
NAG HO4  H  N N 279 
NAG HO6  H  N N 280 
PHE N    N  N N 281 
PHE CA   C  N S 282 
PHE C    C  N N 283 
PHE O    O  N N 284 
PHE CB   C  N N 285 
PHE CG   C  Y N 286 
PHE CD1  C  Y N 287 
PHE CD2  C  Y N 288 
PHE CE1  C  Y N 289 
PHE CE2  C  Y N 290 
PHE CZ   C  Y N 291 
PHE OXT  O  N N 292 
PHE H    H  N N 293 
PHE H2   H  N N 294 
PHE HA   H  N N 295 
PHE HB2  H  N N 296 
PHE HB3  H  N N 297 
PHE HD1  H  N N 298 
PHE HD2  H  N N 299 
PHE HE1  H  N N 300 
PHE HE2  H  N N 301 
PHE HZ   H  N N 302 
PHE HXT  H  N N 303 
PRO N    N  N N 304 
PRO CA   C  N S 305 
PRO C    C  N N 306 
PRO O    O  N N 307 
PRO CB   C  N N 308 
PRO CG   C  N N 309 
PRO CD   C  N N 310 
PRO OXT  O  N N 311 
PRO H    H  N N 312 
PRO HA   H  N N 313 
PRO HB2  H  N N 314 
PRO HB3  H  N N 315 
PRO HG2  H  N N 316 
PRO HG3  H  N N 317 
PRO HD2  H  N N 318 
PRO HD3  H  N N 319 
PRO HXT  H  N N 320 
SER N    N  N N 321 
SER CA   C  N S 322 
SER C    C  N N 323 
SER O    O  N N 324 
SER CB   C  N N 325 
SER OG   O  N N 326 
SER OXT  O  N N 327 
SER H    H  N N 328 
SER H2   H  N N 329 
SER HA   H  N N 330 
SER HB2  H  N N 331 
SER HB3  H  N N 332 
SER HG   H  N N 333 
SER HXT  H  N N 334 
THR N    N  N N 335 
THR CA   C  N S 336 
THR C    C  N N 337 
THR O    O  N N 338 
THR CB   C  N R 339 
THR OG1  O  N N 340 
THR CG2  C  N N 341 
THR OXT  O  N N 342 
THR H    H  N N 343 
THR H2   H  N N 344 
THR HA   H  N N 345 
THR HB   H  N N 346 
THR HG1  H  N N 347 
THR HG21 H  N N 348 
THR HG22 H  N N 349 
THR HG23 H  N N 350 
THR HXT  H  N N 351 
TRP N    N  N N 352 
TRP CA   C  N S 353 
TRP C    C  N N 354 
TRP O    O  N N 355 
TRP CB   C  N N 356 
TRP CG   C  Y N 357 
TRP CD1  C  Y N 358 
TRP CD2  C  Y N 359 
TRP NE1  N  Y N 360 
TRP CE2  C  Y N 361 
TRP CE3  C  Y N 362 
TRP CZ2  C  Y N 363 
TRP CZ3  C  Y N 364 
TRP CH2  C  Y N 365 
TRP OXT  O  N N 366 
TRP H    H  N N 367 
TRP H2   H  N N 368 
TRP HA   H  N N 369 
TRP HB2  H  N N 370 
TRP HB3  H  N N 371 
TRP HD1  H  N N 372 
TRP HE1  H  N N 373 
TRP HE3  H  N N 374 
TRP HZ2  H  N N 375 
TRP HZ3  H  N N 376 
TRP HH2  H  N N 377 
TRP HXT  H  N N 378 
TYR N    N  N N 379 
TYR CA   C  N S 380 
TYR C    C  N N 381 
TYR O    O  N N 382 
TYR CB   C  N N 383 
TYR CG   C  Y N 384 
TYR CD1  C  Y N 385 
TYR CD2  C  Y N 386 
TYR CE1  C  Y N 387 
TYR CE2  C  Y N 388 
TYR CZ   C  Y N 389 
TYR OH   O  N N 390 
TYR OXT  O  N N 391 
TYR H    H  N N 392 
TYR H2   H  N N 393 
TYR HA   H  N N 394 
TYR HB2  H  N N 395 
TYR HB3  H  N N 396 
TYR HD1  H  N N 397 
TYR HD2  H  N N 398 
TYR HE1  H  N N 399 
TYR HE2  H  N N 400 
TYR HH   H  N N 401 
TYR HXT  H  N N 402 
VAL N    N  N N 403 
VAL CA   C  N S 404 
VAL C    C  N N 405 
VAL O    O  N N 406 
VAL CB   C  N N 407 
VAL CG1  C  N N 408 
VAL CG2  C  N N 409 
VAL OXT  O  N N 410 
VAL H    H  N N 411 
VAL H2   H  N N 412 
VAL HA   H  N N 413 
VAL HB   H  N N 414 
VAL HG11 H  N N 415 
VAL HG12 H  N N 416 
VAL HG13 H  N N 417 
VAL HG21 H  N N 418 
VAL HG22 H  N N 419 
VAL HG23 H  N N 420 
VAL HXT  H  N N 421 
# 
loop_
_chem_comp_bond.comp_id 
_chem_comp_bond.atom_id_1 
_chem_comp_bond.atom_id_2 
_chem_comp_bond.value_order 
_chem_comp_bond.pdbx_aromatic_flag 
_chem_comp_bond.pdbx_stereo_config 
_chem_comp_bond.pdbx_ordinal 
ALA N   CA   sing N N 1   
ALA N   H    sing N N 2   
ALA N   H2   sing N N 3   
ALA CA  C    sing N N 4   
ALA CA  CB   sing N N 5   
ALA CA  HA   sing N N 6   
ALA C   O    doub N N 7   
ALA C   OXT  sing N N 8   
ALA CB  HB1  sing N N 9   
ALA CB  HB2  sing N N 10  
ALA CB  HB3  sing N N 11  
ALA OXT HXT  sing N N 12  
ARG N   CA   sing N N 13  
ARG N   H    sing N N 14  
ARG N   H2   sing N N 15  
ARG CA  C    sing N N 16  
ARG CA  CB   sing N N 17  
ARG CA  HA   sing N N 18  
ARG C   O    doub N N 19  
ARG C   OXT  sing N N 20  
ARG CB  CG   sing N N 21  
ARG CB  HB2  sing N N 22  
ARG CB  HB3  sing N N 23  
ARG CG  CD   sing N N 24  
ARG CG  HG2  sing N N 25  
ARG CG  HG3  sing N N 26  
ARG CD  NE   sing N N 27  
ARG CD  HD2  sing N N 28  
ARG CD  HD3  sing N N 29  
ARG NE  CZ   sing N N 30  
ARG NE  HE   sing N N 31  
ARG CZ  NH1  sing N N 32  
ARG CZ  NH2  doub N N 33  
ARG NH1 HH11 sing N N 34  
ARG NH1 HH12 sing N N 35  
ARG NH2 HH21 sing N N 36  
ARG NH2 HH22 sing N N 37  
ARG OXT HXT  sing N N 38  
ASN N   CA   sing N N 39  
ASN N   H    sing N N 40  
ASN N   H2   sing N N 41  
ASN CA  C    sing N N 42  
ASN CA  CB   sing N N 43  
ASN CA  HA   sing N N 44  
ASN C   O    doub N N 45  
ASN C   OXT  sing N N 46  
ASN CB  CG   sing N N 47  
ASN CB  HB2  sing N N 48  
ASN CB  HB3  sing N N 49  
ASN CG  OD1  doub N N 50  
ASN CG  ND2  sing N N 51  
ASN ND2 HD21 sing N N 52  
ASN ND2 HD22 sing N N 53  
ASN OXT HXT  sing N N 54  
ASP N   CA   sing N N 55  
ASP N   H    sing N N 56  
ASP N   H2   sing N N 57  
ASP CA  C    sing N N 58  
ASP CA  CB   sing N N 59  
ASP CA  HA   sing N N 60  
ASP C   O    doub N N 61  
ASP C   OXT  sing N N 62  
ASP CB  CG   sing N N 63  
ASP CB  HB2  sing N N 64  
ASP CB  HB3  sing N N 65  
ASP CG  OD1  doub N N 66  
ASP CG  OD2  sing N N 67  
ASP OD2 HD2  sing N N 68  
ASP OXT HXT  sing N N 69  
CYS N   CA   sing N N 70  
CYS N   H    sing N N 71  
CYS N   H2   sing N N 72  
CYS CA  C    sing N N 73  
CYS CA  CB   sing N N 74  
CYS CA  HA   sing N N 75  
CYS C   O    doub N N 76  
CYS C   OXT  sing N N 77  
CYS CB  SG   sing N N 78  
CYS CB  HB2  sing N N 79  
CYS CB  HB3  sing N N 80  
CYS SG  HG   sing N N 81  
CYS OXT HXT  sing N N 82  
GLN N   CA   sing N N 83  
GLN N   H    sing N N 84  
GLN N   H2   sing N N 85  
GLN CA  C    sing N N 86  
GLN CA  CB   sing N N 87  
GLN CA  HA   sing N N 88  
GLN C   O    doub N N 89  
GLN C   OXT  sing N N 90  
GLN CB  CG   sing N N 91  
GLN CB  HB2  sing N N 92  
GLN CB  HB3  sing N N 93  
GLN CG  CD   sing N N 94  
GLN CG  HG2  sing N N 95  
GLN CG  HG3  sing N N 96  
GLN CD  OE1  doub N N 97  
GLN CD  NE2  sing N N 98  
GLN NE2 HE21 sing N N 99  
GLN NE2 HE22 sing N N 100 
GLN OXT HXT  sing N N 101 
GLU N   CA   sing N N 102 
GLU N   H    sing N N 103 
GLU N   H2   sing N N 104 
GLU CA  C    sing N N 105 
GLU CA  CB   sing N N 106 
GLU CA  HA   sing N N 107 
GLU C   O    doub N N 108 
GLU C   OXT  sing N N 109 
GLU CB  CG   sing N N 110 
GLU CB  HB2  sing N N 111 
GLU CB  HB3  sing N N 112 
GLU CG  CD   sing N N 113 
GLU CG  HG2  sing N N 114 
GLU CG  HG3  sing N N 115 
GLU CD  OE1  doub N N 116 
GLU CD  OE2  sing N N 117 
GLU OE2 HE2  sing N N 118 
GLU OXT HXT  sing N N 119 
GLY N   CA   sing N N 120 
GLY N   H    sing N N 121 
GLY N   H2   sing N N 122 
GLY CA  C    sing N N 123 
GLY CA  HA2  sing N N 124 
GLY CA  HA3  sing N N 125 
GLY C   O    doub N N 126 
GLY C   OXT  sing N N 127 
GLY OXT HXT  sing N N 128 
HIS N   CA   sing N N 129 
HIS N   H    sing N N 130 
HIS N   H2   sing N N 131 
HIS CA  C    sing N N 132 
HIS CA  CB   sing N N 133 
HIS CA  HA   sing N N 134 
HIS C   O    doub N N 135 
HIS C   OXT  sing N N 136 
HIS CB  CG   sing N N 137 
HIS CB  HB2  sing N N 138 
HIS CB  HB3  sing N N 139 
HIS CG  ND1  sing Y N 140 
HIS CG  CD2  doub Y N 141 
HIS ND1 CE1  doub Y N 142 
HIS ND1 HD1  sing N N 143 
HIS CD2 NE2  sing Y N 144 
HIS CD2 HD2  sing N N 145 
HIS CE1 NE2  sing Y N 146 
HIS CE1 HE1  sing N N 147 
HIS NE2 HE2  sing N N 148 
HIS OXT HXT  sing N N 149 
HOH O   H1   sing N N 150 
HOH O   H2   sing N N 151 
ILE N   CA   sing N N 152 
ILE N   H    sing N N 153 
ILE N   H2   sing N N 154 
ILE CA  C    sing N N 155 
ILE CA  CB   sing N N 156 
ILE CA  HA   sing N N 157 
ILE C   O    doub N N 158 
ILE C   OXT  sing N N 159 
ILE CB  CG1  sing N N 160 
ILE CB  CG2  sing N N 161 
ILE CB  HB   sing N N 162 
ILE CG1 CD1  sing N N 163 
ILE CG1 HG12 sing N N 164 
ILE CG1 HG13 sing N N 165 
ILE CG2 HG21 sing N N 166 
ILE CG2 HG22 sing N N 167 
ILE CG2 HG23 sing N N 168 
ILE CD1 HD11 sing N N 169 
ILE CD1 HD12 sing N N 170 
ILE CD1 HD13 sing N N 171 
ILE OXT HXT  sing N N 172 
LEU N   CA   sing N N 173 
LEU N   H    sing N N 174 
LEU N   H2   sing N N 175 
LEU CA  C    sing N N 176 
LEU CA  CB   sing N N 177 
LEU CA  HA   sing N N 178 
LEU C   O    doub N N 179 
LEU C   OXT  sing N N 180 
LEU CB  CG   sing N N 181 
LEU CB  HB2  sing N N 182 
LEU CB  HB3  sing N N 183 
LEU CG  CD1  sing N N 184 
LEU CG  CD2  sing N N 185 
LEU CG  HG   sing N N 186 
LEU CD1 HD11 sing N N 187 
LEU CD1 HD12 sing N N 188 
LEU CD1 HD13 sing N N 189 
LEU CD2 HD21 sing N N 190 
LEU CD2 HD22 sing N N 191 
LEU CD2 HD23 sing N N 192 
LEU OXT HXT  sing N N 193 
LYS N   CA   sing N N 194 
LYS N   H    sing N N 195 
LYS N   H2   sing N N 196 
LYS CA  C    sing N N 197 
LYS CA  CB   sing N N 198 
LYS CA  HA   sing N N 199 
LYS C   O    doub N N 200 
LYS C   OXT  sing N N 201 
LYS CB  CG   sing N N 202 
LYS CB  HB2  sing N N 203 
LYS CB  HB3  sing N N 204 
LYS CG  CD   sing N N 205 
LYS CG  HG2  sing N N 206 
LYS CG  HG3  sing N N 207 
LYS CD  CE   sing N N 208 
LYS CD  HD2  sing N N 209 
LYS CD  HD3  sing N N 210 
LYS CE  NZ   sing N N 211 
LYS CE  HE2  sing N N 212 
LYS CE  HE3  sing N N 213 
LYS NZ  HZ1  sing N N 214 
LYS NZ  HZ2  sing N N 215 
LYS NZ  HZ3  sing N N 216 
LYS OXT HXT  sing N N 217 
MET N   CA   sing N N 218 
MET N   H    sing N N 219 
MET N   H2   sing N N 220 
MET CA  C    sing N N 221 
MET CA  CB   sing N N 222 
MET CA  HA   sing N N 223 
MET C   O    doub N N 224 
MET C   OXT  sing N N 225 
MET CB  CG   sing N N 226 
MET CB  HB2  sing N N 227 
MET CB  HB3  sing N N 228 
MET CG  SD   sing N N 229 
MET CG  HG2  sing N N 230 
MET CG  HG3  sing N N 231 
MET SD  CE   sing N N 232 
MET CE  HE1  sing N N 233 
MET CE  HE2  sing N N 234 
MET CE  HE3  sing N N 235 
MET OXT HXT  sing N N 236 
NAG C1  C2   sing N N 237 
NAG C1  O1   sing N N 238 
NAG C1  O5   sing N N 239 
NAG C1  H1   sing N N 240 
NAG C2  C3   sing N N 241 
NAG C2  N2   sing N N 242 
NAG C2  H2   sing N N 243 
NAG C3  C4   sing N N 244 
NAG C3  O3   sing N N 245 
NAG C3  H3   sing N N 246 
NAG C4  C5   sing N N 247 
NAG C4  O4   sing N N 248 
NAG C4  H4   sing N N 249 
NAG C5  C6   sing N N 250 
NAG C5  O5   sing N N 251 
NAG C5  H5   sing N N 252 
NAG C6  O6   sing N N 253 
NAG C6  H61  sing N N 254 
NAG C6  H62  sing N N 255 
NAG C7  C8   sing N N 256 
NAG C7  N2   sing N N 257 
NAG C7  O7   doub N N 258 
NAG C8  H81  sing N N 259 
NAG C8  H82  sing N N 260 
NAG C8  H83  sing N N 261 
NAG N2  HN2  sing N N 262 
NAG O1  HO1  sing N N 263 
NAG O3  HO3  sing N N 264 
NAG O4  HO4  sing N N 265 
NAG O6  HO6  sing N N 266 
PHE N   CA   sing N N 267 
PHE N   H    sing N N 268 
PHE N   H2   sing N N 269 
PHE CA  C    sing N N 270 
PHE CA  CB   sing N N 271 
PHE CA  HA   sing N N 272 
PHE C   O    doub N N 273 
PHE C   OXT  sing N N 274 
PHE CB  CG   sing N N 275 
PHE CB  HB2  sing N N 276 
PHE CB  HB3  sing N N 277 
PHE CG  CD1  doub Y N 278 
PHE CG  CD2  sing Y N 279 
PHE CD1 CE1  sing Y N 280 
PHE CD1 HD1  sing N N 281 
PHE CD2 CE2  doub Y N 282 
PHE CD2 HD2  sing N N 283 
PHE CE1 CZ   doub Y N 284 
PHE CE1 HE1  sing N N 285 
PHE CE2 CZ   sing Y N 286 
PHE CE2 HE2  sing N N 287 
PHE CZ  HZ   sing N N 288 
PHE OXT HXT  sing N N 289 
PRO N   CA   sing N N 290 
PRO N   CD   sing N N 291 
PRO N   H    sing N N 292 
PRO CA  C    sing N N 293 
PRO CA  CB   sing N N 294 
PRO CA  HA   sing N N 295 
PRO C   O    doub N N 296 
PRO C   OXT  sing N N 297 
PRO CB  CG   sing N N 298 
PRO CB  HB2  sing N N 299 
PRO CB  HB3  sing N N 300 
PRO CG  CD   sing N N 301 
PRO CG  HG2  sing N N 302 
PRO CG  HG3  sing N N 303 
PRO CD  HD2  sing N N 304 
PRO CD  HD3  sing N N 305 
PRO OXT HXT  sing N N 306 
SER N   CA   sing N N 307 
SER N   H    sing N N 308 
SER N   H2   sing N N 309 
SER CA  C    sing N N 310 
SER CA  CB   sing N N 311 
SER CA  HA   sing N N 312 
SER C   O    doub N N 313 
SER C   OXT  sing N N 314 
SER CB  OG   sing N N 315 
SER CB  HB2  sing N N 316 
SER CB  HB3  sing N N 317 
SER OG  HG   sing N N 318 
SER OXT HXT  sing N N 319 
THR N   CA   sing N N 320 
THR N   H    sing N N 321 
THR N   H2   sing N N 322 
THR CA  C    sing N N 323 
THR CA  CB   sing N N 324 
THR CA  HA   sing N N 325 
THR C   O    doub N N 326 
THR C   OXT  sing N N 327 
THR CB  OG1  sing N N 328 
THR CB  CG2  sing N N 329 
THR CB  HB   sing N N 330 
THR OG1 HG1  sing N N 331 
THR CG2 HG21 sing N N 332 
THR CG2 HG22 sing N N 333 
THR CG2 HG23 sing N N 334 
THR OXT HXT  sing N N 335 
TRP N   CA   sing N N 336 
TRP N   H    sing N N 337 
TRP N   H2   sing N N 338 
TRP CA  C    sing N N 339 
TRP CA  CB   sing N N 340 
TRP CA  HA   sing N N 341 
TRP C   O    doub N N 342 
TRP C   OXT  sing N N 343 
TRP CB  CG   sing N N 344 
TRP CB  HB2  sing N N 345 
TRP CB  HB3  sing N N 346 
TRP CG  CD1  doub Y N 347 
TRP CG  CD2  sing Y N 348 
TRP CD1 NE1  sing Y N 349 
TRP CD1 HD1  sing N N 350 
TRP CD2 CE2  doub Y N 351 
TRP CD2 CE3  sing Y N 352 
TRP NE1 CE2  sing Y N 353 
TRP NE1 HE1  sing N N 354 
TRP CE2 CZ2  sing Y N 355 
TRP CE3 CZ3  doub Y N 356 
TRP CE3 HE3  sing N N 357 
TRP CZ2 CH2  doub Y N 358 
TRP CZ2 HZ2  sing N N 359 
TRP CZ3 CH2  sing Y N 360 
TRP CZ3 HZ3  sing N N 361 
TRP CH2 HH2  sing N N 362 
TRP OXT HXT  sing N N 363 
TYR N   CA   sing N N 364 
TYR N   H    sing N N 365 
TYR N   H2   sing N N 366 
TYR CA  C    sing N N 367 
TYR CA  CB   sing N N 368 
TYR CA  HA   sing N N 369 
TYR C   O    doub N N 370 
TYR C   OXT  sing N N 371 
TYR CB  CG   sing N N 372 
TYR CB  HB2  sing N N 373 
TYR CB  HB3  sing N N 374 
TYR CG  CD1  doub Y N 375 
TYR CG  CD2  sing Y N 376 
TYR CD1 CE1  sing Y N 377 
TYR CD1 HD1  sing N N 378 
TYR CD2 CE2  doub Y N 379 
TYR CD2 HD2  sing N N 380 
TYR CE1 CZ   doub Y N 381 
TYR CE1 HE1  sing N N 382 
TYR CE2 CZ   sing Y N 383 
TYR CE2 HE2  sing N N 384 
TYR CZ  OH   sing N N 385 
TYR OH  HH   sing N N 386 
TYR OXT HXT  sing N N 387 
VAL N   CA   sing N N 388 
VAL N   H    sing N N 389 
VAL N   H2   sing N N 390 
VAL CA  C    sing N N 391 
VAL CA  CB   sing N N 392 
VAL CA  HA   sing N N 393 
VAL C   O    doub N N 394 
VAL C   OXT  sing N N 395 
VAL CB  CG1  sing N N 396 
VAL CB  CG2  sing N N 397 
VAL CB  HB   sing N N 398 
VAL CG1 HG11 sing N N 399 
VAL CG1 HG12 sing N N 400 
VAL CG1 HG13 sing N N 401 
VAL CG2 HG21 sing N N 402 
VAL CG2 HG22 sing N N 403 
VAL CG2 HG23 sing N N 404 
VAL OXT HXT  sing N N 405 
# 
loop_
_pdbx_entity_branch_list.entity_id 
_pdbx_entity_branch_list.comp_id 
_pdbx_entity_branch_list.num 
_pdbx_entity_branch_list.hetero 
2 NAG 1 n 
2 NAG 2 n 
2 NAG 3 n 
# 
_atom_sites.entry_id                    1LMT 
_atom_sites.fract_transf_matrix[1][1]   -0.00041762 
_atom_sites.fract_transf_matrix[1][2]   -0.00143688 
_atom_sites.fract_transf_matrix[1][3]   0.01763864 
_atom_sites.fract_transf_matrix[2][1]   -0.01474589 
_atom_sites.fract_transf_matrix[2][2]   0.00687457 
_atom_sites.fract_transf_matrix[2][3]   0.00021088 
_atom_sites.fract_transf_matrix[3][1]   -0.01262841 
_atom_sites.fract_transf_matrix[3][2]   -0.02701116 
_atom_sites.fract_transf_matrix[3][3]   -0.00249937 
_atom_sites.fract_transf_vector[1]      0.222879 
_atom_sites.fract_transf_vector[2]      0.242876 
_atom_sites.fract_transf_vector[3]      0.887590 
# 
loop_
_atom_type.symbol 
C  
CL 
N  
O  
S  
# 
loop_
_atom_site.group_PDB 
_atom_site.id 
_atom_site.type_symbol 
_atom_site.label_atom_id 
_atom_site.label_alt_id 
_atom_site.label_comp_id 
_atom_site.label_asym_id 
_atom_site.label_entity_id 
_atom_site.label_seq_id 
_atom_site.pdbx_PDB_ins_code 
_atom_site.Cartn_x 
_atom_site.Cartn_y 
_atom_site.Cartn_z 
_atom_site.occupancy 
_atom_site.B_iso_or_equiv 
_atom_site.pdbx_formal_charge 
_atom_site.auth_seq_id 
_atom_site.auth_comp_id 
_atom_site.auth_asym_id 
_atom_site.auth_atom_id 
_atom_site.pdbx_PDB_model_num 
ATOM   1    N  N   . LYS A 1 1   ? -1.213  9.448   -10.953 1.00 13.32 ? 1   LYS A N   1 
ATOM   2    C  CA  . LYS A 1 1   ? -1.583  10.723  -10.323 1.00 12.94 ? 1   LYS A CA  1 
ATOM   3    C  C   . LYS A 1 1   ? -0.717  10.907  -9.070  1.00 12.48 ? 1   LYS A C   1 
ATOM   4    O  O   . LYS A 1 1   ? -0.447  9.906   -8.416  1.00 11.36 ? 1   LYS A O   1 
ATOM   5    C  CB  . LYS A 1 1   ? -3.048  10.654  -9.904  1.00 14.52 ? 1   LYS A CB  1 
ATOM   6    C  CG  . LYS A 1 1   ? -3.590  11.671  -8.942  1.00 16.93 ? 1   LYS A CG  1 
ATOM   7    C  CD  . LYS A 1 1   ? -5.092  11.451  -8.659  1.00 15.81 ? 1   LYS A CD  1 
ATOM   8    C  CE  . LYS A 1 1   ? -5.488  12.481  -7.614  1.00 18.38 ? 1   LYS A CE  1 
ATOM   9    N  NZ  . LYS A 1 1   ? -6.913  12.819  -7.649  1.00 19.56 ? 1   LYS A NZ  1 
ATOM   10   N  N   . VAL A 1 2   ? -0.356  12.123  -8.822  1.00 12.30 ? 2   VAL A N   1 
ATOM   11   C  CA  . VAL A 1 2   ? 0.403   12.512  -7.635  1.00 12.91 ? 2   VAL A CA  1 
ATOM   12   C  C   . VAL A 1 2   ? -0.611  13.269  -6.755  1.00 13.32 ? 2   VAL A C   1 
ATOM   13   O  O   . VAL A 1 2   ? -1.028  14.401  -7.122  1.00 14.59 ? 2   VAL A O   1 
ATOM   14   C  CB  . VAL A 1 2   ? 1.655   13.344  -7.898  1.00 13.35 ? 2   VAL A CB  1 
ATOM   15   C  CG1 . VAL A 1 2   ? 2.411   13.658  -6.601  1.00 14.41 ? 2   VAL A CG1 1 
ATOM   16   C  CG2 . VAL A 1 2   ? 2.602   12.692  -8.883  1.00 14.13 ? 2   VAL A CG2 1 
ATOM   17   N  N   . PHE A 1 3   ? -0.966  12.670  -5.643  1.00 13.56 ? 3   PHE A N   1 
ATOM   18   C  CA  . PHE A 1 3   ? -1.936  13.316  -4.725  1.00 13.11 ? 3   PHE A CA  1 
ATOM   19   C  C   . PHE A 1 3   ? -1.323  14.435  -3.875  1.00 13.55 ? 3   PHE A C   1 
ATOM   20   O  O   . PHE A 1 3   ? -0.135  14.403  -3.537  1.00 13.35 ? 3   PHE A O   1 
ATOM   21   C  CB  . PHE A 1 3   ? -2.512  12.285  -3.730  1.00 11.53 ? 3   PHE A CB  1 
ATOM   22   C  CG  . PHE A 1 3   ? -3.624  11.421  -4.247  1.00 11.02 ? 3   PHE A CG  1 
ATOM   23   C  CD1 . PHE A 1 3   ? -3.363  10.295  -5.030  1.00 9.37  ? 3   PHE A CD1 1 
ATOM   24   C  CD2 . PHE A 1 3   ? -4.965  11.734  -3.936  1.00 9.76  ? 3   PHE A CD2 1 
ATOM   25   C  CE1 . PHE A 1 3   ? -4.386  9.480   -5.481  1.00 10.36 ? 3   PHE A CE1 1 
ATOM   26   C  CE2 . PHE A 1 3   ? -5.969  10.906  -4.395  1.00 10.34 ? 3   PHE A CE2 1 
ATOM   27   C  CZ  . PHE A 1 3   ? -5.734  9.770   -5.148  1.00 11.16 ? 3   PHE A CZ  1 
ATOM   28   N  N   . GLU A 1 4   ? -2.204  15.363  -3.503  1.00 13.40 ? 4   GLU A N   1 
ATOM   29   C  CA  . GLU A 1 4   ? -1.845  16.429  -2.557  1.00 13.59 ? 4   GLU A CA  1 
ATOM   30   C  C   . GLU A 1 4   ? -2.130  15.761  -1.188  1.00 11.83 ? 4   GLU A C   1 
ATOM   31   O  O   . GLU A 1 4   ? -3.029  14.890  -1.189  1.00 11.26 ? 4   GLU A O   1 
ATOM   32   C  CB  . GLU A 1 4   ? -2.640  17.709  -2.607  1.00 16.47 ? 4   GLU A CB  1 
ATOM   33   C  CG  . GLU A 1 4   ? -2.359  18.767  -1.544  1.00 20.87 ? 4   GLU A CG  1 
ATOM   34   C  CD  . GLU A 1 4   ? -3.331  18.935  -0.396  1.00 24.53 ? 4   GLU A CD  1 
ATOM   35   O  OE1 . GLU A 1 4   ? -4.538  18.782  -0.681  1.00 22.97 ? 4   GLU A OE1 1 
ATOM   36   O  OE2 . GLU A 1 4   ? -2.776  19.274  0.717   1.00 19.44 ? 4   GLU A OE2 1 
ATOM   37   N  N   . ARG A 1 5   ? -1.416  16.107  -0.159  1.00 10.60 ? 5   ARG A N   1 
ATOM   38   C  CA  . ARG A 1 5   ? -1.573  15.493  1.164   1.00 10.21 ? 5   ARG A CA  1 
ATOM   39   C  C   . ARG A 1 5   ? -3.021  15.422  1.682   1.00 10.12 ? 5   ARG A C   1 
ATOM   40   O  O   . ARG A 1 5   ? -3.550  14.319  1.838   1.00 10.46 ? 5   ARG A O   1 
ATOM   41   C  CB  . ARG A 1 5   ? -0.649  16.146  2.181   1.00 10.33 ? 5   ARG A CB  1 
ATOM   42   C  CG  . ARG A 1 5   ? -0.753  15.624  3.609   1.00 13.29 ? 5   ARG A CG  1 
ATOM   43   C  CD  . ARG A 1 5   ? 0.172   16.369  4.513   1.00 14.30 ? 5   ARG A CD  1 
ATOM   44   N  NE  . ARG A 1 5   ? -0.127  17.767  4.770   1.00 17.53 ? 5   ARG A NE  1 
ATOM   45   C  CZ  . ARG A 1 5   ? -0.938  18.177  5.768   1.00 17.98 ? 5   ARG A CZ  1 
ATOM   46   N  NH1 . ARG A 1 5   ? -1.511  17.330  6.603   1.00 19.19 ? 5   ARG A NH1 1 
ATOM   47   N  NH2 . ARG A 1 5   ? -1.133  19.500  5.905   1.00 18.58 ? 5   ARG A NH2 1 
ATOM   48   N  N   . CYS A 1 6   ? -3.653  16.569  1.879   1.00 10.77 ? 6   CYS A N   1 
ATOM   49   C  CA  . CYS A 1 6   ? -5.061  16.555  2.395   1.00 10.60 ? 6   CYS A CA  1 
ATOM   50   C  C   . CYS A 1 6   ? -6.059  15.894  1.484   1.00 10.93 ? 6   CYS A C   1 
ATOM   51   O  O   . CYS A 1 6   ? -7.028  15.257  1.949   1.00 9.81  ? 6   CYS A O   1 
ATOM   52   C  CB  . CYS A 1 6   ? -5.422  17.997  2.802   1.00 12.02 ? 6   CYS A CB  1 
ATOM   53   S  SG  . CYS A 1 6   ? -4.444  18.492  4.264   1.00 13.82 ? 6   CYS A SG  1 
ATOM   54   N  N   . GLU A 1 7   ? -5.855  16.011  0.164   1.00 10.47 ? 7   GLU A N   1 
ATOM   55   C  CA  . GLU A 1 7   ? -6.726  15.356  -0.823  1.00 11.23 ? 7   GLU A CA  1 
ATOM   56   C  C   . GLU A 1 7   ? -6.659  13.851  -0.618  1.00 10.86 ? 7   GLU A C   1 
ATOM   57   O  O   . GLU A 1 7   ? -7.648  13.090  -0.527  1.00 9.69  ? 7   GLU A O   1 
ATOM   58   C  CB  . GLU A 1 7   ? -6.235  15.693  -2.241  1.00 14.09 ? 7   GLU A CB  1 
ATOM   59   C  CG  . GLU A 1 7   ? -6.832  14.932  -3.406  1.00 16.59 ? 7   GLU A CG  1 
ATOM   60   C  CD  . GLU A 1 7   ? -6.131  15.044  -4.728  1.00 19.64 ? 7   GLU A CD  1 
ATOM   61   O  OE1 . GLU A 1 7   ? -4.998  15.473  -4.926  1.00 20.67 ? 7   GLU A OE1 1 
ATOM   62   O  OE2 . GLU A 1 7   ? -6.858  14.617  -5.656  1.00 22.28 ? 7   GLU A OE2 1 
ATOM   63   N  N   . LEU A 1 8   ? -5.428  13.313  -0.424  1.00 10.35 ? 8   LEU A N   1 
ATOM   64   C  CA  . LEU A 1 8   ? -5.310  11.862  -0.141  1.00 9.97  ? 8   LEU A CA  1 
ATOM   65   C  C   . LEU A 1 8   ? -5.963  11.482  1.214   1.00 8.00  ? 8   LEU A C   1 
ATOM   66   O  O   . LEU A 1 8   ? -6.651  10.453  1.248   1.00 9.78  ? 8   LEU A O   1 
ATOM   67   C  CB  . LEU A 1 8   ? -3.825  11.466  -0.177  1.00 11.55 ? 8   LEU A CB  1 
ATOM   68   C  CG  . LEU A 1 8   ? -3.584  9.954   -0.058  1.00 10.46 ? 8   LEU A CG  1 
ATOM   69   C  CD1 . LEU A 1 8   ? -4.265  9.166   -1.153  1.00 11.04 ? 8   LEU A CD1 1 
ATOM   70   C  CD2 . LEU A 1 8   ? -2.056  9.747   0.014   1.00 11.50 ? 8   LEU A CD2 1 
ATOM   71   N  N   . ALA A 1 9   ? -5.736  12.230  2.229   1.00 7.98  ? 9   ALA A N   1 
ATOM   72   C  CA  . ALA A 1 9   ? -6.273  11.972  3.584   1.00 9.27  ? 9   ALA A CA  1 
ATOM   73   C  C   . ALA A 1 9   ? -7.798  11.883  3.477   1.00 9.45  ? 9   ALA A C   1 
ATOM   74   O  O   . ALA A 1 9   ? -8.364  10.870  3.951   1.00 10.44 ? 9   ALA A O   1 
ATOM   75   C  CB  . ALA A 1 9   ? -5.739  13.008  4.551   1.00 9.71  ? 9   ALA A CB  1 
ATOM   76   N  N   . ARG A 1 10  ? -8.395  12.873  2.813   1.00 9.15  ? 10  ARG A N   1 
ATOM   77   C  CA  . ARG A 1 10  ? -9.890  12.816  2.687   1.00 9.95  ? 10  ARG A CA  1 
ATOM   78   C  C   . ARG A 1 10  ? -10.300 11.627  1.857   1.00 9.71  ? 10  ARG A C   1 
ATOM   79   O  O   . ARG A 1 10  ? -11.322 10.925  2.115   1.00 8.36  ? 10  ARG A O   1 
ATOM   80   C  CB  . ARG A 1 10  ? -10.422 14.166  2.151   1.00 10.00 ? 10  ARG A CB  1 
ATOM   81   C  CG  . ARG A 1 10  ? -10.391 15.321  3.169   1.00 12.31 ? 10  ARG A CG  1 
ATOM   82   C  CD  . ARG A 1 10  ? -11.079 16.523  2.589   1.00 14.16 ? 10  ARG A CD  1 
ATOM   83   N  NE  . ARG A 1 10  ? -10.383 17.022  1.384   1.00 14.67 ? 10  ARG A NE  1 
ATOM   84   C  CZ  . ARG A 1 10  ? -9.395  17.931  1.469   1.00 13.69 ? 10  ARG A CZ  1 
ATOM   85   N  NH1 . ARG A 1 10  ? -8.970  18.338  2.645   1.00 12.98 ? 10  ARG A NH1 1 
ATOM   86   N  NH2 . ARG A 1 10  ? -8.841  18.416  0.352   1.00 16.54 ? 10  ARG A NH2 1 
ATOM   87   N  N   . THR A 1 11  ? -9.549  11.278  0.788   1.00 8.26  ? 11  THR A N   1 
ATOM   88   C  CA  . THR A 1 11  ? -9.893  10.115  -0.031  1.00 10.20 ? 11  THR A CA  1 
ATOM   89   C  C   . THR A 1 11  ? -9.834  8.834   0.781   1.00 10.94 ? 11  THR A C   1 
ATOM   90   O  O   . THR A 1 11  ? -10.720 7.963   0.734   1.00 10.92 ? 11  THR A O   1 
ATOM   91   C  CB  . THR A 1 11  ? -8.969  10.041  -1.322  1.00 10.87 ? 11  THR A CB  1 
ATOM   92   O  OG1 . THR A 1 11  ? -9.218  11.286  -2.059  1.00 12.64 ? 11  THR A OG1 1 
ATOM   93   C  CG2 . THR A 1 11  ? -9.263  8.843   -2.204  1.00 11.85 ? 11  THR A CG2 1 
ATOM   94   N  N   . LEU A 1 12  ? -8.719  8.660   1.512   1.00 9.95  ? 12  LEU A N   1 
ATOM   95   C  CA  . LEU A 1 12  ? -8.567  7.452   2.346   1.00 10.89 ? 12  LEU A CA  1 
ATOM   96   C  C   . LEU A 1 12  ? -9.663  7.324   3.437   1.00 10.16 ? 12  LEU A C   1 
ATOM   97   O  O   . LEU A 1 12  ? -10.113 6.226   3.724   1.00 10.51 ? 12  LEU A O   1 
ATOM   98   C  CB  . LEU A 1 12  ? -7.141  7.404   2.903   1.00 10.83 ? 12  LEU A CB  1 
ATOM   99   C  CG  . LEU A 1 12  ? -5.977  7.357   1.902   1.00 10.21 ? 12  LEU A CG  1 
ATOM   100  C  CD1 . LEU A 1 12  ? -4.664  7.277   2.678   1.00 13.13 ? 12  LEU A CD1 1 
ATOM   101  C  CD2 . LEU A 1 12  ? -6.159  6.077   1.060   1.00 12.89 ? 12  LEU A CD2 1 
ATOM   102  N  N   . LYS A 1 13  ? -10.036 8.458   3.983   1.00 10.98 ? 13  LYS A N   1 
ATOM   103  C  CA  . LYS A 1 13  ? -11.093 8.471   5.044   1.00 10.80 ? 13  LYS A CA  1 
ATOM   104  C  C   . LYS A 1 13  ? -12.393 7.964   4.453   1.00 9.80  ? 13  LYS A C   1 
ATOM   105  O  O   . LYS A 1 13  ? -13.080 7.095   4.968   1.00 11.72 ? 13  LYS A O   1 
ATOM   106  C  CB  . LYS A 1 13  ? -11.259 9.867   5.625   1.00 13.25 ? 13  LYS A CB  1 
ATOM   107  C  CG  . LYS A 1 13  ? -12.374 9.818   6.708   1.00 16.77 ? 13  LYS A CG  1 
ATOM   108  C  CD  . LYS A 1 13  ? -11.967 10.532  7.979   1.00 22.00 ? 13  LYS A CD  1 
ATOM   109  C  CE  . LYS A 1 13  ? -13.157 10.497  8.951   1.00 23.96 ? 13  LYS A CE  1 
ATOM   110  N  NZ  . LYS A 1 13  ? -13.503 11.900  9.358   1.00 26.71 ? 13  LYS A NZ  1 
ATOM   111  N  N   . ARG A 1 14  ? -12.709 8.436   3.237   1.00 10.37 ? 14  ARG A N   1 
ATOM   112  C  CA  . ARG A 1 14  ? -13.942 8.021   2.547   1.00 12.50 ? 14  ARG A CA  1 
ATOM   113  C  C   . ARG A 1 14  ? -13.958 6.553   2.208   1.00 10.48 ? 14  ARG A C   1 
ATOM   114  O  O   . ARG A 1 14  ? -15.017 5.883   2.165   1.00 11.71 ? 14  ARG A O   1 
ATOM   115  C  CB  . ARG A 1 14  ? -14.117 8.900   1.299   1.00 13.93 ? 14  ARG A CB  1 
ATOM   116  C  CG  . ARG A 1 14  ? -15.510 8.985   0.714   1.00 20.76 ? 14  ARG A CG  1 
ATOM   117  C  CD  . ARG A 1 14  ? -15.579 10.213  -0.182  1.00 22.82 ? 14  ARG A CD  1 
ATOM   118  N  NE  . ARG A 1 14  ? -14.555 10.082  -1.232  1.00 26.54 ? 14  ARG A NE  1 
ATOM   119  C  CZ  . ARG A 1 14  ? -13.622 11.020  -1.452  1.00 26.64 ? 14  ARG A CZ  1 
ATOM   120  N  NH1 . ARG A 1 14  ? -13.517 12.122  -0.714  1.00 27.43 ? 14  ARG A NH1 1 
ATOM   121  N  NH2 . ARG A 1 14  ? -12.810 10.842  -2.499  1.00 27.66 ? 14  ARG A NH2 1 
ATOM   122  N  N   . LEU A 1 15  ? -12.732 6.028   1.928   1.00 9.77  ? 15  LEU A N   1 
ATOM   123  C  CA  . LEU A 1 15  ? -12.572 4.641   1.555   1.00 10.33 ? 15  LEU A CA  1 
ATOM   124  C  C   . LEU A 1 15  ? -12.499 3.696   2.743   1.00 10.00 ? 15  LEU A C   1 
ATOM   125  O  O   . LEU A 1 15  ? -12.411 2.479   2.460   1.00 10.89 ? 15  LEU A O   1 
ATOM   126  C  CB  . LEU A 1 15  ? -11.460 4.419   0.527   1.00 11.26 ? 15  LEU A CB  1 
ATOM   127  C  CG  . LEU A 1 15  ? -11.634 5.052   -0.843  1.00 13.18 ? 15  LEU A CG  1 
ATOM   128  C  CD1 . LEU A 1 15  ? -10.335 4.908   -1.654  1.00 14.38 ? 15  LEU A CD1 1 
ATOM   129  C  CD2 . LEU A 1 15  ? -12.726 4.298   -1.610  1.00 15.86 ? 15  LEU A CD2 1 
ATOM   130  N  N   . GLY A 1 16  ? -12.641 4.189   3.954   1.00 10.06 ? 16  GLY A N   1 
ATOM   131  C  CA  . GLY A 1 16  ? -12.722 3.360   5.129   1.00 11.11 ? 16  GLY A CA  1 
ATOM   132  C  C   . GLY A 1 16  ? -11.391 2.907   5.697   1.00 12.02 ? 16  GLY A C   1 
ATOM   133  O  O   . GLY A 1 16  ? -11.396 1.849   6.360   1.00 14.10 ? 16  GLY A O   1 
ATOM   134  N  N   . MET A 1 17  ? -10.379 3.731   5.464   1.00 12.07 ? 17  MET A N   1 
ATOM   135  C  CA  . MET A 1 17  ? -9.068  3.286   6.008   1.00 13.38 ? 17  MET A CA  1 
ATOM   136  C  C   . MET A 1 17  ? -8.827  3.725   7.429   1.00 12.79 ? 17  MET A C   1 
ATOM   137  O  O   . MET A 1 17  ? -7.906  3.131   8.046   1.00 12.44 ? 17  MET A O   1 
ATOM   138  C  CB  . MET A 1 17  ? -7.959  3.780   5.073   1.00 13.99 ? 17  MET A CB  1 
ATOM   139  C  CG  . MET A 1 17  ? -8.017  3.098   3.735   1.00 14.65 ? 17  MET A CG  1 
ATOM   140  S  SD  . MET A 1 17  ? -7.422  1.393   3.910   1.00 18.60 ? 17  MET A SD  1 
ATOM   141  C  CE  . MET A 1 17  ? -5.729  1.501   3.323   1.00 14.76 ? 17  MET A CE  1 
ATOM   142  N  N   . ASP A 1 18  ? -9.573  4.672   7.963   1.00 13.41 ? 18  ASP A N   1 
ATOM   143  C  CA  . ASP A 1 18  ? -9.280  5.155   9.328   1.00 14.78 ? 18  ASP A CA  1 
ATOM   144  C  C   . ASP A 1 18  ? -9.649  4.133   10.389  1.00 14.52 ? 18  ASP A C   1 
ATOM   145  O  O   . ASP A 1 18  ? -10.809 3.876   10.670  1.00 14.88 ? 18  ASP A O   1 
ATOM   146  C  CB  . ASP A 1 18  ? -9.946  6.517   9.579   1.00 17.08 ? 18  ASP A CB  1 
ATOM   147  C  CG  . ASP A 1 18  ? -9.435  7.116   10.880  1.00 18.03 ? 18  ASP A CG  1 
ATOM   148  O  OD1 . ASP A 1 18  ? -8.331  6.866   11.376  1.00 16.95 ? 18  ASP A OD1 1 
ATOM   149  O  OD2 . ASP A 1 18  ? -10.257 7.931   11.379  1.00 21.39 ? 18  ASP A OD2 1 
ATOM   150  N  N   . GLY A 1 19  ? -8.617  3.565   10.997  1.00 14.93 ? 19  GLY A N   1 
ATOM   151  C  CA  . GLY A 1 19  ? -8.838  2.563   12.041  1.00 13.75 ? 19  GLY A CA  1 
ATOM   152  C  C   . GLY A 1 19  ? -9.017  1.168   11.541  1.00 12.98 ? 19  GLY A C   1 
ATOM   153  O  O   . GLY A 1 19  ? -9.327  0.217   12.273  1.00 14.37 ? 19  GLY A O   1 
ATOM   154  N  N   . TYR A 1 20  ? -8.838  0.932   10.233  1.00 12.42 ? 20  TYR A N   1 
ATOM   155  C  CA  . TYR A 1 20  ? -8.967  -0.403  9.651   1.00 11.39 ? 20  TYR A CA  1 
ATOM   156  C  C   . TYR A 1 20  ? -7.979  -1.399  10.267  1.00 12.24 ? 20  TYR A C   1 
ATOM   157  O  O   . TYR A 1 20  ? -6.763  -1.109  10.233  1.00 11.55 ? 20  TYR A O   1 
ATOM   158  C  CB  . TYR A 1 20  ? -8.740  -0.236  8.086   1.00 11.76 ? 20  TYR A CB  1 
ATOM   159  C  CG  . TYR A 1 20  ? -9.126  -1.566  7.472   1.00 13.36 ? 20  TYR A CG  1 
ATOM   160  C  CD1 . TYR A 1 20  ? -10.461 -1.857  7.208   1.00 13.48 ? 20  TYR A CD1 1 
ATOM   161  C  CD2 . TYR A 1 20  ? -8.181  -2.550  7.216   1.00 11.94 ? 20  TYR A CD2 1 
ATOM   162  C  CE1 . TYR A 1 20  ? -10.860 -3.075  6.677   1.00 14.31 ? 20  TYR A CE1 1 
ATOM   163  C  CE2 . TYR A 1 20  ? -8.535  -3.789  6.710   1.00 12.02 ? 20  TYR A CE2 1 
ATOM   164  C  CZ  . TYR A 1 20  ? -9.870  -4.050  6.425   1.00 15.78 ? 20  TYR A CZ  1 
ATOM   165  O  OH  . TYR A 1 20  ? -10.211 -5.271  5.927   1.00 19.05 ? 20  TYR A OH  1 
ATOM   166  N  N   . ARG A 1 21  ? -8.497  -2.488  10.792  1.00 14.15 ? 21  ARG A N   1 
ATOM   167  C  CA  . ARG A 1 21  ? -7.646  -3.514  11.460  1.00 15.90 ? 21  ARG A CA  1 
ATOM   168  C  C   . ARG A 1 21  ? -6.679  -2.836  12.430  1.00 15.61 ? 21  ARG A C   1 
ATOM   169  O  O   . ARG A 1 21  ? -5.501  -3.227  12.587  1.00 16.73 ? 21  ARG A O   1 
ATOM   170  C  CB  . ARG A 1 21  ? -6.912  -4.431  10.488  1.00 18.54 ? 21  ARG A CB  1 
ATOM   171  C  CG  . ARG A 1 21  ? -7.730  -5.437  9.731   1.00 21.48 ? 21  ARG A CG  1 
ATOM   172  C  CD  . ARG A 1 21  ? -8.042  -6.693  10.432  1.00 25.42 ? 21  ARG A CD  1 
ATOM   173  N  NE  . ARG A 1 21  ? -6.920  -7.497  10.913  1.00 28.51 ? 21  ARG A NE  1 
ATOM   174  C  CZ  . ARG A 1 21  ? -7.143  -8.428  11.863  1.00 30.63 ? 21  ARG A CZ  1 
ATOM   175  N  NH1 . ARG A 1 21  ? -8.389  -8.607  12.317  1.00 31.83 ? 21  ARG A NH1 1 
ATOM   176  N  NH2 . ARG A 1 21  ? -6.212  -9.203  12.396  1.00 32.17 ? 21  ARG A NH2 1 
ATOM   177  N  N   . GLY A 1 22  ? -7.158  -1.775  13.083  1.00 14.88 ? 22  GLY A N   1 
ATOM   178  C  CA  . GLY A 1 22  ? -6.423  -0.995  14.048  1.00 12.69 ? 22  GLY A CA  1 
ATOM   179  C  C   . GLY A 1 22  ? -5.352  -0.025  13.687  1.00 12.95 ? 22  GLY A C   1 
ATOM   180  O  O   . GLY A 1 22  ? -4.533  0.421   14.541  1.00 12.58 ? 22  GLY A O   1 
ATOM   181  N  N   . ILE A 1 23  ? -5.310  0.409   12.410  1.00 9.67  ? 23  ILE A N   1 
ATOM   182  C  CA  . ILE A 1 23  ? -4.298  1.350   11.917  1.00 10.14 ? 23  ILE A CA  1 
ATOM   183  C  C   . ILE A 1 23  ? -4.972  2.695   11.628  1.00 11.40 ? 23  ILE A C   1 
ATOM   184  O  O   . ILE A 1 23  ? -5.903  2.687   10.790  1.00 11.56 ? 23  ILE A O   1 
ATOM   185  C  CB  . ILE A 1 23  ? -3.775  0.749   10.547  1.00 10.31 ? 23  ILE A CB  1 
ATOM   186  C  CG1 . ILE A 1 23  ? -3.294  -0.721  10.834  1.00 10.52 ? 23  ILE A CG1 1 
ATOM   187  C  CG2 . ILE A 1 23  ? -2.754  1.670   9.867   1.00 9.65  ? 23  ILE A CG2 1 
ATOM   188  C  CD1 . ILE A 1 23  ? -3.212  -1.548  9.513   1.00 10.94 ? 23  ILE A CD1 1 
ATOM   189  N  N   . SER A 1 24  ? -4.505  3.716   12.270  1.00 10.81 ? 24  SER A N   1 
ATOM   190  C  CA  . SER A 1 24  ? -5.011  5.086   12.139  1.00 10.56 ? 24  SER A CA  1 
ATOM   191  C  C   . SER A 1 24  ? -4.767  5.602   10.717  1.00 10.15 ? 24  SER A C   1 
ATOM   192  O  O   . SER A 1 24  ? -3.799  5.187   10.025  1.00 10.78 ? 24  SER A O   1 
ATOM   193  C  CB  . SER A 1 24  ? -4.373  6.030   13.162  1.00 10.98 ? 24  SER A CB  1 
ATOM   194  O  OG  . SER A 1 24  ? -3.042  6.326   12.822  1.00 11.37 ? 24  SER A OG  1 
ATOM   195  N  N   . LEU A 1 25  ? -5.591  6.559   10.327  1.00 10.91 ? 25  LEU A N   1 
ATOM   196  C  CA  . LEU A 1 25  ? -5.410  7.159   8.985   1.00 11.44 ? 25  LEU A CA  1 
ATOM   197  C  C   . LEU A 1 25  ? -4.010  7.739   8.835   1.00 11.04 ? 25  LEU A C   1 
ATOM   198  O  O   . LEU A 1 25  ? -3.385  7.734   7.772   1.00 10.94 ? 25  LEU A O   1 
ATOM   199  C  CB  . LEU A 1 25  ? -6.481  8.259   8.859   1.00 12.84 ? 25  LEU A CB  1 
ATOM   200  C  CG  . LEU A 1 25  ? -6.469  9.033   7.531   1.00 13.77 ? 25  LEU A CG  1 
ATOM   201  C  CD1 . LEU A 1 25  ? -6.778  8.101   6.390   1.00 16.26 ? 25  LEU A CD1 1 
ATOM   202  C  CD2 . LEU A 1 25  ? -7.559  10.102  7.667   1.00 14.71 ? 25  LEU A CD2 1 
ATOM   203  N  N   . ALA A 1 26  ? -3.472  8.334   9.895   1.00 11.06 ? 26  ALA A N   1 
ATOM   204  C  CA  . ALA A 1 26  ? -2.151  8.967   9.917   1.00 11.00 ? 26  ALA A CA  1 
ATOM   205  C  C   . ALA A 1 26  ? -1.058  7.972   9.521   1.00 9.78  ? 26  ALA A C   1 
ATOM   206  O  O   . ALA A 1 26  ? -0.156  8.387   8.813   1.00 9.97  ? 26  ALA A O   1 
ATOM   207  C  CB  . ALA A 1 26  ? -1.835  9.579   11.256  1.00 11.49 ? 26  ALA A CB  1 
ATOM   208  N  N   . ASN A 1 27  ? -1.206  6.760   9.970   1.00 9.40  ? 27  ASN A N   1 
ATOM   209  C  CA  . ASN A 1 27  ? -0.207  5.693   9.668   1.00 9.98  ? 27  ASN A CA  1 
ATOM   210  C  C   . ASN A 1 27  ? -0.254  5.410   8.154   1.00 10.37 ? 27  ASN A C   1 
ATOM   211  O  O   . ASN A 1 27  ? 0.776   5.262   7.526   1.00 11.12 ? 27  ASN A O   1 
ATOM   212  C  CB  . ASN A 1 27  ? -0.467  4.444   10.490  1.00 10.02 ? 27  ASN A CB  1 
ATOM   213  C  CG  . ASN A 1 27  ? 0.250   4.554   11.835  1.00 12.79 ? 27  ASN A CG  1 
ATOM   214  O  OD1 . ASN A 1 27  ? 1.487   4.434   11.925  1.00 12.15 ? 27  ASN A OD1 1 
ATOM   215  N  ND2 . ASN A 1 27  ? -0.521  4.817   12.873  1.00 11.25 ? 27  ASN A ND2 1 
ATOM   216  N  N   . TRP A 1 28  ? -1.499  5.344   7.615   1.00 10.60 ? 28  TRP A N   1 
ATOM   217  C  CA  . TRP A 1 28  ? -1.582  5.072   6.161   1.00 10.78 ? 28  TRP A CA  1 
ATOM   218  C  C   . TRP A 1 28  ? -0.926  6.196   5.383   1.00 10.23 ? 28  TRP A C   1 
ATOM   219  O  O   . TRP A 1 28  ? -0.261  5.951   4.333   1.00 9.02  ? 28  TRP A O   1 
ATOM   220  C  CB  . TRP A 1 28  ? -2.999  4.848   5.712   1.00 10.33 ? 28  TRP A CB  1 
ATOM   221  C  CG  . TRP A 1 28  ? -3.709  3.665   6.233   1.00 11.22 ? 28  TRP A CG  1 
ATOM   222  C  CD1 . TRP A 1 28  ? -4.721  3.619   7.171   1.00 9.83  ? 28  TRP A CD1 1 
ATOM   223  C  CD2 . TRP A 1 28  ? -3.436  2.315   5.879   1.00 9.82  ? 28  TRP A CD2 1 
ATOM   224  N  NE1 . TRP A 1 28  ? -5.124  2.326   7.373   1.00 11.28 ? 28  TRP A NE1 1 
ATOM   225  C  CE2 . TRP A 1 28  ? -4.360  1.500   6.576   1.00 12.41 ? 28  TRP A CE2 1 
ATOM   226  C  CE3 . TRP A 1 28  ? -2.523  1.732   4.994   1.00 11.12 ? 28  TRP A CE3 1 
ATOM   227  C  CZ2 . TRP A 1 28  ? -4.365  0.129   6.434   1.00 11.22 ? 28  TRP A CZ2 1 
ATOM   228  C  CZ3 . TRP A 1 28  ? -2.529  0.364   4.833   1.00 11.15 ? 28  TRP A CZ3 1 
ATOM   229  C  CH2 . TRP A 1 28  ? -3.441  -0.421  5.552   1.00 14.91 ? 28  TRP A CH2 1 
ATOM   230  N  N   . MET A 1 29  ? -1.163  7.446   5.806   1.00 9.57  ? 29  MET A N   1 
ATOM   231  C  CA  . MET A 1 29  ? -0.586  8.624   5.164   1.00 9.94  ? 29  MET A CA  1 
ATOM   232  C  C   . MET A 1 29  ? 0.958   8.557   5.235   1.00 9.99  ? 29  MET A C   1 
ATOM   233  O  O   . MET A 1 29  ? 1.637   8.790   4.254   1.00 9.50  ? 29  MET A O   1 
ATOM   234  C  CB  . MET A 1 29  ? -1.105  9.899   5.782   1.00 10.67 ? 29  MET A CB  1 
ATOM   235  C  CG  . MET A 1 29  ? -2.593  10.091  5.526   1.00 8.18  ? 29  MET A CG  1 
ATOM   236  S  SD  . MET A 1 29  ? -2.830  10.497  3.737   1.00 11.70 ? 29  MET A SD  1 
ATOM   237  C  CE  . MET A 1 29  ? -1.915  11.982  3.550   1.00 9.13  ? 29  MET A CE  1 
ATOM   238  N  N   . CYS A 1 30  ? 1.444   8.241   6.411   1.00 9.75  ? 30  CYS A N   1 
ATOM   239  C  CA  . CYS A 1 30  ? 2.912   8.116   6.567   1.00 9.91  ? 30  CYS A CA  1 
ATOM   240  C  C   . CYS A 1 30  ? 3.441   7.091   5.572   1.00 9.70  ? 30  CYS A C   1 
ATOM   241  O  O   . CYS A 1 30  ? 4.470   7.380   4.959   1.00 11.19 ? 30  CYS A O   1 
ATOM   242  C  CB  . CYS A 1 30  ? 3.222   7.638   7.999   1.00 9.48  ? 30  CYS A CB  1 
ATOM   243  S  SG  . CYS A 1 30  ? 5.020   7.727   8.354   1.00 11.86 ? 30  CYS A SG  1 
ATOM   244  N  N   . LEU A 1 31  ? 2.788   5.963   5.472   1.00 10.25 ? 31  LEU A N   1 
ATOM   245  C  CA  . LEU A 1 31  ? 3.174   4.849   4.598   1.00 10.86 ? 31  LEU A CA  1 
ATOM   246  C  C   . LEU A 1 31  ? 3.216   5.300   3.135   1.00 11.33 ? 31  LEU A C   1 
ATOM   247  O  O   . LEU A 1 31  ? 4.246   5.072   2.442   1.00 10.31 ? 31  LEU A O   1 
ATOM   248  C  CB  . LEU A 1 31  ? 2.232   3.641   4.824   1.00 14.91 ? 31  LEU A CB  1 
ATOM   249  C  CG  . LEU A 1 31  ? 2.527   2.455   3.885   1.00 14.31 ? 31  LEU A CG  1 
ATOM   250  C  CD1 . LEU A 1 31  ? 3.854   1.838   4.287   1.00 17.27 ? 31  LEU A CD1 1 
ATOM   251  C  CD2 . LEU A 1 31  ? 1.429   1.405   3.898   1.00 19.01 ? 31  LEU A CD2 1 
ATOM   252  N  N   . ALA A 1 32  ? 2.135   5.903   2.683   1.00 10.22 ? 32  ALA A N   1 
ATOM   253  C  CA  . ALA A 1 32  ? 2.092   6.337   1.259   1.00 10.21 ? 32  ALA A CA  1 
ATOM   254  C  C   . ALA A 1 32  ? 3.142   7.387   0.969   1.00 11.88 ? 32  ALA A C   1 
ATOM   255  O  O   . ALA A 1 32  ? 3.736   7.428   -0.162  1.00 12.72 ? 32  ALA A O   1 
ATOM   256  C  CB  . ALA A 1 32  ? 0.646   6.809   0.988   1.00 12.60 ? 32  ALA A CB  1 
ATOM   257  N  N   . LYS A 1 33  ? 3.418   8.256   1.902   1.00 11.00 ? 33  LYS A N   1 
ATOM   258  C  CA  . LYS A 1 33  ? 4.416   9.322   1.737   1.00 11.87 ? 33  LYS A CA  1 
ATOM   259  C  C   . LYS A 1 33  ? 5.811   8.730   1.457   1.00 12.40 ? 33  LYS A C   1 
ATOM   260  O  O   . LYS A 1 33  ? 6.501   9.086   0.469   1.00 12.40 ? 33  LYS A O   1 
ATOM   261  C  CB  . LYS A 1 33  ? 4.520   10.236  2.948   1.00 14.07 ? 33  LYS A CB  1 
ATOM   262  C  CG  . LYS A 1 33  ? 5.341   11.506  2.801   1.00 18.01 ? 33  LYS A CG  1 
ATOM   263  C  CD  . LYS A 1 33  ? 6.746   11.308  3.346   1.00 22.72 ? 33  LYS A CD  1 
ATOM   264  C  CE  . LYS A 1 33  ? 7.294   12.488  4.124   1.00 25.26 ? 33  LYS A CE  1 
ATOM   265  N  NZ  . LYS A 1 33  ? 7.059   13.781  3.423   1.00 27.23 ? 33  LYS A NZ  1 
ATOM   266  N  N   . TRP A 1 34  ? 6.213   7.859   2.364   1.00 12.35 ? 34  TRP A N   1 
ATOM   267  C  CA  . TRP A 1 34  ? 7.569   7.243   2.246   1.00 13.31 ? 34  TRP A CA  1 
ATOM   268  C  C   . TRP A 1 34  ? 7.689   6.175   1.184   1.00 13.56 ? 34  TRP A C   1 
ATOM   269  O  O   . TRP A 1 34  ? 8.837   5.988   0.671   1.00 16.45 ? 34  TRP A O   1 
ATOM   270  C  CB  . TRP A 1 34  ? 7.981   6.735   3.658   1.00 12.88 ? 34  TRP A CB  1 
ATOM   271  C  CG  . TRP A 1 34  ? 8.257   7.874   4.567   1.00 14.50 ? 34  TRP A CG  1 
ATOM   272  C  CD1 . TRP A 1 34  ? 7.504   8.283   5.644   1.00 15.03 ? 34  TRP A CD1 1 
ATOM   273  C  CD2 . TRP A 1 34  ? 9.362   8.789   4.505   1.00 16.43 ? 34  TRP A CD2 1 
ATOM   274  N  NE1 . TRP A 1 34  ? 8.064   9.376   6.236   1.00 16.58 ? 34  TRP A NE1 1 
ATOM   275  C  CE2 . TRP A 1 34  ? 9.204   9.711   5.552   1.00 16.78 ? 34  TRP A CE2 1 
ATOM   276  C  CE3 . TRP A 1 34  ? 10.460  8.886   3.645   1.00 18.59 ? 34  TRP A CE3 1 
ATOM   277  C  CZ2 . TRP A 1 34  ? 10.117  10.742  5.793   1.00 19.11 ? 34  TRP A CZ2 1 
ATOM   278  C  CZ3 . TRP A 1 34  ? 11.375  9.897   3.881   1.00 18.95 ? 34  TRP A CZ3 1 
ATOM   279  C  CH2 . TRP A 1 34  ? 11.200  10.808  4.928   1.00 19.77 ? 34  TRP A CH2 1 
ATOM   280  N  N   . GLU A 1 35  ? 6.609   5.508   0.852   1.00 12.43 ? 35  GLU A N   1 
ATOM   281  C  CA  . GLU A 1 35  ? 6.646   4.466   -0.184  1.00 12.46 ? 35  GLU A CA  1 
ATOM   282  C  C   . GLU A 1 35  ? 6.725   5.026   -1.586  1.00 13.73 ? 35  GLU A C   1 
ATOM   283  O  O   . GLU A 1 35  ? 7.609   4.664   -2.380  1.00 13.26 ? 35  GLU A O   1 
ATOM   284  C  CB  . GLU A 1 35  ? 5.474   3.493   -0.088  1.00 11.77 ? 35  GLU A CB  1 
ATOM   285  C  CG  . GLU A 1 35  ? 5.459   2.436   1.005   1.00 13.15 ? 35  GLU A CG  1 
ATOM   286  C  CD  . GLU A 1 35  ? 6.585   1.438   0.944   1.00 14.09 ? 35  GLU A CD  1 
ATOM   287  O  OE1 . GLU A 1 35  ? 7.379   1.417   0.026   1.00 14.88 ? 35  GLU A OE1 1 
ATOM   288  O  OE2 . GLU A 1 35  ? 6.663   0.667   1.901   1.00 16.89 ? 35  GLU A OE2 1 
ATOM   289  N  N   . SER A 1 36  ? 5.852   5.968   -1.934  1.00 12.87 ? 36  SER A N   1 
ATOM   290  C  CA  . SER A 1 36  ? 5.765   6.558   -3.272  1.00 12.70 ? 36  SER A CA  1 
ATOM   291  C  C   . SER A 1 36  ? 5.742   8.064   -3.370  1.00 12.00 ? 36  SER A C   1 
ATOM   292  O  O   . SER A 1 36  ? 5.668   8.596   -4.504  1.00 12.95 ? 36  SER A O   1 
ATOM   293  C  CB  . SER A 1 36  ? 4.435   6.032   -3.868  1.00 12.80 ? 36  SER A CB  1 
ATOM   294  O  OG  . SER A 1 36  ? 3.322   6.655   -3.213  1.00 15.42 ? 36  SER A OG  1 
ATOM   295  N  N   . GLY A 1 37  ? 5.693   8.778   -2.255  1.00 11.93 ? 37  GLY A N   1 
ATOM   296  C  CA  . GLY A 1 37  ? 5.600   10.256  -2.363  1.00 11.85 ? 37  GLY A CA  1 
ATOM   297  C  C   . GLY A 1 37  ? 4.169   10.545  -2.877  1.00 11.35 ? 37  GLY A C   1 
ATOM   298  O  O   . GLY A 1 37  ? 3.998   11.548  -3.571  1.00 14.21 ? 37  GLY A O   1 
ATOM   299  N  N   . TYR A 1 38  ? 3.227   9.689   -2.565  1.00 11.89 ? 38  TYR A N   1 
ATOM   300  C  CA  . TYR A 1 38  ? 1.805   9.817   -2.942  1.00 11.33 ? 38  TYR A CA  1 
ATOM   301  C  C   . TYR A 1 38  ? 1.584   9.697   -4.452  1.00 12.23 ? 38  TYR A C   1 
ATOM   302  O  O   . TYR A 1 38  ? 0.618   10.278  -4.987  1.00 11.91 ? 38  TYR A O   1 
ATOM   303  C  CB  . TYR A 1 38  ? 1.179   11.139  -2.447  1.00 12.01 ? 38  TYR A CB  1 
ATOM   304  C  CG  . TYR A 1 38  ? 1.403   11.601  -1.032  1.00 9.81  ? 38  TYR A CG  1 
ATOM   305  C  CD1 . TYR A 1 38  ? 1.186   10.744  0.043   1.00 11.37 ? 38  TYR A CD1 1 
ATOM   306  C  CD2 . TYR A 1 38  ? 1.823   12.914  -0.775  1.00 12.31 ? 38  TYR A CD2 1 
ATOM   307  C  CE1 . TYR A 1 38  ? 1.372   11.194  1.345   1.00 12.26 ? 38  TYR A CE1 1 
ATOM   308  C  CE2 . TYR A 1 38  ? 2.046   13.370  0.544   1.00 14.72 ? 38  TYR A CE2 1 
ATOM   309  C  CZ  . TYR A 1 38  ? 1.837   12.486  1.574   1.00 13.52 ? 38  TYR A CZ  1 
ATOM   310  O  OH  . TYR A 1 38  ? 2.031   12.813  2.904   1.00 15.44 ? 38  TYR A OH  1 
ATOM   311  N  N   . ASN A 1 39  ? 2.420   8.934   -5.137  1.00 10.59 ? 39  ASN A N   1 
ATOM   312  C  CA  . ASN A 1 39  ? 2.333   8.748   -6.606  1.00 10.15 ? 39  ASN A CA  1 
ATOM   313  C  C   . ASN A 1 39  ? 1.776   7.378   -6.940  1.00 10.12 ? 39  ASN A C   1 
ATOM   314  O  O   . ASN A 1 39  ? 2.399   6.325   -6.636  1.00 11.15 ? 39  ASN A O   1 
ATOM   315  C  CB  . ASN A 1 39  ? 3.782   8.968   -7.082  1.00 11.80 ? 39  ASN A CB  1 
ATOM   316  C  CG  . ASN A 1 39  ? 3.889   8.851   -8.605  1.00 14.56 ? 39  ASN A CG  1 
ATOM   317  O  OD1 . ASN A 1 39  ? 2.892   8.805   -9.339  1.00 15.40 ? 39  ASN A OD1 1 
ATOM   318  N  ND2 . ASN A 1 39  ? 5.145   8.838   -9.074  1.00 17.13 ? 39  ASN A ND2 1 
ATOM   319  N  N   . THR A 1 40  ? 0.636   7.313   -7.618  1.00 9.36  ? 40  THR A N   1 
ATOM   320  C  CA  . THR A 1 40  ? 0.011   6.059   -7.984  1.00 10.22 ? 40  THR A CA  1 
ATOM   321  C  C   . THR A 1 40  ? 0.730   5.258   -9.084  1.00 11.71 ? 40  THR A C   1 
ATOM   322  O  O   . THR A 1 40  ? 0.456   4.033   -9.172  1.00 12.28 ? 40  THR A O   1 
ATOM   323  C  CB  . THR A 1 40  ? -1.497  6.291   -8.450  1.00 12.15 ? 40  THR A CB  1 
ATOM   324  O  OG1 . THR A 1 40  ? -1.449  7.048   -9.707  1.00 11.04 ? 40  THR A OG1 1 
ATOM   325  C  CG2 . THR A 1 40  ? -2.298  7.044   -7.373  1.00 12.16 ? 40  THR A CG2 1 
ATOM   326  N  N   . ARG A 1 41  ? 1.566   5.907   -9.876  1.00 13.31 ? 41  ARG A N   1 
ATOM   327  C  CA  . ARG A 1 41  ? 2.208   5.170   -10.986 1.00 17.76 ? 41  ARG A CA  1 
ATOM   328  C  C   . ARG A 1 41  ? 3.580   4.598   -10.677 1.00 18.02 ? 41  ARG A C   1 
ATOM   329  O  O   . ARG A 1 41  ? 4.208   3.984   -11.546 1.00 19.77 ? 41  ARG A O   1 
ATOM   330  C  CB  . ARG A 1 41  ? 2.226   6.033   -12.264 1.00 18.88 ? 41  ARG A CB  1 
ATOM   331  C  CG  . ARG A 1 41  ? 3.359   7.024   -12.361 1.00 21.22 ? 41  ARG A CG  1 
ATOM   332  C  CD  . ARG A 1 41  ? 3.495   7.740   -13.660 1.00 25.62 ? 41  ARG A CD  1 
ATOM   333  N  NE  . ARG A 1 41  ? 3.255   7.007   -14.867 1.00 28.51 ? 41  ARG A NE  1 
ATOM   334  C  CZ  . ARG A 1 41  ? 4.035   6.295   -15.667 1.00 30.38 ? 41  ARG A CZ  1 
ATOM   335  N  NH1 . ARG A 1 41  ? 5.345   6.089   -15.476 1.00 31.22 ? 41  ARG A NH1 1 
ATOM   336  N  NH2 . ARG A 1 41  ? 3.523   5.755   -16.788 1.00 30.34 ? 41  ARG A NH2 1 
ATOM   337  N  N   . ALA A 1 42  ? 4.026   4.758   -9.461  1.00 19.21 ? 42  ALA A N   1 
ATOM   338  C  CA  . ALA A 1 42  ? 5.326   4.319   -8.961  1.00 18.68 ? 42  ALA A CA  1 
ATOM   339  C  C   . ALA A 1 42  ? 5.492   2.815   -9.068  1.00 18.05 ? 42  ALA A C   1 
ATOM   340  O  O   . ALA A 1 42  ? 4.593   2.037   -8.726  1.00 17.12 ? 42  ALA A O   1 
ATOM   341  C  CB  . ALA A 1 42  ? 5.452   4.736   -7.480  1.00 19.72 ? 42  ALA A CB  1 
ATOM   342  N  N   . THR A 1 43  ? 6.691   2.424   -9.525  1.00 18.08 ? 43  THR A N   1 
ATOM   343  C  CA  . THR A 1 43  ? 7.058   1.017   -9.659  1.00 18.30 ? 43  THR A CA  1 
ATOM   344  C  C   . THR A 1 43  ? 8.536   0.926   -9.232  1.00 18.52 ? 43  THR A C   1 
ATOM   345  O  O   . THR A 1 43  ? 9.333   1.874   -9.377  1.00 19.10 ? 43  THR A O   1 
ATOM   346  C  CB  . THR A 1 43  ? 6.810   0.323   -11.041 1.00 20.06 ? 43  THR A CB  1 
ATOM   347  O  OG1 . THR A 1 43  ? 7.651   1.051   -12.012 1.00 21.56 ? 43  THR A OG1 1 
ATOM   348  C  CG2 . THR A 1 43  ? 5.369   0.202   -11.526 1.00 21.35 ? 43  THR A CG2 1 
ATOM   349  N  N   . ASN A 1 44  ? 8.845   -0.212  -8.657  1.00 17.94 ? 44  ASN A N   1 
ATOM   350  C  CA  . ASN A 1 44  ? 10.248  -0.444  -8.180  1.00 18.30 ? 44  ASN A CA  1 
ATOM   351  C  C   . ASN A 1 44  ? 10.533  -1.920  -8.398  1.00 17.47 ? 44  ASN A C   1 
ATOM   352  O  O   . ASN A 1 44  ? 9.850   -2.785  -7.849  1.00 15.84 ? 44  ASN A O   1 
ATOM   353  C  CB  . ASN A 1 44  ? 10.390  -0.035  -6.704  1.00 20.65 ? 44  ASN A CB  1 
ATOM   354  C  CG  . ASN A 1 44  ? 11.707  -0.600  -6.158  1.00 22.95 ? 44  ASN A CG  1 
ATOM   355  O  OD1 . ASN A 1 44  ? 12.760  -0.039  -6.512  1.00 24.72 ? 44  ASN A OD1 1 
ATOM   356  N  ND2 . ASN A 1 44  ? 11.691  -1.655  -5.350  1.00 22.49 ? 44  ASN A ND2 1 
ATOM   357  N  N   . TYR A 1 45  ? 11.544  -2.227  -9.221  1.00 18.43 ? 45  TYR A N   1 
ATOM   358  C  CA  . TYR A 1 45  ? 11.880  -3.649  -9.449  1.00 19.01 ? 45  TYR A CA  1 
ATOM   359  C  C   . TYR A 1 45  ? 12.924  -4.043  -8.406  1.00 19.51 ? 45  TYR A C   1 
ATOM   360  O  O   . TYR A 1 45  ? 13.859  -3.270  -8.152  1.00 20.72 ? 45  TYR A O   1 
ATOM   361  C  CB  . TYR A 1 45  ? 12.320  -3.817  -10.914 1.00 18.75 ? 45  TYR A CB  1 
ATOM   362  C  CG  . TYR A 1 45  ? 12.830  -5.200  -11.230 1.00 19.05 ? 45  TYR A CG  1 
ATOM   363  C  CD1 . TYR A 1 45  ? 12.000  -6.306  -11.194 1.00 19.34 ? 45  TYR A CD1 1 
ATOM   364  C  CD2 . TYR A 1 45  ? 14.195  -5.373  -11.517 1.00 19.80 ? 45  TYR A CD2 1 
ATOM   365  C  CE1 . TYR A 1 45  ? 12.462  -7.587  -11.465 1.00 21.04 ? 45  TYR A CE1 1 
ATOM   366  C  CE2 . TYR A 1 45  ? 14.681  -6.658  -11.809 1.00 20.14 ? 45  TYR A CE2 1 
ATOM   367  C  CZ  . TYR A 1 45  ? 13.817  -7.740  -11.785 1.00 20.66 ? 45  TYR A CZ  1 
ATOM   368  O  OH  . TYR A 1 45  ? 14.264  -9.000  -12.047 1.00 23.26 ? 45  TYR A OH  1 
ATOM   369  N  N   . ASN A 1 46  ? 12.751  -5.186  -7.786  1.00 19.31 ? 46  ASN A N   1 
ATOM   370  C  CA  . ASN A 1 46  ? 13.714  -5.683  -6.767  1.00 19.94 ? 46  ASN A CA  1 
ATOM   371  C  C   . ASN A 1 46  ? 14.622  -6.680  -7.522  1.00 20.39 ? 46  ASN A C   1 
ATOM   372  O  O   . ASN A 1 46  ? 14.251  -7.859  -7.600  1.00 20.45 ? 46  ASN A O   1 
ATOM   373  C  CB  . ASN A 1 46  ? 12.932  -6.273  -5.608  1.00 20.85 ? 46  ASN A CB  1 
ATOM   374  C  CG  . ASN A 1 46  ? 12.130  -5.198  -4.897  1.00 22.80 ? 46  ASN A CG  1 
ATOM   375  O  OD1 . ASN A 1 46  ? 12.767  -4.272  -4.367  1.00 22.55 ? 46  ASN A OD1 1 
ATOM   376  N  ND2 . ASN A 1 46  ? 10.803  -5.309  -4.956  1.00 24.03 ? 46  ASN A ND2 1 
ATOM   377  N  N   . ALA A 1 47  ? 15.733  -6.179  -8.053  1.00 20.76 ? 47  ALA A N   1 
ATOM   378  C  CA  . ALA A 1 47  ? 16.622  -7.059  -8.848  1.00 22.01 ? 47  ALA A CA  1 
ATOM   379  C  C   . ALA A 1 47  ? 17.084  -8.274  -8.052  1.00 22.82 ? 47  ALA A C   1 
ATOM   380  O  O   . ALA A 1 47  ? 17.276  -9.350  -8.635  1.00 23.02 ? 47  ALA A O   1 
ATOM   381  C  CB  . ALA A 1 47  ? 17.801  -6.312  -9.455  1.00 22.46 ? 47  ALA A CB  1 
ATOM   382  N  N   . GLY A 1 48  ? 17.242  -8.061  -6.758  1.00 23.28 ? 48  GLY A N   1 
ATOM   383  C  CA  . GLY A 1 48  ? 17.672  -9.055  -5.794  1.00 24.17 ? 48  GLY A CA  1 
ATOM   384  C  C   . GLY A 1 48  ? 16.794  -10.283 -5.734  1.00 24.01 ? 48  GLY A C   1 
ATOM   385  O  O   . GLY A 1 48  ? 17.295  -11.407 -5.485  1.00 24.35 ? 48  GLY A O   1 
ATOM   386  N  N   . ASP A 1 49  ? 15.494  -10.137 -5.927  1.00 23.60 ? 49  ASP A N   1 
ATOM   387  C  CA  . ASP A 1 49  ? 14.595  -11.295 -5.840  1.00 23.17 ? 49  ASP A CA  1 
ATOM   388  C  C   . ASP A 1 49  ? 13.563  -11.399 -6.952  1.00 22.53 ? 49  ASP A C   1 
ATOM   389  O  O   . ASP A 1 49  ? 12.699  -12.284 -6.873  1.00 22.45 ? 49  ASP A O   1 
ATOM   390  C  CB  . ASP A 1 49  ? 14.036  -11.366 -4.424  1.00 25.93 ? 49  ASP A CB  1 
ATOM   391  C  CG  . ASP A 1 49  ? 12.799  -10.523 -4.214  1.00 27.06 ? 49  ASP A CG  1 
ATOM   392  O  OD1 . ASP A 1 49  ? 12.454  -9.679  -5.033  1.00 27.08 ? 49  ASP A OD1 1 
ATOM   393  O  OD2 . ASP A 1 49  ? 12.129  -10.813 -3.201  1.00 30.62 ? 49  ASP A OD2 1 
ATOM   394  N  N   . ARG A 1 50  ? 13.674  -10.556 -7.942  1.00 21.89 ? 50  ARG A N   1 
ATOM   395  C  CA  . ARG A 1 50  ? 12.854  -10.527 -9.145  1.00 21.45 ? 50  ARG A CA  1 
ATOM   396  C  C   . ARG A 1 50  ? 11.374  -10.251 -8.945  1.00 21.19 ? 50  ARG A C   1 
ATOM   397  O  O   . ARG A 1 50  ? 10.534  -10.596 -9.797  1.00 22.95 ? 50  ARG A O   1 
ATOM   398  C  CB  . ARG A 1 50  ? 13.098  -11.823 -9.959  1.00 24.23 ? 50  ARG A CB  1 
ATOM   399  C  CG  . ARG A 1 50  ? 14.559  -12.047 -10.392 1.00 26.81 ? 50  ARG A CG  1 
ATOM   400  C  CD  . ARG A 1 50  ? 14.699  -13.435 -10.905 1.00 29.89 ? 50  ARG A CD  1 
ATOM   401  N  NE  . ARG A 1 50  ? 15.897  -13.862 -11.548 1.00 33.95 ? 50  ARG A NE  1 
ATOM   402  C  CZ  . ARG A 1 50  ? 16.444  -13.591 -12.718 1.00 35.01 ? 50  ARG A CZ  1 
ATOM   403  N  NH1 . ARG A 1 50  ? 15.882  -12.721 -13.574 1.00 37.60 ? 50  ARG A NH1 1 
ATOM   404  N  NH2 . ARG A 1 50  ? 17.566  -14.212 -13.111 1.00 35.05 ? 50  ARG A NH2 1 
ATOM   405  N  N   . SER A 1 51  ? 11.064  -9.550  -7.864  1.00 18.85 ? 51  SER A N   1 
ATOM   406  C  CA  . SER A 1 51  ? 9.637   -9.168  -7.616  1.00 16.75 ? 51  SER A CA  1 
ATOM   407  C  C   . SER A 1 51  ? 9.576   -7.671  -7.904  1.00 14.99 ? 51  SER A C   1 
ATOM   408  O  O   . SER A 1 51  ? 10.629  -6.997  -7.997  1.00 14.30 ? 51  SER A O   1 
ATOM   409  C  CB  . SER A 1 51  ? 9.220   -9.507  -6.197  1.00 15.07 ? 51  SER A CB  1 
ATOM   410  O  OG  . SER A 1 51  ? 9.974   -8.711  -5.279  1.00 15.28 ? 51  SER A OG  1 
ATOM   411  N  N   . THR A 1 52  ? 8.330   -7.135  -8.044  1.00 13.21 ? 52  THR A N   1 
ATOM   412  C  CA  . THR A 1 52  ? 8.161   -5.709  -8.291  1.00 10.79 ? 52  THR A CA  1 
ATOM   413  C  C   . THR A 1 52  ? 7.125   -5.100  -7.269  1.00 10.85 ? 52  THR A C   1 
ATOM   414  O  O   . THR A 1 52  ? 6.201   -5.874  -7.002  1.00 11.26 ? 52  THR A O   1 
ATOM   415  C  CB  . THR A 1 52  ? 7.637   -5.356  -9.741  1.00 12.27 ? 52  THR A CB  1 
ATOM   416  O  OG1 . THR A 1 52  ? 8.663   -5.937  -10.625 1.00 15.49 ? 52  THR A OG1 1 
ATOM   417  C  CG2 . THR A 1 52  ? 7.424   -3.878  -10.065 1.00 11.18 ? 52  THR A CG2 1 
ATOM   418  N  N   . ASP A 1 53  ? 7.388   -3.886  -6.898  1.00 10.99 ? 53  ASP A N   1 
ATOM   419  C  CA  . ASP A 1 53  ? 6.524   -3.105  -5.983  1.00 10.95 ? 53  ASP A CA  1 
ATOM   420  C  C   . ASP A 1 53  ? 5.685   -2.131  -6.874  1.00 11.93 ? 53  ASP A C   1 
ATOM   421  O  O   . ASP A 1 53  ? 6.265   -1.371  -7.635  1.00 11.59 ? 53  ASP A O   1 
ATOM   422  C  CB  . ASP A 1 53  ? 7.233   -2.291  -4.928  1.00 13.37 ? 53  ASP A CB  1 
ATOM   423  C  CG  . ASP A 1 53  ? 8.175   -3.229  -4.116  1.00 14.11 ? 53  ASP A CG  1 
ATOM   424  O  OD1 . ASP A 1 53  ? 7.769   -4.338  -3.826  1.00 16.44 ? 53  ASP A OD1 1 
ATOM   425  O  OD2 . ASP A 1 53  ? 9.275   -2.721  -3.956  1.00 16.97 ? 53  ASP A OD2 1 
ATOM   426  N  N   . TYR A 1 54  ? 4.371   -2.094  -6.650  1.00 11.06 ? 54  TYR A N   1 
ATOM   427  C  CA  . TYR A 1 54  ? 3.472   -1.277  -7.439  1.00 10.18 ? 54  TYR A CA  1 
ATOM   428  C  C   . TYR A 1 54  ? 2.607   -0.264  -6.735  1.00 10.46 ? 54  TYR A C   1 
ATOM   429  O  O   . TYR A 1 54  ? 2.021   -0.581  -5.683  1.00 10.52 ? 54  TYR A O   1 
ATOM   430  C  CB  . TYR A 1 54  ? 2.503   -2.282  -8.129  1.00 9.02  ? 54  TYR A CB  1 
ATOM   431  C  CG  . TYR A 1 54  ? 3.140   -3.183  -9.145  1.00 11.52 ? 54  TYR A CG  1 
ATOM   432  C  CD1 . TYR A 1 54  ? 3.211   -2.796  -10.497 1.00 12.02 ? 54  TYR A CD1 1 
ATOM   433  C  CD2 . TYR A 1 54  ? 3.647   -4.426  -8.796  1.00 13.14 ? 54  TYR A CD2 1 
ATOM   434  C  CE1 . TYR A 1 54  ? 3.796   -3.630  -11.458 1.00 12.93 ? 54  TYR A CE1 1 
ATOM   435  C  CE2 . TYR A 1 54  ? 4.235   -5.281  -9.749  1.00 13.86 ? 54  TYR A CE2 1 
ATOM   436  C  CZ  . TYR A 1 54  ? 4.286   -4.861  -11.085 1.00 13.74 ? 54  TYR A CZ  1 
ATOM   437  O  OH  . TYR A 1 54  ? 4.892   -5.716  -11.973 1.00 12.38 ? 54  TYR A OH  1 
ATOM   438  N  N   . GLY A 1 55  ? 2.503   0.894   -7.322  1.00 11.53 ? 55  GLY A N   1 
ATOM   439  C  CA  . GLY A 1 55  ? 1.574   1.947   -6.863  1.00 11.53 ? 55  GLY A CA  1 
ATOM   440  C  C   . GLY A 1 55  ? 1.944   2.736   -5.648  1.00 11.52 ? 55  GLY A C   1 
ATOM   441  O  O   . GLY A 1 55  ? 3.069   2.695   -5.108  1.00 10.48 ? 55  GLY A O   1 
ATOM   442  N  N   . ILE A 1 56  ? 0.945   3.492   -5.158  1.00 9.66  ? 56  ILE A N   1 
ATOM   443  C  CA  . ILE A 1 56  ? 1.063   4.400   -4.039  1.00 9.36  ? 56  ILE A CA  1 
ATOM   444  C  C   . ILE A 1 56  ? 1.495   3.724   -2.740  1.00 7.82  ? 56  ILE A C   1 
ATOM   445  O  O   . ILE A 1 56  ? 2.139   4.455   -1.998  1.00 10.57 ? 56  ILE A O   1 
ATOM   446  C  CB  . ILE A 1 56  ? -0.321  5.174   -3.935  1.00 9.58  ? 56  ILE A CB  1 
ATOM   447  C  CG1 . ILE A 1 56  ? -0.125  6.516   -3.262  1.00 11.87 ? 56  ILE A CG1 1 
ATOM   448  C  CG2 . ILE A 1 56  ? -1.458  4.286   -3.400  1.00 9.50  ? 56  ILE A CG2 1 
ATOM   449  C  CD1 . ILE A 1 56  ? -1.294  7.536   -3.403  1.00 14.42 ? 56  ILE A CD1 1 
ATOM   450  N  N   . PHE A 1 57  ? 1.106   2.472   -2.630  1.00 9.11  ? 57  PHE A N   1 
ATOM   451  C  CA  . PHE A 1 57  ? 1.493   1.746   -1.385  1.00 10.39 ? 57  PHE A CA  1 
ATOM   452  C  C   . PHE A 1 57  ? 2.679   0.791   -1.630  1.00 11.37 ? 57  PHE A C   1 
ATOM   453  O  O   . PHE A 1 57  ? 3.122   0.115   -0.667  1.00 10.52 ? 57  PHE A O   1 
ATOM   454  C  CB  . PHE A 1 57  ? 0.333   0.985   -0.782  1.00 13.60 ? 57  PHE A CB  1 
ATOM   455  C  CG  . PHE A 1 57  ? -0.836  1.854   -0.349  1.00 14.41 ? 57  PHE A CG  1 
ATOM   456  C  CD1 . PHE A 1 57  ? -0.665  2.828   0.614   1.00 16.32 ? 57  PHE A CD1 1 
ATOM   457  C  CD2 . PHE A 1 57  ? -2.084  1.623   -0.939  1.00 15.66 ? 57  PHE A CD2 1 
ATOM   458  C  CE1 . PHE A 1 57  ? -1.770  3.594   1.059   1.00 16.18 ? 57  PHE A CE1 1 
ATOM   459  C  CE2 . PHE A 1 57  ? -3.176  2.396   -0.554  1.00 17.14 ? 57  PHE A CE2 1 
ATOM   460  C  CZ  . PHE A 1 57  ? -3.007  3.379   0.416   1.00 16.41 ? 57  PHE A CZ  1 
ATOM   461  N  N   . GLN A 1 58  ? 3.174   0.735   -2.840  1.00 10.39 ? 58  GLN A N   1 
ATOM   462  C  CA  . GLN A 1 58  ? 4.309   -0.158  -3.191  1.00 11.85 ? 58  GLN A CA  1 
ATOM   463  C  C   . GLN A 1 58  ? 4.079   -1.595  -2.778  1.00 11.40 ? 58  GLN A C   1 
ATOM   464  O  O   . GLN A 1 58  ? 4.874   -2.234  -2.003  1.00 10.90 ? 58  GLN A O   1 
ATOM   465  C  CB  . GLN A 1 58  ? 5.647   0.409   -2.709  1.00 11.97 ? 58  GLN A CB  1 
ATOM   466  C  CG  . GLN A 1 58  ? 6.010   1.739   -3.377  1.00 13.08 ? 58  GLN A CG  1 
ATOM   467  C  CD  . GLN A 1 58  ? 6.478   1.495   -4.804  1.00 15.26 ? 58  GLN A CD  1 
ATOM   468  O  OE1 . GLN A 1 58  ? 7.660   1.159   -4.991  1.00 17.44 ? 58  GLN A OE1 1 
ATOM   469  N  NE2 . GLN A 1 58  ? 5.593   1.608   -5.776  1.00 14.61 ? 58  GLN A NE2 1 
ATOM   470  N  N   . ILE A 1 59  ? 2.956   -2.140  -3.206  1.00 11.25 ? 59  ILE A N   1 
ATOM   471  C  CA  . ILE A 1 59  ? 2.527   -3.509  -2.930  1.00 12.55 ? 59  ILE A CA  1 
ATOM   472  C  C   . ILE A 1 59  ? 3.362   -4.488  -3.768  1.00 12.91 ? 59  ILE A C   1 
ATOM   473  O  O   . ILE A 1 59  ? 3.475   -4.291  -5.004  1.00 12.42 ? 59  ILE A O   1 
ATOM   474  C  CB  . ILE A 1 59  ? 0.986   -3.642  -3.112  1.00 12.24 ? 59  ILE A CB  1 
ATOM   475  C  CG1 . ILE A 1 59  ? 0.291   -2.821  -1.964  1.00 14.32 ? 59  ILE A CG1 1 
ATOM   476  C  CG2 . ILE A 1 59  ? 0.543   -5.093  -3.158  1.00 12.89 ? 59  ILE A CG2 1 
ATOM   477  C  CD1 . ILE A 1 59  ? -1.246  -2.757  -2.214  1.00 15.43 ? 59  ILE A CD1 1 
ATOM   478  N  N   . ASN A 1 60  ? 3.877   -5.495  -3.103  1.00 12.06 ? 60  ASN A N   1 
ATOM   479  C  CA  . ASN A 1 60  ? 4.777   -6.449  -3.799  1.00 12.56 ? 60  ASN A CA  1 
ATOM   480  C  C   . ASN A 1 60  ? 4.080   -7.588  -4.495  1.00 12.57 ? 60  ASN A C   1 
ATOM   481  O  O   . ASN A 1 60  ? 3.147   -8.227  -4.035  1.00 12.22 ? 60  ASN A O   1 
ATOM   482  C  CB  . ASN A 1 60  ? 5.858   -6.861  -2.799  1.00 12.09 ? 60  ASN A CB  1 
ATOM   483  C  CG  . ASN A 1 60  ? 6.875   -7.806  -3.410  1.00 11.11 ? 60  ASN A CG  1 
ATOM   484  O  OD1 . ASN A 1 60  ? 6.619   -9.015  -3.432  1.00 13.03 ? 60  ASN A OD1 1 
ATOM   485  N  ND2 . ASN A 1 60  ? 7.978   -7.194  -3.847  1.00 14.74 ? 60  ASN A ND2 1 
ATOM   486  N  N   . SER A 1 61  ? 4.594   -7.877  -5.707  1.00 12.88 ? 61  SER A N   1 
ATOM   487  C  CA  . SER A 1 61  ? 4.057   -8.910  -6.566  1.00 13.76 ? 61  SER A CA  1 
ATOM   488  C  C   . SER A 1 61  ? 4.207   -10.358 -6.151  1.00 13.05 ? 61  SER A C   1 
ATOM   489  O  O   . SER A 1 61  ? 3.452   -11.186 -6.680  1.00 14.27 ? 61  SER A O   1 
ATOM   490  C  CB  . SER A 1 61  ? 4.610   -8.686  -8.020  1.00 13.53 ? 61  SER A CB  1 
ATOM   491  O  OG  . SER A 1 61  ? 6.013   -8.873  -7.882  1.00 14.35 ? 61  SER A OG  1 
ATOM   492  N  N   . ARG A 1 62  ? 5.082   -10.684 -5.194  1.00 13.94 ? 62  ARG A N   1 
ATOM   493  C  CA  . ARG A 1 62  ? 5.239   -12.112 -4.831  1.00 14.67 ? 62  ARG A CA  1 
ATOM   494  C  C   . ARG A 1 62  ? 3.999   -12.724 -4.230  1.00 15.17 ? 62  ARG A C   1 
ATOM   495  O  O   . ARG A 1 62  ? 3.664   -13.925 -4.450  1.00 15.46 ? 62  ARG A O   1 
ATOM   496  C  CB  . ARG A 1 62  ? 6.495   -12.296 -3.980  1.00 17.44 ? 62  ARG A CB  1 
ATOM   497  C  CG  . ARG A 1 62  ? 6.690   -13.717 -3.457  1.00 19.68 ? 62  ARG A CG  1 
ATOM   498  C  CD  . ARG A 1 62  ? 8.114   -13.955 -3.036  1.00 22.08 ? 62  ARG A CD  1 
ATOM   499  N  NE  . ARG A 1 62  ? 8.913   -14.147 -4.257  1.00 23.98 ? 62  ARG A NE  1 
ATOM   500  C  CZ  . ARG A 1 62  ? 9.890   -13.332 -4.649  1.00 24.94 ? 62  ARG A CZ  1 
ATOM   501  N  NH1 . ARG A 1 62  ? 10.258  -12.304 -3.872  1.00 26.94 ? 62  ARG A NH1 1 
ATOM   502  N  NH2 . ARG A 1 62  ? 10.455  -13.512 -5.845  1.00 24.68 ? 62  ARG A NH2 1 
ATOM   503  N  N   . TYR A 1 63  ? 3.258   -11.933 -3.438  1.00 15.20 ? 63  TYR A N   1 
ATOM   504  C  CA  . TYR A 1 63  ? 2.038   -12.499 -2.845  1.00 14.77 ? 63  TYR A CA  1 
ATOM   505  C  C   . TYR A 1 63  ? 0.722   -11.816 -3.143  1.00 14.64 ? 63  TYR A C   1 
ATOM   506  O  O   . TYR A 1 63  ? -0.315  -12.456 -2.938  1.00 15.13 ? 63  TYR A O   1 
ATOM   507  C  CB  . TYR A 1 63  ? 2.171   -12.306 -1.262  1.00 16.95 ? 63  TYR A CB  1 
ATOM   508  C  CG  . TYR A 1 63  ? 3.323   -13.111 -0.704  1.00 18.81 ? 63  TYR A CG  1 
ATOM   509  C  CD1 . TYR A 1 63  ? 3.092   -14.438 -0.394  1.00 20.42 ? 63  TYR A CD1 1 
ATOM   510  C  CD2 . TYR A 1 63  ? 4.579   -12.546 -0.507  1.00 19.75 ? 63  TYR A CD2 1 
ATOM   511  C  CE1 . TYR A 1 63  ? 4.138   -15.233 0.109   1.00 22.61 ? 63  TYR A CE1 1 
ATOM   512  C  CE2 . TYR A 1 63  ? 5.635   -13.319 -0.017  1.00 20.57 ? 63  TYR A CE2 1 
ATOM   513  C  CZ  . TYR A 1 63  ? 5.391   -14.653 0.279   1.00 21.83 ? 63  TYR A CZ  1 
ATOM   514  O  OH  . TYR A 1 63  ? 6.357   -15.477 0.803   1.00 23.31 ? 63  TYR A OH  1 
ATOM   515  N  N   . TRP A 1 64  ? 0.790   -10.558 -3.570  1.00 12.92 ? 64  TRP A N   1 
ATOM   516  C  CA  . TRP A 1 64  ? -0.463  -9.785  -3.674  1.00 12.38 ? 64  TRP A CA  1 
ATOM   517  C  C   . TRP A 1 64  ? -1.128  -9.503  -4.969  1.00 12.21 ? 64  TRP A C   1 
ATOM   518  O  O   . TRP A 1 64  ? -2.343  -9.250  -4.968  1.00 12.84 ? 64  TRP A O   1 
ATOM   519  C  CB  . TRP A 1 64  ? -0.225  -8.465  -2.889  1.00 10.34 ? 64  TRP A CB  1 
ATOM   520  C  CG  . TRP A 1 64  ? 0.288   -8.671  -1.505  1.00 11.66 ? 64  TRP A CG  1 
ATOM   521  C  CD1 . TRP A 1 64  ? 1.505   -8.285  -1.068  1.00 11.70 ? 64  TRP A CD1 1 
ATOM   522  C  CD2 . TRP A 1 64  ? -0.389  -9.291  -0.399  1.00 11.95 ? 64  TRP A CD2 1 
ATOM   523  N  NE1 . TRP A 1 64  ? 1.651   -8.673  0.283   1.00 13.79 ? 64  TRP A NE1 1 
ATOM   524  C  CE2 . TRP A 1 64  ? 0.505   -9.288  0.681   1.00 11.51 ? 64  TRP A CE2 1 
ATOM   525  C  CE3 . TRP A 1 64  ? -1.630  -9.920  -0.276  1.00 12.26 ? 64  TRP A CE3 1 
ATOM   526  C  CZ2 . TRP A 1 64  ? 0.181   -9.808  1.935   1.00 11.68 ? 64  TRP A CZ2 1 
ATOM   527  C  CZ3 . TRP A 1 64  ? -1.953  -10.464 0.977   1.00 11.24 ? 64  TRP A CZ3 1 
ATOM   528  C  CH2 . TRP A 1 64  ? -1.072  -10.389 2.046   1.00 11.70 ? 64  TRP A CH2 1 
ATOM   529  N  N   . CYS A 1 65  ? -0.417  -9.520  -6.071  1.00 12.17 ? 65  CYS A N   1 
ATOM   530  C  CA  . CYS A 1 65  ? -1.080  -9.261  -7.367  1.00 11.50 ? 65  CYS A CA  1 
ATOM   531  C  C   . CYS A 1 65  ? -0.333  -10.145 -8.365  1.00 12.83 ? 65  CYS A C   1 
ATOM   532  O  O   . CYS A 1 65  ? 0.754   -10.578 -7.989  1.00 14.61 ? 65  CYS A O   1 
ATOM   533  C  CB  . CYS A 1 65  ? -0.956  -7.799  -7.737  1.00 10.38 ? 65  CYS A CB  1 
ATOM   534  S  SG  . CYS A 1 65  ? 0.652   -7.030  -7.828  1.00 11.16 ? 65  CYS A SG  1 
ATOM   535  N  N   . ASN A 1 66  ? -0.914  -10.285 -9.532  1.00 14.02 ? 66  ASN A N   1 
ATOM   536  C  CA  . ASN A 1 66  ? -0.250  -11.104 -10.582 1.00 14.08 ? 66  ASN A CA  1 
ATOM   537  C  C   . ASN A 1 66  ? 0.321   -10.207 -11.675 1.00 14.35 ? 66  ASN A C   1 
ATOM   538  O  O   . ASN A 1 66  ? -0.384  -9.402  -12.273 1.00 14.24 ? 66  ASN A O   1 
ATOM   539  C  CB  . ASN A 1 66  ? -1.213  -12.177 -11.101 1.00 15.54 ? 66  ASN A CB  1 
ATOM   540  C  CG  . ASN A 1 66  ? -0.527  -13.037 -12.180 1.00 17.37 ? 66  ASN A CG  1 
ATOM   541  O  OD1 . ASN A 1 66  ? 0.559   -13.576 -11.910 1.00 18.81 ? 66  ASN A OD1 1 
ATOM   542  N  ND2 . ASN A 1 66  ? -1.160  -13.104 -13.316 1.00 19.46 ? 66  ASN A ND2 1 
ATOM   543  N  N   . ASP A 1 67  ? 1.625   -10.415 -11.891 1.00 14.93 ? 67  ASP A N   1 
ATOM   544  C  CA  . ASP A 1 67  ? 2.353   -9.733  -12.965 1.00 14.85 ? 67  ASP A CA  1 
ATOM   545  C  C   . ASP A 1 67  ? 2.969   -10.819 -13.884 1.00 17.02 ? 67  ASP A C   1 
ATOM   546  O  O   . ASP A 1 67  ? 3.675   -10.456 -14.828 1.00 16.15 ? 67  ASP A O   1 
ATOM   547  C  CB  . ASP A 1 67  ? 3.350   -8.686  -12.551 1.00 11.25 ? 67  ASP A CB  1 
ATOM   548  C  CG  . ASP A 1 67  ? 4.569   -9.177  -11.781 1.00 11.44 ? 67  ASP A CG  1 
ATOM   549  O  OD1 . ASP A 1 67  ? 4.744   -10.380 -11.551 1.00 14.40 ? 67  ASP A OD1 1 
ATOM   550  O  OD2 . ASP A 1 67  ? 5.353   -8.296  -11.386 1.00 12.56 ? 67  ASP A OD2 1 
ATOM   551  N  N   . GLY A 1 68  ? 2.738   -12.077 -13.604 1.00 18.98 ? 68  GLY A N   1 
ATOM   552  C  CA  . GLY A 1 68  ? 3.294   -13.163 -14.416 1.00 22.71 ? 68  GLY A CA  1 
ATOM   553  C  C   . GLY A 1 68  ? 4.819   -13.277 -14.289 1.00 25.54 ? 68  GLY A C   1 
ATOM   554  O  O   . GLY A 1 68  ? 5.352   -14.410 -14.381 1.00 26.18 ? 68  GLY A O   1 
ATOM   555  N  N   . LYS A 1 69  ? 5.516   -12.190 -14.048 1.00 27.24 ? 69  LYS A N   1 
ATOM   556  C  CA  . LYS A 1 69  ? 6.967   -12.181 -13.907 1.00 29.91 ? 69  LYS A CA  1 
ATOM   557  C  C   . LYS A 1 69  ? 7.420   -11.947 -12.464 1.00 30.62 ? 69  LYS A C   1 
ATOM   558  O  O   . LYS A 1 69  ? 7.855   -10.868 -12.030 1.00 32.81 ? 69  LYS A O   1 
ATOM   559  C  CB  . LYS A 1 69  ? 7.683   -11.207 -14.830 1.00 29.44 ? 69  LYS A CB  1 
ATOM   560  C  CG  . LYS A 1 69  ? 7.477   -9.737  -14.507 1.00 30.79 ? 69  LYS A CG  1 
ATOM   561  C  CD  . LYS A 1 69  ? 8.440   -8.823  -15.209 1.00 31.90 ? 69  LYS A CD  1 
ATOM   562  C  CE  . LYS A 1 69  ? 8.477   -7.415  -14.690 1.00 33.01 ? 69  LYS A CE  1 
ATOM   563  N  NZ  . LYS A 1 69  ? 7.155   -6.999  -14.140 1.00 35.36 ? 69  LYS A NZ  1 
ATOM   564  N  N   . THR A 1 70  ? 7.342   -13.005 -11.705 1.00 30.64 ? 70  THR A N   1 
ATOM   565  C  CA  . THR A 1 70  ? 7.778   -13.064 -10.297 1.00 30.36 ? 70  THR A CA  1 
ATOM   566  C  C   . THR A 1 70  ? 7.932   -14.592 -10.098 1.00 33.59 ? 70  THR A C   1 
ATOM   567  O  O   . THR A 1 70  ? 6.921   -15.292 -10.199 1.00 33.11 ? 70  THR A O   1 
ATOM   568  C  CB  . THR A 1 70  ? 6.931   -12.303 -9.238  1.00 28.21 ? 70  THR A CB  1 
ATOM   569  O  OG1 . THR A 1 70  ? 6.708   -10.922 -9.708  1.00 20.23 ? 70  THR A OG1 1 
ATOM   570  C  CG2 . THR A 1 70  ? 7.615   -12.289 -7.846  1.00 25.54 ? 70  THR A CG2 1 
ATOM   571  N  N   . PRO A 1 71  ? 9.180   -14.994 -9.931  1.00 35.50 ? 71  PRO A N   1 
ATOM   572  C  CA  . PRO A 1 71  ? 9.571   -16.385 -9.793  1.00 38.21 ? 71  PRO A CA  1 
ATOM   573  C  C   . PRO A 1 71  ? 9.279   -17.044 -8.466  1.00 40.76 ? 71  PRO A C   1 
ATOM   574  O  O   . PRO A 1 71  ? 8.188   -17.623 -8.313  1.00 42.57 ? 71  PRO A O   1 
ATOM   575  C  CB  . PRO A 1 71  ? 11.095  -16.377 -10.058 1.00 37.36 ? 71  PRO A CB  1 
ATOM   576  C  CG  . PRO A 1 71  ? 11.495  -15.042 -9.474  1.00 37.33 ? 71  PRO A CG  1 
ATOM   577  C  CD  . PRO A 1 71  ? 10.353  -14.099 -9.863  1.00 36.21 ? 71  PRO A CD  1 
ATOM   578  N  N   . GLY A 1 72  ? 10.256  -16.972 -7.581  1.00 42.29 ? 72  GLY A N   1 
ATOM   579  C  CA  . GLY A 1 72  ? 10.204  -17.558 -6.241  1.00 43.60 ? 72  GLY A CA  1 
ATOM   580  C  C   . GLY A 1 72  ? 8.772   -17.518 -5.703  1.00 43.85 ? 72  GLY A C   1 
ATOM   581  O  O   . GLY A 1 72  ? 8.432   -16.600 -4.941  1.00 44.46 ? 72  GLY A O   1 
ATOM   582  N  N   . ALA A 1 73  ? 8.017   -18.528 -6.121  1.00 43.59 ? 73  ALA A N   1 
ATOM   583  C  CA  . ALA A 1 73  ? 6.615   -18.658 -5.720  1.00 43.00 ? 73  ALA A CA  1 
ATOM   584  C  C   . ALA A 1 73  ? 6.027   -20.032 -6.038  1.00 42.36 ? 73  ALA A C   1 
ATOM   585  O  O   . ALA A 1 73  ? 6.036   -20.563 -7.158  1.00 42.85 ? 73  ALA A O   1 
ATOM   586  C  CB  . ALA A 1 73  ? 5.802   -17.541 -6.373  1.00 42.67 ? 73  ALA A CB  1 
ATOM   587  N  N   . VAL A 1 74  ? 5.491   -20.577 -4.974  1.00 41.19 ? 74  VAL A N   1 
ATOM   588  C  CA  . VAL A 1 74  ? 4.783   -21.880 -4.914  1.00 40.00 ? 74  VAL A CA  1 
ATOM   589  C  C   . VAL A 1 74  ? 3.359   -21.409 -4.577  1.00 38.56 ? 74  VAL A C   1 
ATOM   590  O  O   . VAL A 1 74  ? 3.095   -21.020 -3.432  1.00 39.16 ? 74  VAL A O   1 
ATOM   591  C  CB  . VAL A 1 74  ? 5.476   -22.816 -3.932  1.00 40.58 ? 74  VAL A CB  1 
ATOM   592  C  CG1 . VAL A 1 74  ? 6.393   -22.100 -2.933  1.00 41.10 ? 74  VAL A CG1 1 
ATOM   593  C  CG2 . VAL A 1 74  ? 4.502   -23.710 -3.172  1.00 40.39 ? 74  VAL A CG2 1 
ATOM   594  N  N   . CYS A 1 75  A 2.531   -21.372 -5.590  1.00 36.62 ? 74  CYS A N   1 
ATOM   595  C  CA  . CYS A 1 75  A 1.167   -20.856 -5.469  1.00 35.31 ? 74  CYS A CA  1 
ATOM   596  C  C   . CYS A 1 75  A 0.080   -21.828 -5.064  1.00 35.42 ? 74  CYS A C   1 
ATOM   597  O  O   . CYS A 1 75  A -0.350  -22.669 -5.871  1.00 36.60 ? 74  CYS A O   1 
ATOM   598  C  CB  . CYS A 1 75  A 0.847   -20.147 -6.804  1.00 31.58 ? 74  CYS A CB  1 
ATOM   599  S  SG  . CYS A 1 75  A 2.197   -19.055 -7.324  1.00 28.77 ? 74  CYS A SG  1 
ATOM   600  N  N   . ARG A 1 76  B -0.374  -21.678 -3.832  1.00 35.09 ? 74  ARG A N   1 
ATOM   601  C  CA  . ARG A 1 76  B -1.442  -22.529 -3.260  1.00 35.01 ? 74  ARG A CA  1 
ATOM   602  C  C   . ARG A 1 76  B -2.746  -21.730 -3.295  1.00 33.87 ? 74  ARG A C   1 
ATOM   603  O  O   . ARG A 1 76  B -2.860  -20.712 -2.594  1.00 33.62 ? 74  ARG A O   1 
ATOM   604  C  CB  . ARG A 1 76  B -1.088  -22.971 -1.843  1.00 36.42 ? 74  ARG A CB  1 
ATOM   605  C  CG  . ARG A 1 76  B -2.231  -23.538 -1.002  1.00 39.11 ? 74  ARG A CG  1 
ATOM   606  C  CD  . ARG A 1 76  B -2.361  -25.011 -1.118  1.00 41.08 ? 74  ARG A CD  1 
ATOM   607  N  NE  . ARG A 1 76  B -3.433  -25.488 -1.970  1.00 43.61 ? 74  ARG A NE  1 
ATOM   608  C  CZ  . ARG A 1 76  B -3.314  -26.473 -2.863  1.00 44.57 ? 74  ARG A CZ  1 
ATOM   609  N  NH1 . ARG A 1 76  B -2.144  -27.082 -3.079  1.00 45.83 ? 74  ARG A NH1 1 
ATOM   610  N  NH2 . ARG A 1 76  B -4.385  -26.896 -3.539  1.00 45.20 ? 74  ARG A NH2 1 
ATOM   611  N  N   . GLY A 1 77  C -3.676  -22.175 -4.119  1.00 33.26 ? 74  GLY A N   1 
ATOM   612  C  CA  . GLY A 1 77  C -4.976  -21.456 -4.240  1.00 32.15 ? 74  GLY A CA  1 
ATOM   613  C  C   . GLY A 1 77  C -4.721  -20.051 -4.798  1.00 30.69 ? 74  GLY A C   1 
ATOM   614  O  O   . GLY A 1 77  C -4.348  -19.900 -5.985  1.00 30.90 ? 74  GLY A O   1 
ATOM   615  N  N   . ASP A 1 78  D -4.898  -19.055 -3.928  1.00 29.34 ? 74  ASP A N   1 
ATOM   616  C  CA  . ASP A 1 78  D -4.683  -17.653 -4.364  1.00 27.37 ? 74  ASP A CA  1 
ATOM   617  C  C   . ASP A 1 78  D -3.432  -17.058 -3.733  1.00 25.44 ? 74  ASP A C   1 
ATOM   618  O  O   . ASP A 1 78  D -3.218  -15.846 -3.800  1.00 24.17 ? 74  ASP A O   1 
ATOM   619  C  CB  . ASP A 1 78  D -5.949  -16.824 -4.107  1.00 29.27 ? 74  ASP A CB  1 
ATOM   620  C  CG  . ASP A 1 78  D -6.368  -16.693 -2.664  1.00 30.71 ? 74  ASP A CG  1 
ATOM   621  O  OD1 . ASP A 1 78  D -5.829  -17.436 -1.803  1.00 31.25 ? 74  ASP A OD1 1 
ATOM   622  O  OD2 . ASP A 1 78  D -7.234  -15.836 -2.337  1.00 31.94 ? 74  ASP A OD2 1 
ATOM   623  N  N   . SER A 1 79  E -2.605  -17.904 -3.136  1.00 24.13 ? 74  SER A N   1 
ATOM   624  C  CA  . SER A 1 79  E -1.407  -17.473 -2.428  1.00 23.52 ? 74  SER A CA  1 
ATOM   625  C  C   . SER A 1 79  E -0.443  -16.584 -3.180  1.00 22.93 ? 74  SER A C   1 
ATOM   626  O  O   . SER A 1 79  E 0.321   -15.855 -2.508  1.00 23.21 ? 74  SER A O   1 
ATOM   627  C  CB  . SER A 1 79  E -0.693  -18.659 -1.762  1.00 25.59 ? 74  SER A CB  1 
ATOM   628  O  OG  . SER A 1 79  E 0.034   -19.373 -2.737  1.00 27.50 ? 74  SER A OG  1 
ATOM   629  N  N   . CYS A 1 80  F -0.451  -16.576 -4.503  1.00 21.41 ? 74  CYS A N   1 
ATOM   630  C  CA  . CYS A 1 80  F 0.484   -15.696 -5.217  1.00 20.54 ? 74  CYS A CA  1 
ATOM   631  C  C   . CYS A 1 80  F -0.170  -14.407 -5.691  1.00 19.00 ? 74  CYS A C   1 
ATOM   632  O  O   . CYS A 1 80  F 0.502   -13.514 -6.203  1.00 19.11 ? 74  CYS A O   1 
ATOM   633  C  CB  . CYS A 1 80  F 1.043   -16.456 -6.423  1.00 22.01 ? 74  CYS A CB  1 
ATOM   634  S  SG  . CYS A 1 80  F 2.298   -17.622 -5.855  1.00 26.00 ? 74  CYS A SG  1 
ATOM   635  N  N   . ASN A 1 81  ? -1.479  -14.312 -5.503  1.00 17.19 ? 75  ASN A N   1 
ATOM   636  C  CA  . ASN A 1 81  ? -2.249  -13.138 -5.960  1.00 15.45 ? 75  ASN A CA  1 
ATOM   637  C  C   . ASN A 1 81  ? -3.460  -13.051 -4.992  1.00 14.35 ? 75  ASN A C   1 
ATOM   638  O  O   . ASN A 1 81  ? -4.599  -13.304 -5.436  1.00 15.61 ? 75  ASN A O   1 
ATOM   639  C  CB  . ASN A 1 81  ? -2.697  -13.362 -7.415  1.00 14.11 ? 75  ASN A CB  1 
ATOM   640  C  CG  . ASN A 1 81  ? -3.545  -12.214 -7.937  1.00 16.50 ? 75  ASN A CG  1 
ATOM   641  O  OD1 . ASN A 1 81  ? -3.624  -11.150 -7.299  1.00 15.07 ? 75  ASN A OD1 1 
ATOM   642  N  ND2 . ASN A 1 81  ? -4.150  -12.440 -9.112  1.00 16.77 ? 75  ASN A ND2 1 
ATOM   643  N  N   . ALA A 1 82  ? -3.076  -12.693 -3.782  1.00 14.84 ? 76  ALA A N   1 
ATOM   644  C  CA  . ALA A 1 82  ? -4.103  -12.625 -2.713  1.00 14.13 ? 76  ALA A CA  1 
ATOM   645  C  C   . ALA A 1 82  ? -5.098  -11.513 -2.888  1.00 13.74 ? 76  ALA A C   1 
ATOM   646  O  O   . ALA A 1 82  ? -6.236  -11.691 -2.368  1.00 15.07 ? 76  ALA A O   1 
ATOM   647  C  CB  . ALA A 1 82  ? -3.367  -12.662 -1.378  1.00 14.74 ? 76  ALA A CB  1 
ATOM   648  N  N   . CYS A 1 83  ? -4.755  -10.464 -3.602  1.00 12.72 ? 77  CYS A N   1 
ATOM   649  C  CA  . CYS A 1 83  ? -5.724  -9.374  -3.875  1.00 12.61 ? 77  CYS A CA  1 
ATOM   650  C  C   . CYS A 1 83  ? -6.631  -9.681  -5.076  1.00 13.67 ? 77  CYS A C   1 
ATOM   651  O  O   . CYS A 1 83  ? -7.631  -8.956  -5.293  1.00 14.21 ? 77  CYS A O   1 
ATOM   652  C  CB  . CYS A 1 83  ? -4.999  -8.055  -4.034  1.00 12.09 ? 77  CYS A CB  1 
ATOM   653  S  SG  . CYS A 1 83  ? -4.219  -7.519  -2.466  1.00 12.34 ? 77  CYS A SG  1 
ATOM   654  N  N   . HIS A 1 84  ? -6.308  -10.747 -5.785  1.00 13.07 ? 78  HIS A N   1 
ATOM   655  C  CA  . HIS A 1 84  ? -7.139  -11.089 -6.979  1.00 13.77 ? 78  HIS A CA  1 
ATOM   656  C  C   . HIS A 1 84  ? -7.115  -9.947  -7.974  1.00 13.92 ? 78  HIS A C   1 
ATOM   657  O  O   . HIS A 1 84  ? -8.174  -9.546  -8.504  1.00 15.05 ? 78  HIS A O   1 
ATOM   658  C  CB  . HIS A 1 84  ? -8.599  -11.443 -6.603  1.00 15.42 ? 78  HIS A CB  1 
ATOM   659  C  CG  . HIS A 1 84  ? -8.620  -12.404 -5.458  1.00 17.97 ? 78  HIS A CG  1 
ATOM   660  N  ND1 . HIS A 1 84  ? -9.129  -12.150 -4.217  1.00 20.37 ? 78  HIS A ND1 1 
ATOM   661  C  CD2 . HIS A 1 84  ? -8.099  -13.644 -5.415  1.00 19.72 ? 78  HIS A CD2 1 
ATOM   662  C  CE1 . HIS A 1 84  ? -8.945  -13.221 -3.447  1.00 20.50 ? 78  HIS A CE1 1 
ATOM   663  N  NE2 . HIS A 1 84  ? -8.331  -14.161 -4.152  1.00 21.83 ? 78  HIS A NE2 1 
ATOM   664  N  N   . LEU A 1 85  ? -5.925  -9.453  -8.287  1.00 13.40 ? 79  LEU A N   1 
ATOM   665  C  CA  . LEU A 1 85  ? -5.738  -8.361  -9.232  1.00 14.51 ? 79  LEU A CA  1 
ATOM   666  C  C   . LEU A 1 85  ? -4.471  -8.514  -10.090 1.00 14.10 ? 79  LEU A C   1 
ATOM   667  O  O   . LEU A 1 85  ? -3.433  -9.007  -9.609  1.00 12.68 ? 79  LEU A O   1 
ATOM   668  C  CB  . LEU A 1 85  ? -5.489  -7.057  -8.436  1.00 16.82 ? 79  LEU A CB  1 
ATOM   669  C  CG  . LEU A 1 85  ? -6.571  -6.558  -7.491  1.00 15.75 ? 79  LEU A CG  1 
ATOM   670  C  CD1 . LEU A 1 85  ? -6.043  -5.359  -6.700  1.00 17.45 ? 79  LEU A CD1 1 
ATOM   671  C  CD2 . LEU A 1 85  ? -7.724  -6.080  -8.402  1.00 18.48 ? 79  LEU A CD2 1 
ATOM   672  N  N   . SER A 1 86  ? -4.653  -7.955  -11.287 1.00 13.94 ? 80  SER A N   1 
ATOM   673  C  CA  . SER A 1 86  ? -3.471  -7.867  -12.174 1.00 13.03 ? 80  SER A CA  1 
ATOM   674  C  C   . SER A 1 86  ? -2.689  -6.750  -11.491 1.00 12.86 ? 80  SER A C   1 
ATOM   675  O  O   . SER A 1 86  ? -3.340  -5.798  -10.987 1.00 13.24 ? 80  SER A O   1 
ATOM   676  C  CB  . SER A 1 86  ? -3.884  -7.484  -13.605 1.00 14.11 ? 80  SER A CB  1 
ATOM   677  O  OG  . SER A 1 86  ? -2.779  -6.860  -14.278 1.00 14.81 ? 80  SER A OG  1 
ATOM   678  N  N   . CYS A 1 87  ? -1.370  -6.814  -11.436 1.00 12.38 ? 81  CYS A N   1 
ATOM   679  C  CA  . CYS A 1 87  ? -0.580  -5.726  -10.839 1.00 11.06 ? 81  CYS A CA  1 
ATOM   680  C  C   . CYS A 1 87  ? -0.909  -4.399  -11.521 1.00 11.30 ? 81  CYS A C   1 
ATOM   681  O  O   . CYS A 1 87  ? -0.786  -3.293  -10.944 1.00 11.30 ? 81  CYS A O   1 
ATOM   682  C  CB  . CYS A 1 87  ? 0.914   -5.998  -10.703 1.00 11.57 ? 81  CYS A CB  1 
ATOM   683  S  SG  . CYS A 1 87  ? 1.250   -7.521  -9.754  1.00 11.59 ? 81  CYS A SG  1 
ATOM   684  N  N   . SER A 1 88  ? -1.325  -4.423  -12.770 1.00 11.18 ? 82  SER A N   1 
ATOM   685  C  CA  . SER A 1 88  ? -1.693  -3.211  -13.534 1.00 11.86 ? 82  SER A CA  1 
ATOM   686  C  C   . SER A 1 88  ? -2.741  -2.380  -12.783 1.00 11.62 ? 82  SER A C   1 
ATOM   687  O  O   . SER A 1 88  ? -2.722  -1.138  -12.881 1.00 11.31 ? 82  SER A O   1 
ATOM   688  C  CB  . SER A 1 88  ? -2.243  -3.661  -14.895 1.00 13.08 ? 82  SER A CB  1 
ATOM   689  O  OG  . SER A 1 88  ? -2.601  -2.537  -15.727 1.00 15.32 ? 82  SER A OG  1 
ATOM   690  N  N   . ALA A 1 89  ? -3.606  -3.073  -12.068 1.00 11.01 ? 83  ALA A N   1 
ATOM   691  C  CA  . ALA A 1 89  ? -4.698  -2.412  -11.319 1.00 12.12 ? 83  ALA A CA  1 
ATOM   692  C  C   . ALA A 1 89  ? -4.157  -1.502  -10.227 1.00 12.36 ? 83  ALA A C   1 
ATOM   693  O  O   . ALA A 1 89  ? -4.851  -0.530  -9.901  1.00 13.96 ? 83  ALA A O   1 
ATOM   694  C  CB  . ALA A 1 89  ? -5.708  -3.401  -10.753 1.00 12.99 ? 83  ALA A CB  1 
ATOM   695  N  N   . LEU A 1 90  ? -2.956  -1.757  -9.749  1.00 12.80 ? 84  LEU A N   1 
ATOM   696  C  CA  . LEU A 1 90  ? -2.332  -0.932  -8.698  1.00 12.46 ? 84  LEU A CA  1 
ATOM   697  C  C   . LEU A 1 90  ? -1.624  0.295   -9.218  1.00 12.42 ? 84  LEU A C   1 
ATOM   698  O  O   . LEU A 1 90  ? -0.928  1.035   -8.506  1.00 11.68 ? 84  LEU A O   1 
ATOM   699  C  CB  . LEU A 1 90  ? -1.414  -1.875  -7.882  1.00 10.77 ? 84  LEU A CB  1 
ATOM   700  C  CG  . LEU A 1 90  ? -2.017  -3.118  -7.276  1.00 11.82 ? 84  LEU A CG  1 
ATOM   701  C  CD1 . LEU A 1 90  ? -0.960  -3.836  -6.416  1.00 13.10 ? 84  LEU A CD1 1 
ATOM   702  C  CD2 . LEU A 1 90  ? -3.177  -2.780  -6.353  1.00 12.39 ? 84  LEU A CD2 1 
ATOM   703  N  N   . LEU A 1 91  ? -1.765  0.553   -10.553 1.00 12.16 ? 85  LEU A N   1 
ATOM   704  C  CA  . LEU A 1 91  ? -1.128  1.699   -11.159 1.00 11.36 ? 85  LEU A CA  1 
ATOM   705  C  C   . LEU A 1 91  ? -2.160  2.685   -11.705 1.00 11.83 ? 85  LEU A C   1 
ATOM   706  O  O   . LEU A 1 91  ? -1.723  3.586   -12.442 1.00 14.46 ? 85  LEU A O   1 
ATOM   707  C  CB  . LEU A 1 91  ? -0.150  1.248   -12.302 1.00 10.46 ? 85  LEU A CB  1 
ATOM   708  C  CG  . LEU A 1 91  ? 0.987   0.336   -11.860 1.00 10.97 ? 85  LEU A CG  1 
ATOM   709  C  CD1 . LEU A 1 91  ? 1.836   -0.041  -13.090 1.00 11.03 ? 85  LEU A CD1 1 
ATOM   710  C  CD2 . LEU A 1 91  ? 1.928   1.117   -10.925 1.00 13.05 ? 85  LEU A CD2 1 
ATOM   711  N  N   . GLN A 1 92  ? -3.416  2.506   -11.383 1.00 12.18 ? 86  GLN A N   1 
ATOM   712  C  CA  . GLN A 1 92  ? -4.457  3.440   -11.920 1.00 12.62 ? 86  GLN A CA  1 
ATOM   713  C  C   . GLN A 1 92  ? -4.487  4.704   -11.083 1.00 12.87 ? 86  GLN A C   1 
ATOM   714  O  O   . GLN A 1 92  ? -4.002  4.711   -9.927  1.00 12.36 ? 86  GLN A O   1 
ATOM   715  C  CB  . GLN A 1 92  ? -5.819  2.776   -11.774 1.00 14.36 ? 86  GLN A CB  1 
ATOM   716  C  CG  . GLN A 1 92  ? -6.053  1.509   -12.557 1.00 14.38 ? 86  GLN A CG  1 
ATOM   717  C  CD  . GLN A 1 92  ? -7.398  0.903   -12.218 1.00 18.01 ? 86  GLN A CD  1 
ATOM   718  O  OE1 . GLN A 1 92  ? -8.445  1.259   -12.759 1.00 18.49 ? 86  GLN A OE1 1 
ATOM   719  N  NE2 . GLN A 1 92  ? -7.387  -0.032  -11.260 1.00 19.16 ? 86  GLN A NE2 1 
ATOM   720  N  N   . ASP A 1 93  ? -5.063  5.762   -11.623 1.00 12.32 ? 87  ASP A N   1 
ATOM   721  C  CA  . ASP A 1 93  ? -5.248  7.043   -10.961 1.00 13.10 ? 87  ASP A CA  1 
ATOM   722  C  C   . ASP A 1 93  ? -6.300  6.895   -9.825  1.00 13.43 ? 87  ASP A C   1 
ATOM   723  O  O   . ASP A 1 93  ? -6.151  7.655   -8.872  1.00 14.66 ? 87  ASP A O   1 
ATOM   724  C  CB  . ASP A 1 93  ? -5.643  8.180   -11.906 1.00 14.41 ? 87  ASP A CB  1 
ATOM   725  C  CG  . ASP A 1 93  ? -4.482  8.804   -12.652 1.00 16.56 ? 87  ASP A CG  1 
ATOM   726  O  OD1 . ASP A 1 93  ? -3.305  8.404   -12.536 1.00 14.48 ? 87  ASP A OD1 1 
ATOM   727  O  OD2 . ASP A 1 93  ? -4.771  9.786   -13.406 1.00 15.74 ? 87  ASP A OD2 1 
ATOM   728  N  N   . ASN A 1 94  ? -7.254  6.019   -10.058 1.00 13.07 ? 88  ASN A N   1 
ATOM   729  C  CA  . ASN A 1 94  ? -8.303  5.763   -9.034  1.00 13.46 ? 88  ASN A CA  1 
ATOM   730  C  C   . ASN A 1 94  ? -7.655  4.716   -8.077  1.00 13.27 ? 88  ASN A C   1 
ATOM   731  O  O   . ASN A 1 94  ? -7.256  3.667   -8.587  1.00 13.88 ? 88  ASN A O   1 
ATOM   732  C  CB  . ASN A 1 94  ? -9.555  5.203   -9.630  1.00 17.56 ? 88  ASN A CB  1 
ATOM   733  C  CG  . ASN A 1 94  ? -10.597 4.707   -8.665  1.00 22.02 ? 88  ASN A CG  1 
ATOM   734  O  OD1 . ASN A 1 94  ? -10.508 4.716   -7.444  1.00 25.23 ? 88  ASN A OD1 1 
ATOM   735  N  ND2 . ASN A 1 94  ? -11.731 4.218   -9.220  1.00 27.81 ? 88  ASN A ND2 1 
ATOM   736  N  N   . ILE A 1 95  ? -7.670  5.059   -6.794  1.00 12.44 ? 89  ILE A N   1 
ATOM   737  C  CA  . ILE A 1 95  ? -7.005  4.153   -5.833  1.00 12.57 ? 89  ILE A CA  1 
ATOM   738  C  C   . ILE A 1 95  ? -7.931  3.160   -5.197  1.00 10.46 ? 89  ILE A C   1 
ATOM   739  O  O   . ILE A 1 95  ? -7.499  2.455   -4.250  1.00 10.68 ? 89  ILE A O   1 
ATOM   740  C  CB  . ILE A 1 95  ? -6.130  4.947   -4.810  1.00 14.27 ? 89  ILE A CB  1 
ATOM   741  C  CG1 . ILE A 1 95  ? -6.960  5.820   -3.826  1.00 15.11 ? 89  ILE A CG1 1 
ATOM   742  C  CG2 . ILE A 1 95  ? -5.083  5.807   -5.569  1.00 15.07 ? 89  ILE A CG2 1 
ATOM   743  C  CD1 . ILE A 1 95  ? -6.133  6.462   -2.661  1.00 17.90 ? 89  ILE A CD1 1 
ATOM   744  N  N   . ALA A 1 96  ? -9.145  2.995   -5.679  1.00 10.57 ? 90  ALA A N   1 
ATOM   745  C  CA  . ALA A 1 96  ? -10.062 2.028   -5.036  1.00 10.18 ? 90  ALA A CA  1 
ATOM   746  C  C   . ALA A 1 96  ? -9.493  0.626   -4.912  1.00 12.05 ? 90  ALA A C   1 
ATOM   747  O  O   . ALA A 1 96  ? -9.573  -0.031  -3.861  1.00 12.25 ? 90  ALA A O   1 
ATOM   748  C  CB  . ALA A 1 96  ? -11.408 2.031   -5.774  1.00 11.36 ? 90  ALA A CB  1 
ATOM   749  N  N   . ASP A 1 97  ? -8.945  0.099   -6.006  1.00 11.07 ? 91  ASP A N   1 
ATOM   750  C  CA  . ASP A 1 97  ? -8.367  -1.246  -6.014  1.00 10.90 ? 91  ASP A CA  1 
ATOM   751  C  C   . ASP A 1 97  ? -7.112  -1.326  -5.116  1.00 10.28 ? 91  ASP A C   1 
ATOM   752  O  O   . ASP A 1 97  ? -7.015  -2.386  -4.453  1.00 12.02 ? 91  ASP A O   1 
ATOM   753  C  CB  . ASP A 1 97  ? -8.040  -1.691  -7.459  1.00 13.71 ? 91  ASP A CB  1 
ATOM   754  C  CG  . ASP A 1 97  ? -9.279  -1.984  -8.286  1.00 18.51 ? 91  ASP A CG  1 
ATOM   755  O  OD1 . ASP A 1 97  ? -10.234 -2.556  -7.714  1.00 21.70 ? 91  ASP A OD1 1 
ATOM   756  O  OD2 . ASP A 1 97  ? -9.377  -1.714  -9.506  1.00 19.80 ? 91  ASP A OD2 1 
ATOM   757  N  N   . ALA A 1 98  ? -6.308  -0.285  -5.165  1.00 10.35 ? 92  ALA A N   1 
ATOM   758  C  CA  . ALA A 1 98  ? -5.075  -0.261  -4.347  1.00 9.18  ? 92  ALA A CA  1 
ATOM   759  C  C   . ALA A 1 98  ? -5.468  -0.343  -2.850  1.00 9.86  ? 92  ALA A C   1 
ATOM   760  O  O   . ALA A 1 98  ? -4.782  -1.005  -2.002  1.00 11.01 ? 92  ALA A O   1 
ATOM   761  C  CB  . ALA A 1 98  ? -4.210  0.972   -4.558  1.00 10.53 ? 92  ALA A CB  1 
ATOM   762  N  N   . VAL A 1 99  ? -6.517  0.433   -2.544  1.00 8.94  ? 93  VAL A N   1 
ATOM   763  C  CA  . VAL A 1 99  ? -7.023  0.442   -1.136  1.00 9.25  ? 93  VAL A CA  1 
ATOM   764  C  C   . VAL A 1 99  ? -7.575  -0.920  -0.745  1.00 10.12 ? 93  VAL A C   1 
ATOM   765  O  O   . VAL A 1 99  ? -7.287  -1.436  0.375   1.00 9.02  ? 93  VAL A O   1 
ATOM   766  C  CB  . VAL A 1 99  ? -8.027  1.611   -0.947  1.00 9.16  ? 93  VAL A CB  1 
ATOM   767  C  CG1 . VAL A 1 99  ? -8.872  1.448   0.308   1.00 9.81  ? 93  VAL A CG1 1 
ATOM   768  C  CG2 . VAL A 1 99  ? -7.270  2.927   -0.930  1.00 9.88  ? 93  VAL A CG2 1 
ATOM   769  N  N   . ALA A 1 100 ? -8.386  -1.552  -1.573  1.00 10.35 ? 94  ALA A N   1 
ATOM   770  C  CA  . ALA A 1 100 ? -8.920  -2.890  -1.271  1.00 11.39 ? 94  ALA A CA  1 
ATOM   771  C  C   . ALA A 1 100 ? -7.760  -3.870  -1.044  1.00 11.37 ? 94  ALA A C   1 
ATOM   772  O  O   . ALA A 1 100 ? -7.808  -4.734  -0.167  1.00 12.77 ? 94  ALA A O   1 
ATOM   773  C  CB  . ALA A 1 100 ? -9.901  -3.341  -2.350  1.00 13.33 ? 94  ALA A CB  1 
ATOM   774  N  N   . CYS A 1 101 ? -6.699  -3.717  -1.838  1.00 10.41 ? 95  CYS A N   1 
ATOM   775  C  CA  . CYS A 1 101 ? -5.525  -4.615  -1.717  1.00 10.62 ? 95  CYS A CA  1 
ATOM   776  C  C   . CYS A 1 101 ? -4.766  -4.334  -0.428  1.00 11.09 ? 95  CYS A C   1 
ATOM   777  O  O   . CYS A 1 101 ? -4.462  -5.321  0.225   1.00 10.80 ? 95  CYS A O   1 
ATOM   778  C  CB  . CYS A 1 101 ? -4.704  -4.552  -2.992  1.00 11.46 ? 95  CYS A CB  1 
ATOM   779  S  SG  . CYS A 1 101 ? -3.362  -5.776  -2.979  1.00 12.40 ? 95  CYS A SG  1 
ATOM   780  N  N   . ALA A 1 102 ? -4.514  -3.082  -0.119  1.00 11.02 ? 96  ALA A N   1 
ATOM   781  C  CA  . ALA A 1 102 ? -3.832  -2.747  1.160   1.00 11.82 ? 96  ALA A CA  1 
ATOM   782  C  C   . ALA A 1 102 ? -4.625  -3.332  2.323   1.00 11.85 ? 96  ALA A C   1 
ATOM   783  O  O   . ALA A 1 102 ? -4.032  -3.870  3.299   1.00 12.01 ? 96  ALA A O   1 
ATOM   784  C  CB  . ALA A 1 102 ? -3.621  -1.260  1.299   1.00 11.02 ? 96  ALA A CB  1 
ATOM   785  N  N   . LYS A 1 103 ? -5.949  -3.235  2.242   1.00 11.92 ? 97  LYS A N   1 
ATOM   786  C  CA  . LYS A 1 103 ? -6.801  -3.798  3.335   1.00 11.99 ? 97  LYS A CA  1 
ATOM   787  C  C   . LYS A 1 103 ? -6.602  -5.301  3.488   1.00 12.19 ? 97  LYS A C   1 
ATOM   788  O  O   . LYS A 1 103 ? -6.499  -5.823  4.618   1.00 10.74 ? 97  LYS A O   1 
ATOM   789  C  CB  . LYS A 1 103 ? -8.290  -3.542  3.118   1.00 12.43 ? 97  LYS A CB  1 
ATOM   790  C  CG  . LYS A 1 103 ? -8.695  -2.093  3.413   1.00 12.31 ? 97  LYS A CG  1 
ATOM   791  C  CD  . LYS A 1 103 ? -10.183 -1.876  3.023   1.00 12.50 ? 97  LYS A CD  1 
ATOM   792  C  CE  . LYS A 1 103 ? -10.554 -0.418  3.210   1.00 12.44 ? 97  LYS A CE  1 
ATOM   793  N  NZ  . LYS A 1 103 ? -12.006 -0.241  2.921   1.00 13.97 ? 97  LYS A NZ  1 
ATOM   794  N  N   . ARG A 1 104 ? -6.465  -6.002  2.368   1.00 11.38 ? 98  ARG A N   1 
ATOM   795  C  CA  . ARG A 1 104 ? -6.234  -7.446  2.360   1.00 10.33 ? 98  ARG A CA  1 
ATOM   796  C  C   . ARG A 1 104 ? -4.846  -7.719  2.976   1.00 10.64 ? 98  ARG A C   1 
ATOM   797  O  O   . ARG A 1 104 ? -4.677  -8.704  3.696   1.00 10.79 ? 98  ARG A O   1 
ATOM   798  C  CB  . ARG A 1 104 ? -6.235  -8.012  0.919   1.00 13.59 ? 98  ARG A CB  1 
ATOM   799  C  CG  . ARG A 1 104 ? -5.663  -9.440  0.870   1.00 14.81 ? 98  ARG A CG  1 
ATOM   800  C  CD  . ARG A 1 104 ? -6.545  -10.438 1.508   1.00 16.18 ? 98  ARG A CD  1 
ATOM   801  N  NE  . ARG A 1 104 ? -6.021  -11.786 1.614   1.00 17.19 ? 98  ARG A NE  1 
ATOM   802  C  CZ  . ARG A 1 104 ? -5.174  -12.259 2.517   1.00 18.24 ? 98  ARG A CZ  1 
ATOM   803  N  NH1 . ARG A 1 104 ? -4.657  -11.520 3.478   1.00 18.10 ? 98  ARG A NH1 1 
ATOM   804  N  NH2 . ARG A 1 104 ? -4.835  -13.565 2.469   1.00 20.46 ? 98  ARG A NH2 1 
ATOM   805  N  N   . VAL A 1 105 ? -3.894  -6.862  2.640   1.00 9.97  ? 99  VAL A N   1 
ATOM   806  C  CA  . VAL A 1 105 ? -2.526  -7.041  3.164   1.00 11.55 ? 99  VAL A CA  1 
ATOM   807  C  C   . VAL A 1 105 ? -2.531  -7.117  4.717   1.00 12.09 ? 99  VAL A C   1 
ATOM   808  O  O   . VAL A 1 105 ? -1.889  -7.998  5.329   1.00 11.75 ? 99  VAL A O   1 
ATOM   809  C  CB  . VAL A 1 105 ? -1.529  -5.954  2.724   1.00 11.41 ? 99  VAL A CB  1 
ATOM   810  C  CG1 . VAL A 1 105 ? -0.209  -6.093  3.506   1.00 12.20 ? 99  VAL A CG1 1 
ATOM   811  C  CG2 . VAL A 1 105 ? -1.336  -5.974  1.204   1.00 12.82 ? 99  VAL A CG2 1 
ATOM   812  N  N   . VAL A 1 106 ? -3.196  -6.131  5.303   1.00 11.68 ? 100 VAL A N   1 
ATOM   813  C  CA  . VAL A 1 106 ? -3.221  -6.026  6.787   1.00 13.09 ? 100 VAL A CA  1 
ATOM   814  C  C   . VAL A 1 106 ? -4.081  -7.069  7.444   1.00 13.36 ? 100 VAL A C   1 
ATOM   815  O  O   . VAL A 1 106 ? -3.991  -7.175  8.711   1.00 15.13 ? 100 VAL A O   1 
ATOM   816  C  CB  . VAL A 1 106 ? -3.377  -4.562  7.204   1.00 11.36 ? 100 VAL A CB  1 
ATOM   817  C  CG1 . VAL A 1 106 ? -2.266  -3.646  6.643   1.00 12.97 ? 100 VAL A CG1 1 
ATOM   818  C  CG2 . VAL A 1 106 ? -4.729  -3.999  6.791   1.00 14.03 ? 100 VAL A CG2 1 
ATOM   819  N  N   . ARG A 1 107 ? -4.822  -7.860  6.699   1.00 15.04 ? 101 ARG A N   1 
ATOM   820  C  CA  . ARG A 1 107 ? -5.609  -8.960  7.266   1.00 15.08 ? 101 ARG A CA  1 
ATOM   821  C  C   . ARG A 1 107 ? -4.693  -10.132 7.667   1.00 15.85 ? 101 ARG A C   1 
ATOM   822  O  O   . ARG A 1 107 ? -5.133  -10.962 8.471   1.00 15.92 ? 101 ARG A O   1 
ATOM   823  C  CB  . ARG A 1 107 ? -6.826  -9.374  6.467   1.00 17.17 ? 101 ARG A CB  1 
ATOM   824  C  CG  . ARG A 1 107 ? -7.857  -8.230  6.368   1.00 18.31 ? 101 ARG A CG  1 
ATOM   825  C  CD  . ARG A 1 107 ? -9.207  -8.771  6.065   1.00 19.53 ? 101 ARG A CD  1 
ATOM   826  N  NE  . ARG A 1 107 ? -9.446  -9.061  4.669   1.00 23.05 ? 101 ARG A NE  1 
ATOM   827  C  CZ  . ARG A 1 107 ? -9.570  -8.253  3.623   1.00 19.43 ? 101 ARG A CZ  1 
ATOM   828  N  NH1 . ARG A 1 107 ? -9.476  -6.933  3.645   1.00 19.43 ? 101 ARG A NH1 1 
ATOM   829  N  NH2 . ARG A 1 107 ? -9.807  -8.823  2.443   1.00 20.25 ? 101 ARG A NH2 1 
ATOM   830  N  N   . ASP A 1 108 ? -3.472  -10.151 7.135   1.00 15.39 ? 102 ASP A N   1 
ATOM   831  C  CA  . ASP A 1 108 ? -2.463  -11.174 7.501   1.00 16.12 ? 102 ASP A CA  1 
ATOM   832  C  C   . ASP A 1 108 ? -1.873  -10.753 8.848   1.00 15.86 ? 102 ASP A C   1 
ATOM   833  O  O   . ASP A 1 108 ? -1.932  -9.580  9.239   1.00 17.28 ? 102 ASP A O   1 
ATOM   834  C  CB  . ASP A 1 108 ? -1.448  -11.381 6.386   1.00 15.23 ? 102 ASP A CB  1 
ATOM   835  C  CG  . ASP A 1 108 ? -1.817  -12.488 5.428   1.00 14.06 ? 102 ASP A CG  1 
ATOM   836  O  OD1 . ASP A 1 108 ? -2.965  -12.989 5.479   1.00 15.76 ? 102 ASP A OD1 1 
ATOM   837  O  OD2 . ASP A 1 108 ? -0.951  -12.894 4.627   1.00 15.58 ? 102 ASP A OD2 1 
ATOM   838  N  N   . PRO A 1 109 ? -1.253  -11.700 9.555   1.00 16.83 ? 103 PRO A N   1 
ATOM   839  C  CA  . PRO A 1 109 ? -0.696  -11.434 10.901  1.00 16.33 ? 103 PRO A CA  1 
ATOM   840  C  C   . PRO A 1 109 ? 0.219   -10.263 11.131  1.00 15.63 ? 103 PRO A C   1 
ATOM   841  O  O   . PRO A 1 109 ? 0.156   -9.601  12.191  1.00 16.45 ? 103 PRO A O   1 
ATOM   842  C  CB  . PRO A 1 109 ? 0.008   -12.746 11.266  1.00 17.27 ? 103 PRO A CB  1 
ATOM   843  C  CG  . PRO A 1 109 ? -0.614  -13.791 10.416  1.00 17.20 ? 103 PRO A CG  1 
ATOM   844  C  CD  . PRO A 1 109 ? -1.153  -13.112 9.155   1.00 16.86 ? 103 PRO A CD  1 
ATOM   845  N  N   . GLN A 1 110 ? 1.149   -10.001 10.228  1.00 15.45 ? 104 GLN A N   1 
ATOM   846  C  CA  . GLN A 1 110 ? 2.088   -8.894  10.370  1.00 15.83 ? 104 GLN A CA  1 
ATOM   847  C  C   . GLN A 1 110 ? 1.359   -7.524  10.378  1.00 15.01 ? 104 GLN A C   1 
ATOM   848  O  O   . GLN A 1 110 ? 1.962   -6.566  10.865  1.00 14.70 ? 104 GLN A O   1 
ATOM   849  C  CB  . GLN A 1 110 ? 3.054   -8.740  9.207   1.00 19.59 ? 104 GLN A CB  1 
ATOM   850  C  CG  . GLN A 1 110 ? 3.934   -9.883  8.813   1.00 24.57 ? 104 GLN A CG  1 
ATOM   851  C  CD  . GLN A 1 110 ? 4.982   -9.317  7.848   1.00 25.29 ? 104 GLN A CD  1 
ATOM   852  O  OE1 . GLN A 1 110 ? 4.828   -9.387  6.639   1.00 25.88 ? 104 GLN A OE1 1 
ATOM   853  N  NE2 . GLN A 1 110 ? 5.984   -8.741  8.502   1.00 26.28 ? 104 GLN A NE2 1 
ATOM   854  N  N   . GLY A 1 111 ? 0.176   -7.519  9.773   1.00 14.44 ? 105 GLY A N   1 
ATOM   855  C  CA  . GLY A 1 111 ? -0.552  -6.224  9.717   1.00 13.79 ? 105 GLY A CA  1 
ATOM   856  C  C   . GLY A 1 111 ? 0.321   -5.227  8.951   1.00 13.86 ? 105 GLY A C   1 
ATOM   857  O  O   . GLY A 1 111 ? 0.968   -5.589  7.935   1.00 13.74 ? 105 GLY A O   1 
ATOM   858  N  N   . ILE A 1 112 ? 0.398   -3.992  9.381   1.00 15.12 ? 106 ILE A N   1 
ATOM   859  C  CA  . ILE A 1 112 ? 1.112   -2.862  8.819   1.00 15.70 ? 106 ILE A CA  1 
ATOM   860  C  C   . ILE A 1 112 ? 2.611   -3.065  8.735   1.00 16.18 ? 106 ILE A C   1 
ATOM   861  O  O   . ILE A 1 112 ? 3.384   -2.404  8.001   1.00 14.93 ? 106 ILE A O   1 
ATOM   862  C  CB  . ILE A 1 112 ? 0.664   -1.533  9.524   1.00 17.22 ? 106 ILE A CB  1 
ATOM   863  C  CG1 . ILE A 1 112 ? 1.202   -0.309  8.753   1.00 20.26 ? 106 ILE A CG1 1 
ATOM   864  C  CG2 . ILE A 1 112 ? 1.048   -1.457  11.021  1.00 18.26 ? 106 ILE A CG2 1 
ATOM   865  C  CD1 . ILE A 1 112 ? 0.138   0.439   7.921   1.00 21.48 ? 106 ILE A CD1 1 
ATOM   866  N  N   . ARG A 1 113 ? 3.057   -4.067  9.543   1.00 15.59 ? 107 ARG A N   1 
ATOM   867  C  CA  . ARG A 1 113 ? 4.485   -4.400  9.542   1.00 15.57 ? 107 ARG A CA  1 
ATOM   868  C  C   . ARG A 1 113 ? 4.908   -5.011  8.211   1.00 15.15 ? 107 ARG A C   1 
ATOM   869  O  O   . ARG A 1 113 ? 6.136   -5.162  8.029   1.00 15.14 ? 107 ARG A O   1 
ATOM   870  C  CB  . ARG A 1 113 ? 4.863   -5.308  10.714  1.00 15.78 ? 107 ARG A CB  1 
ATOM   871  C  CG  . ARG A 1 113 ? 4.953   -4.482  12.001  1.00 18.05 ? 107 ARG A CG  1 
ATOM   872  C  CD  . ARG A 1 113 ? 4.888   -5.353  13.220  1.00 19.16 ? 107 ARG A CD  1 
ATOM   873  N  NE  . ARG A 1 113 ? 5.054   -4.605  14.452  1.00 21.85 ? 107 ARG A NE  1 
ATOM   874  C  CZ  . ARG A 1 113 ? 4.401   -3.633  15.041  1.00 23.02 ? 107 ARG A CZ  1 
ATOM   875  N  NH1 . ARG A 1 113 ? 3.249   -3.122  14.565  1.00 22.17 ? 107 ARG A NH1 1 
ATOM   876  N  NH2 . ARG A 1 113 ? 4.861   -3.106  16.198  1.00 23.73 ? 107 ARG A NH2 1 
ATOM   877  N  N   . ALA A 1 114 ? 3.955   -5.264  7.349   1.00 14.81 ? 108 ALA A N   1 
ATOM   878  C  CA  . ALA A 1 114 ? 4.215   -5.808  6.010   1.00 16.82 ? 108 ALA A CA  1 
ATOM   879  C  C   . ALA A 1 114 ? 5.069   -4.861  5.185   1.00 16.19 ? 108 ALA A C   1 
ATOM   880  O  O   . ALA A 1 114 ? 5.750   -5.271  4.223   1.00 18.44 ? 108 ALA A O   1 
ATOM   881  C  CB  . ALA A 1 114 ? 2.914   -6.175  5.309   1.00 15.07 ? 108 ALA A CB  1 
ATOM   882  N  N   . TRP A 1 115 ? 5.053   -3.579  5.535   1.00 15.58 ? 109 TRP A N   1 
ATOM   883  C  CA  . TRP A 1 115 ? 5.833   -2.588  4.796   1.00 15.83 ? 109 TRP A CA  1 
ATOM   884  C  C   . TRP A 1 115 ? 7.114   -2.259  5.542   1.00 16.62 ? 109 TRP A C   1 
ATOM   885  O  O   . TRP A 1 115 ? 6.984   -1.713  6.639   1.00 14.52 ? 109 TRP A O   1 
ATOM   886  C  CB  . TRP A 1 115 ? 4.999   -1.349  4.534   1.00 14.40 ? 109 TRP A CB  1 
ATOM   887  C  CG  . TRP A 1 115 ? 3.935   -1.457  3.496   1.00 13.87 ? 109 TRP A CG  1 
ATOM   888  C  CD1 . TRP A 1 115 ? 4.060   -1.161  2.162   1.00 15.49 ? 109 TRP A CD1 1 
ATOM   889  C  CD2 . TRP A 1 115 ? 2.577   -1.852  3.674   1.00 14.05 ? 109 TRP A CD2 1 
ATOM   890  N  NE1 . TRP A 1 115 ? 2.862   -1.364  1.528   1.00 13.68 ? 109 TRP A NE1 1 
ATOM   891  C  CE2 . TRP A 1 115 ? 1.930   -1.800  2.413   1.00 13.21 ? 109 TRP A CE2 1 
ATOM   892  C  CE3 . TRP A 1 115 ? 1.835   -2.253  4.800   1.00 12.83 ? 109 TRP A CE3 1 
ATOM   893  C  CZ2 . TRP A 1 115 ? 0.594   -2.133  2.271   1.00 12.06 ? 109 TRP A CZ2 1 
ATOM   894  C  CZ3 . TRP A 1 115 ? 0.512   -2.596  4.634   1.00 12.73 ? 109 TRP A CZ3 1 
ATOM   895  C  CH2 . TRP A 1 115 ? -0.137  -2.516  3.376   1.00 12.41 ? 109 TRP A CH2 1 
ATOM   896  N  N   . VAL A 1 116 ? 8.288   -2.539  4.953   1.00 17.54 ? 110 VAL A N   1 
ATOM   897  C  CA  . VAL A 1 116 ? 9.539   -2.196  5.671   1.00 19.13 ? 110 VAL A CA  1 
ATOM   898  C  C   . VAL A 1 116 ? 9.606   -0.687  5.898   1.00 17.52 ? 110 VAL A C   1 
ATOM   899  O  O   . VAL A 1 116 ? 10.003  -0.288  7.024   1.00 17.26 ? 110 VAL A O   1 
ATOM   900  C  CB  . VAL A 1 116 ? 10.827  -2.810  5.075   1.00 21.64 ? 110 VAL A CB  1 
ATOM   901  C  CG1 . VAL A 1 116 ? 10.546  -4.056  4.237   1.00 22.66 ? 110 VAL A CG1 1 
ATOM   902  C  CG2 . VAL A 1 116 ? 11.731  -1.879  4.315   1.00 23.86 ? 110 VAL A CG2 1 
ATOM   903  N  N   . ALA A 1 117 ? 9.210   0.132   4.953   1.00 16.44 ? 111 ALA A N   1 
ATOM   904  C  CA  . ALA A 1 117 ? 9.218   1.592   5.069   1.00 16.21 ? 111 ALA A CA  1 
ATOM   905  C  C   . ALA A 1 117 ? 8.468   2.112   6.316   1.00 14.40 ? 111 ALA A C   1 
ATOM   906  O  O   . ALA A 1 117 ? 8.807   3.158   6.905   1.00 15.50 ? 111 ALA A O   1 
ATOM   907  C  CB  . ALA A 1 117 ? 8.568   2.251   3.850   1.00 16.28 ? 111 ALA A CB  1 
ATOM   908  N  N   . TRP A 1 118 ? 7.407   1.390   6.637   1.00 13.79 ? 112 TRP A N   1 
ATOM   909  C  CA  . TRP A 1 118 ? 6.600   1.790   7.822   1.00 12.72 ? 112 TRP A CA  1 
ATOM   910  C  C   . TRP A 1 118 ? 7.421   1.564   9.086   1.00 13.79 ? 112 TRP A C   1 
ATOM   911  O  O   . TRP A 1 118 ? 7.420   2.410   9.982   1.00 13.64 ? 112 TRP A O   1 
ATOM   912  C  CB  . TRP A 1 118 ? 5.267   1.067   7.854   1.00 11.62 ? 112 TRP A CB  1 
ATOM   913  C  CG  . TRP A 1 118 ? 4.410   1.473   9.023   1.00 13.24 ? 112 TRP A CG  1 
ATOM   914  C  CD1 . TRP A 1 118 ? 3.550   2.528   9.074   1.00 12.98 ? 112 TRP A CD1 1 
ATOM   915  C  CD2 . TRP A 1 118 ? 4.452   0.892   10.334  1.00 13.31 ? 112 TRP A CD2 1 
ATOM   916  N  NE1 . TRP A 1 118 ? 2.989   2.616   10.328  1.00 14.19 ? 112 TRP A NE1 1 
ATOM   917  C  CE2 . TRP A 1 118 ? 3.513   1.619   11.123  1.00 13.85 ? 112 TRP A CE2 1 
ATOM   918  C  CE3 . TRP A 1 118 ? 5.108   -0.208  10.881  1.00 13.80 ? 112 TRP A CE3 1 
ATOM   919  C  CZ2 . TRP A 1 118 ? 3.253   1.289   12.459  1.00 13.20 ? 112 TRP A CZ2 1 
ATOM   920  C  CZ3 . TRP A 1 118 ? 4.857   -0.541  12.211  1.00 12.38 ? 112 TRP A CZ3 1 
ATOM   921  C  CH2 . TRP A 1 118 ? 3.956   0.205   12.965  1.00 11.93 ? 112 TRP A CH2 1 
ATOM   922  N  N   . ARG A 1 119 ? 8.078   0.412   9.122   1.00 15.83 ? 113 ARG A N   1 
ATOM   923  C  CA  . ARG A 1 119 ? 8.905   0.078   10.318  1.00 18.03 ? 113 ARG A CA  1 
ATOM   924  C  C   . ARG A 1 119 ? 9.952   1.163   10.516  1.00 18.84 ? 113 ARG A C   1 
ATOM   925  O  O   . ARG A 1 119 ? 10.065  1.708   11.600  1.00 19.85 ? 113 ARG A O   1 
ATOM   926  C  CB  . ARG A 1 119 ? 9.469   -1.323  10.183  1.00 21.08 ? 113 ARG A CB  1 
ATOM   927  C  CG  . ARG A 1 119 ? 8.442   -2.465  10.134  1.00 24.78 ? 113 ARG A CG  1 
ATOM   928  C  CD  . ARG A 1 119 ? 9.162   -3.767  10.020  1.00 28.59 ? 113 ARG A CD  1 
ATOM   929  N  NE  . ARG A 1 119 ? 8.428   -4.936  9.613   1.00 31.09 ? 113 ARG A NE  1 
ATOM   930  C  CZ  . ARG A 1 119 ? 9.022   -6.045  9.135   1.00 33.05 ? 113 ARG A CZ  1 
ATOM   931  N  NH1 . ARG A 1 119 ? 10.356  -6.103  9.011   1.00 33.51 ? 113 ARG A NH1 1 
ATOM   932  N  NH2 . ARG A 1 119 ? 8.273   -7.101  8.807   1.00 32.77 ? 113 ARG A NH2 1 
ATOM   933  N  N   . ASN A 1 120 ? 10.719  1.487   9.487   1.00 19.39 ? 114 ASN A N   1 
ATOM   934  C  CA  . ASN A 1 120 ? 11.762  2.495   9.498   1.00 19.02 ? 114 ASN A CA  1 
ATOM   935  C  C   . ASN A 1 120 ? 11.375  3.943   9.750   1.00 19.41 ? 114 ASN A C   1 
ATOM   936  O  O   . ASN A 1 120 ? 12.053  4.650   10.512  1.00 20.08 ? 114 ASN A O   1 
ATOM   937  C  CB  . ASN A 1 120 ? 12.526  2.494   8.135   1.00 20.58 ? 114 ASN A CB  1 
ATOM   938  C  CG  . ASN A 1 120 ? 13.257  1.168   7.987   1.00 23.20 ? 114 ASN A CG  1 
ATOM   939  O  OD1 . ASN A 1 120 ? 13.483  0.479   8.988   1.00 24.02 ? 114 ASN A OD1 1 
ATOM   940  N  ND2 . ASN A 1 120 ? 13.595  0.854   6.734   1.00 25.18 ? 114 ASN A ND2 1 
ATOM   941  N  N   . ARG A 1 121 ? 10.330  4.402   9.047   1.00 18.58 ? 115 ARG A N   1 
ATOM   942  C  CA  . ARG A 1 121 ? 9.933   5.784   9.114   1.00 17.55 ? 115 ARG A CA  1 
ATOM   943  C  C   . ARG A 1 121 ? 8.665   6.195   9.810   1.00 15.87 ? 115 ARG A C   1 
ATOM   944  O  O   . ARG A 1 121 ? 8.515   7.435   9.908   1.00 16.84 ? 115 ARG A O   1 
ATOM   945  C  CB  . ARG A 1 121 ? 9.705   6.282   7.643   1.00 20.20 ? 115 ARG A CB  1 
ATOM   946  C  CG  . ARG A 1 121 ? 10.899  6.019   6.749   1.00 23.13 ? 115 ARG A CG  1 
ATOM   947  C  CD  . ARG A 1 121 ? 11.844  7.168   6.758   1.00 26.06 ? 115 ARG A CD  1 
ATOM   948  N  NE  . ARG A 1 121 ? 12.923  6.805   5.808   1.00 27.98 ? 115 ARG A NE  1 
ATOM   949  C  CZ  . ARG A 1 121 ? 13.925  7.659   5.586   1.00 28.71 ? 115 ARG A CZ  1 
ATOM   950  N  NH1 . ARG A 1 121 ? 13.965  8.831   6.209   1.00 29.43 ? 115 ARG A NH1 1 
ATOM   951  N  NH2 . ARG A 1 121 ? 14.852  7.239   4.722   1.00 28.79 ? 115 ARG A NH2 1 
ATOM   952  N  N   . CYS A 1 122 ? 7.846   5.248   10.209  1.00 14.84 ? 116 CYS A N   1 
ATOM   953  C  CA  . CYS A 1 122 ? 6.569   5.584   10.819  1.00 14.31 ? 116 CYS A CA  1 
ATOM   954  C  C   . CYS A 1 122 ? 6.362   5.012   12.223  1.00 14.48 ? 116 CYS A C   1 
ATOM   955  O  O   . CYS A 1 122 ? 5.794   5.731   13.047  1.00 14.87 ? 116 CYS A O   1 
ATOM   956  C  CB  . CYS A 1 122 ? 5.428   5.122   9.909   1.00 11.64 ? 116 CYS A CB  1 
ATOM   957  S  SG  . CYS A 1 122 ? 5.488   5.733   8.200   1.00 12.97 ? 116 CYS A SG  1 
ATOM   958  N  N   . GLN A 1 123 ? 6.762   3.773   12.410  1.00 14.95 ? 117 GLN A N   1 
ATOM   959  C  CA  . GLN A 1 123 ? 6.584   3.101   13.716  1.00 16.52 ? 117 GLN A CA  1 
ATOM   960  C  C   . GLN A 1 123 ? 7.172   3.924   14.850  1.00 17.90 ? 117 GLN A C   1 
ATOM   961  O  O   . GLN A 1 123 ? 8.324   4.388   14.723  1.00 16.44 ? 117 GLN A O   1 
ATOM   962  C  CB  . GLN A 1 123 ? 7.171   1.700   13.678  1.00 16.00 ? 117 GLN A CB  1 
ATOM   963  C  CG  . GLN A 1 123 ? 6.902   0.906   14.960  1.00 18.68 ? 117 GLN A CG  1 
ATOM   964  C  CD  . GLN A 1 123 ? 7.581   -0.449  14.850  1.00 22.04 ? 117 GLN A CD  1 
ATOM   965  O  OE1 . GLN A 1 123 ? 8.148   -0.772  13.800  1.00 22.49 ? 117 GLN A OE1 1 
ATOM   966  N  NE2 . GLN A 1 123 ? 7.529   -1.211  15.927  1.00 23.15 ? 117 GLN A NE2 1 
ATOM   967  N  N   . ASN A 1 124 ? 6.374   4.084   15.897  1.00 19.72 ? 118 ASN A N   1 
ATOM   968  C  CA  . ASN A 1 124 ? 6.784   4.829   17.101  1.00 21.85 ? 118 ASN A CA  1 
ATOM   969  C  C   . ASN A 1 124 ? 7.241   6.255   16.844  1.00 22.26 ? 118 ASN A C   1 
ATOM   970  O  O   . ASN A 1 124 ? 8.210   6.755   17.458  1.00 23.16 ? 118 ASN A O   1 
ATOM   971  C  CB  . ASN A 1 124 ? 7.898   4.056   17.826  1.00 23.52 ? 118 ASN A CB  1 
ATOM   972  C  CG  . ASN A 1 124 ? 7.532   2.699   18.348  1.00 25.74 ? 118 ASN A CG  1 
ATOM   973  O  OD1 . ASN A 1 124 ? 8.356   1.763   18.186  1.00 29.05 ? 118 ASN A OD1 1 
ATOM   974  N  ND2 . ASN A 1 124 ? 6.362   2.570   18.956  1.00 26.29 ? 118 ASN A ND2 1 
ATOM   975  N  N   . ARG A 1 125 ? 6.600   6.935   15.893  1.00 21.80 ? 119 ARG A N   1 
ATOM   976  C  CA  . ARG A 1 125 ? 6.912   8.313   15.549  1.00 20.81 ? 119 ARG A CA  1 
ATOM   977  C  C   . ARG A 1 125 ? 5.599   9.096   15.657  1.00 19.86 ? 119 ARG A C   1 
ATOM   978  O  O   . ARG A 1 125 ? 4.580   8.410   15.703  1.00 20.14 ? 119 ARG A O   1 
ATOM   979  C  CB  . ARG A 1 125 ? 7.421   8.472   14.098  1.00 22.31 ? 119 ARG A CB  1 
ATOM   980  C  CG  . ARG A 1 125 ? 8.706   7.670   13.952  1.00 23.56 ? 119 ARG A CG  1 
ATOM   981  C  CD  . ARG A 1 125 ? 9.572   8.242   12.901  1.00 25.09 ? 119 ARG A CD  1 
ATOM   982  N  NE  . ARG A 1 125 ? 10.518  7.194   12.500  1.00 27.14 ? 119 ARG A NE  1 
ATOM   983  C  CZ  . ARG A 1 125 ? 11.821  7.498   12.431  1.00 28.20 ? 119 ARG A CZ  1 
ATOM   984  N  NH1 . ARG A 1 125 ? 12.188  8.723   12.814  1.00 29.01 ? 119 ARG A NH1 1 
ATOM   985  N  NH2 . ARG A 1 125 ? 12.673  6.570   12.021  1.00 27.61 ? 119 ARG A NH2 1 
ATOM   986  N  N   . ASP A 1 126 ? 5.748   10.402  15.676  1.00 18.71 ? 120 ASP A N   1 
ATOM   987  C  CA  . ASP A 1 126 ? 4.538   11.257  15.746  1.00 18.22 ? 120 ASP A CA  1 
ATOM   988  C  C   . ASP A 1 126 ? 4.060   11.375  14.294  1.00 17.76 ? 120 ASP A C   1 
ATOM   989  O  O   . ASP A 1 126 ? 4.658   12.098  13.496  1.00 20.30 ? 120 ASP A O   1 
ATOM   990  C  CB  . ASP A 1 126 ? 4.834   12.530  16.497  1.00 19.63 ? 120 ASP A CB  1 
ATOM   991  C  CG  . ASP A 1 126 ? 3.628   13.461  16.521  1.00 21.07 ? 120 ASP A CG  1 
ATOM   992  O  OD1 . ASP A 1 126 ? 2.538   12.996  16.109  1.00 22.85 ? 120 ASP A OD1 1 
ATOM   993  O  OD2 . ASP A 1 126 ? 3.814   14.601  16.932  1.00 21.22 ? 120 ASP A OD2 1 
ATOM   994  N  N   . VAL A 1 127 ? 2.999   10.617  14.002  1.00 15.54 ? 121 VAL A N   1 
ATOM   995  C  CA  . VAL A 1 127 ? 2.507   10.627  12.598  1.00 14.91 ? 121 VAL A CA  1 
ATOM   996  C  C   . VAL A 1 127 ? 1.371   11.640  12.438  1.00 16.14 ? 121 VAL A C   1 
ATOM   997  O  O   . VAL A 1 127 ? 0.792   11.769  11.341  1.00 14.38 ? 121 VAL A O   1 
ATOM   998  C  CB  . VAL A 1 127 ? 2.135   9.198   12.176  1.00 14.60 ? 121 VAL A CB  1 
ATOM   999  C  CG1 . VAL A 1 127 ? 3.318   8.229   12.067  1.00 14.73 ? 121 VAL A CG1 1 
ATOM   1000 C  CG2 . VAL A 1 127 ? 1.084   8.523   13.053  1.00 15.45 ? 121 VAL A CG2 1 
ATOM   1001 N  N   . ARG A 1 128 ? 1.042   12.350  13.507  1.00 17.02 ? 122 ARG A N   1 
ATOM   1002 C  CA  . ARG A 1 128 ? -0.073  13.327  13.367  1.00 20.04 ? 122 ARG A CA  1 
ATOM   1003 C  C   . ARG A 1 128 ? 0.179   14.368  12.319  1.00 19.83 ? 122 ARG A C   1 
ATOM   1004 O  O   . ARG A 1 128 ? -0.831  14.838  11.711  1.00 19.30 ? 122 ARG A O   1 
ATOM   1005 C  CB  . ARG A 1 128 ? -0.470  13.941  14.726  1.00 23.16 ? 122 ARG A CB  1 
ATOM   1006 C  CG  . ARG A 1 128 ? -0.968  12.865  15.688  1.00 26.26 ? 122 ARG A CG  1 
ATOM   1007 C  CD  . ARG A 1 128 ? -0.951  13.329  17.107  1.00 29.94 ? 122 ARG A CD  1 
ATOM   1008 N  NE  . ARG A 1 128 ? 0.387   13.728  17.536  1.00 32.58 ? 122 ARG A NE  1 
ATOM   1009 C  CZ  . ARG A 1 128 ? 0.620   14.691  18.426  1.00 34.51 ? 122 ARG A CZ  1 
ATOM   1010 N  NH1 . ARG A 1 128 ? -0.417  15.355  18.965  1.00 35.67 ? 122 ARG A NH1 1 
ATOM   1011 N  NH2 . ARG A 1 128 ? 1.872   14.980  18.797  1.00 34.27 ? 122 ARG A NH2 1 
ATOM   1012 N  N   . GLN A 1 129 ? 1.405   14.796  12.069  1.00 20.02 ? 123 GLN A N   1 
ATOM   1013 C  CA  . GLN A 1 129 ? 1.701   15.817  11.078  1.00 21.34 ? 123 GLN A CA  1 
ATOM   1014 C  C   . GLN A 1 129 ? 1.131   15.481  9.695   1.00 20.93 ? 123 GLN A C   1 
ATOM   1015 O  O   . GLN A 1 129 ? 0.836   16.432  8.940   1.00 21.80 ? 123 GLN A O   1 
ATOM   1016 C  CB  . GLN A 1 129 ? 3.215   16.074  10.886  1.00 23.94 ? 123 GLN A CB  1 
ATOM   1017 C  CG  . GLN A 1 129 ? 3.980   14.796  10.582  1.00 27.31 ? 123 GLN A CG  1 
ATOM   1018 C  CD  . GLN A 1 129 ? 5.453   14.863  10.870  1.00 29.74 ? 123 GLN A CD  1 
ATOM   1019 O  OE1 . GLN A 1 129 ? 6.151   15.816  10.499  1.00 32.70 ? 123 GLN A OE1 1 
ATOM   1020 N  NE2 . GLN A 1 129 ? 5.971   13.824  11.531  1.00 30.90 ? 123 GLN A NE2 1 
ATOM   1021 N  N   . TYR A 1 130 ? 1.019   14.185  9.400   1.00 18.92 ? 124 TYR A N   1 
ATOM   1022 C  CA  . TYR A 1 130 ? 0.529   13.799  8.056   1.00 17.89 ? 124 TYR A CA  1 
ATOM   1023 C  C   . TYR A 1 130 ? -0.918  14.206  7.796   1.00 17.80 ? 124 TYR A C   1 
ATOM   1024 O  O   . TYR A 1 130 ? -1.230  14.453  6.605   1.00 16.32 ? 124 TYR A O   1 
ATOM   1025 C  CB  . TYR A 1 130 ? 0.816   12.312  7.776   1.00 18.74 ? 124 TYR A CB  1 
ATOM   1026 C  CG  . TYR A 1 130 ? 2.304   12.025  7.866   1.00 19.96 ? 124 TYR A CG  1 
ATOM   1027 C  CD1 . TYR A 1 130 ? 3.193   12.514  6.915   1.00 22.09 ? 124 TYR A CD1 1 
ATOM   1028 C  CD2 . TYR A 1 130 ? 2.846   11.341  8.950   1.00 20.13 ? 124 TYR A CD2 1 
ATOM   1029 C  CE1 . TYR A 1 130 ? 4.572   12.275  7.006   1.00 22.83 ? 124 TYR A CE1 1 
ATOM   1030 C  CE2 . TYR A 1 130 ? 4.201   11.092  9.057   1.00 20.26 ? 124 TYR A CE2 1 
ATOM   1031 C  CZ  . TYR A 1 130 ? 5.062   11.562  8.075   1.00 22.01 ? 124 TYR A CZ  1 
ATOM   1032 O  OH  . TYR A 1 130 ? 6.407   11.292  8.225   1.00 21.59 ? 124 TYR A OH  1 
ATOM   1033 N  N   . VAL A 1 131 ? -1.755  14.297  8.801   1.00 16.82 ? 125 VAL A N   1 
ATOM   1034 C  CA  . VAL A 1 131 ? -3.165  14.640  8.668   1.00 17.56 ? 125 VAL A CA  1 
ATOM   1035 C  C   . VAL A 1 131 ? -3.557  16.028  9.193   1.00 18.66 ? 125 VAL A C   1 
ATOM   1036 O  O   . VAL A 1 131 ? -4.749  16.388  9.035   1.00 18.45 ? 125 VAL A O   1 
ATOM   1037 C  CB  . VAL A 1 131 ? -4.055  13.540  9.300   1.00 16.60 ? 125 VAL A CB  1 
ATOM   1038 C  CG1 . VAL A 1 131 ? -3.989  12.194  8.597   1.00 17.08 ? 125 VAL A CG1 1 
ATOM   1039 C  CG2 . VAL A 1 131 ? -3.808  13.399  10.805  1.00 17.38 ? 125 VAL A CG2 1 
ATOM   1040 N  N   . GLN A 1 132 ? -2.661  16.756  9.803   1.00 19.79 ? 126 GLN A N   1 
ATOM   1041 C  CA  . GLN A 1 132 ? -2.998  18.099  10.342  1.00 22.35 ? 126 GLN A CA  1 
ATOM   1042 C  C   . GLN A 1 132 ? -3.503  19.027  9.253   1.00 21.23 ? 126 GLN A C   1 
ATOM   1043 O  O   . GLN A 1 132 ? -3.043  19.221  8.118   1.00 21.44 ? 126 GLN A O   1 
ATOM   1044 C  CB  . GLN A 1 132 ? -1.851  18.642  11.172  1.00 27.12 ? 126 GLN A CB  1 
ATOM   1045 C  CG  . GLN A 1 132 ? -1.736  20.145  11.318  1.00 33.12 ? 126 GLN A CG  1 
ATOM   1046 C  CD  . GLN A 1 132 ? -0.579  20.716  10.529  1.00 36.21 ? 126 GLN A CD  1 
ATOM   1047 O  OE1 . GLN A 1 132 ? 0.468   21.096  11.068  1.00 38.66 ? 126 GLN A OE1 1 
ATOM   1048 N  NE2 . GLN A 1 132 ? -0.750  20.780  9.200   1.00 38.91 ? 126 GLN A NE2 1 
ATOM   1049 N  N   . GLY A 1 133 ? -4.614  19.667  9.595   1.00 20.31 ? 127 GLY A N   1 
ATOM   1050 C  CA  . GLY A 1 133 ? -5.395  20.602  8.835   1.00 19.99 ? 127 GLY A CA  1 
ATOM   1051 C  C   . GLY A 1 133 ? -6.119  20.057  7.630   1.00 19.63 ? 127 GLY A C   1 
ATOM   1052 O  O   . GLY A 1 133 ? -6.540  20.882  6.775   1.00 21.06 ? 127 GLY A O   1 
ATOM   1053 N  N   . CYS A 1 134 ? -6.337  18.758  7.526   1.00 18.08 ? 128 CYS A N   1 
ATOM   1054 C  CA  . CYS A 1 134 ? -6.988  18.181  6.338   1.00 18.09 ? 128 CYS A CA  1 
ATOM   1055 C  C   . CYS A 1 134 ? -8.494  18.014  6.526   1.00 18.68 ? 128 CYS A C   1 
ATOM   1056 O  O   . CYS A 1 134 ? -9.145  17.668  5.535   1.00 20.44 ? 128 CYS A O   1 
ATOM   1057 C  CB  . CYS A 1 134 ? -6.384  16.814  5.956   1.00 16.01 ? 128 CYS A CB  1 
ATOM   1058 S  SG  . CYS A 1 134 ? -4.624  16.947  5.570   1.00 16.00 ? 128 CYS A SG  1 
ATOM   1059 N  N   . GLY A 1 135 ? -8.939  18.205  7.735   1.00 20.38 ? 129 GLY A N   1 
ATOM   1060 C  CA  . GLY A 1 135 ? -10.352 18.081  8.086   1.00 22.05 ? 129 GLY A CA  1 
ATOM   1061 C  C   . GLY A 1 135 ? -10.802 16.638  8.178   1.00 22.93 ? 129 GLY A C   1 
ATOM   1062 O  O   . GLY A 1 135 ? -11.961 16.363  7.850   1.00 24.55 ? 129 GLY A O   1 
ATOM   1063 N  N   . VAL A 1 136 ? -9.939  15.740  8.618   1.00 23.61 ? 130 VAL A N   1 
ATOM   1064 C  CA  . VAL A 1 136 ? -10.306 14.313  8.733   1.00 24.10 ? 130 VAL A CA  1 
ATOM   1065 C  C   . VAL A 1 136 ? -10.382 13.902  10.204  1.00 24.78 ? 130 VAL A C   1 
ATOM   1066 O  O   . VAL A 1 136 ? -10.153 14.797  11.046  1.00 26.33 ? 130 VAL A O   1 
ATOM   1067 C  CB  . VAL A 1 136 ? -9.350  13.481  7.868   1.00 24.40 ? 130 VAL A CB  1 
ATOM   1068 C  CG1 . VAL A 1 136 ? -9.581  13.729  6.378   1.00 24.93 ? 130 VAL A CG1 1 
ATOM   1069 C  CG2 . VAL A 1 136 ? -7.896  13.755  8.222   1.00 24.63 ? 130 VAL A CG2 1 
ATOM   1070 O  OXT . VAL A 1 136 ? -10.676 12.734  10.499  1.00 25.92 ? 130 VAL A OXT 1 
HETATM 1071 C  C1  . NAG B 2 .   ? 7.104   -7.328  1.412   1.00 18.33 ? 1   NAG B C1  1 
HETATM 1072 C  C2  . NAG B 2 .   ? 5.596   -7.595  1.461   1.00 17.27 ? 1   NAG B C2  1 
HETATM 1073 C  C3  . NAG B 2 .   ? 5.304   -8.650  2.504   1.00 16.62 ? 1   NAG B C3  1 
HETATM 1074 C  C4  . NAG B 2 .   ? 6.161   -9.899  2.295   1.00 18.42 ? 1   NAG B C4  1 
HETATM 1075 C  C5  . NAG B 2 .   ? 7.631   -9.496  2.117   1.00 19.97 ? 1   NAG B C5  1 
HETATM 1076 C  C6  . NAG B 2 .   ? 8.571   -10.652 1.816   1.00 21.18 ? 1   NAG B C6  1 
HETATM 1077 C  C7  . NAG B 2 .   ? 4.015   -5.863  0.809   1.00 14.66 ? 1   NAG B C7  1 
HETATM 1078 C  C8  . NAG B 2 .   ? 3.363   -4.580  1.237   1.00 14.15 ? 1   NAG B C8  1 
HETATM 1079 N  N2  . NAG B 2 .   ? 4.857   -6.374  1.690   1.00 14.75 ? 1   NAG B N2  1 
HETATM 1080 O  O1  . NAG B 2 .   ? 7.395   -6.444  0.380   1.00 19.90 ? 1   NAG B O1  1 
HETATM 1081 O  O3  . NAG B 2 .   ? 3.946   -9.094  2.459   1.00 16.17 ? 1   NAG B O3  1 
HETATM 1082 O  O4  . NAG B 2 .   ? 6.075   -10.700 3.508   1.00 18.39 ? 1   NAG B O4  1 
HETATM 1083 O  O5  . NAG B 2 .   ? 7.728   -8.561  1.030   1.00 19.93 ? 1   NAG B O5  1 
HETATM 1084 O  O6  . NAG B 2 .   ? 8.272   -11.331 0.613   1.00 23.64 ? 1   NAG B O6  1 
HETATM 1085 O  O7  . NAG B 2 .   ? 3.803   -6.330  -0.302  1.00 13.49 ? 1   NAG B O7  1 
HETATM 1086 C  C1  . NAG B 2 .   ? 5.503   -11.947 3.380   1.00 18.20 ? 2   NAG B C1  1 
HETATM 1087 C  C2  . NAG B 2 .   ? 5.898   -12.774 4.618   1.00 19.78 ? 2   NAG B C2  1 
HETATM 1088 C  C3  . NAG B 2 .   ? 5.204   -14.123 4.523   1.00 19.16 ? 2   NAG B C3  1 
HETATM 1089 C  C4  . NAG B 2 .   ? 3.715   -13.940 4.369   1.00 19.50 ? 2   NAG B C4  1 
HETATM 1090 C  C5  . NAG B 2 .   ? 3.403   -13.013 3.182   1.00 17.49 ? 2   NAG B C5  1 
HETATM 1091 C  C6  . NAG B 2 .   ? 1.939   -12.673 3.030   1.00 17.33 ? 2   NAG B C6  1 
HETATM 1092 C  C7  . NAG B 2 .   ? 8.115   -12.377 5.558   1.00 23.58 ? 2   NAG B C7  1 
HETATM 1093 C  C8  . NAG B 2 .   ? 9.583   -12.640 5.411   1.00 24.50 ? 2   NAG B C8  1 
HETATM 1094 N  N2  . NAG B 2 .   ? 7.348   -12.920 4.648   1.00 21.72 ? 2   NAG B N2  1 
HETATM 1095 O  O3  . NAG B 2 .   ? 5.477   -14.860 5.746   1.00 20.02 ? 2   NAG B O3  1 
HETATM 1096 O  O4  . NAG B 2 .   ? 2.954   -15.138 4.264   1.00 23.24 ? 2   NAG B O4  1 
HETATM 1097 O  O5  . NAG B 2 .   ? 4.111   -11.776 3.371   1.00 17.34 ? 2   NAG B O5  1 
HETATM 1098 O  O6  . NAG B 2 .   ? 1.494   -11.974 4.205   1.00 16.78 ? 2   NAG B O6  1 
HETATM 1099 O  O7  . NAG B 2 .   ? 7.675   -11.723 6.496   1.00 25.54 ? 2   NAG B O7  1 
HETATM 1100 C  C1  . NAG B 2 .   ? 1.948   -15.373 5.183   1.00 26.98 ? 3   NAG B C1  1 
HETATM 1101 C  C2  . NAG B 2 .   ? 1.251   -16.680 4.764   1.00 29.06 ? 3   NAG B C2  1 
HETATM 1102 C  C3  . NAG B 2 .   ? 0.101   -16.898 5.737   1.00 29.67 ? 3   NAG B C3  1 
HETATM 1103 C  C4  . NAG B 2 .   ? 0.540   -16.927 7.182   1.00 29.44 ? 3   NAG B C4  1 
HETATM 1104 C  C5  . NAG B 2 .   ? 1.538   -15.809 7.499   1.00 28.88 ? 3   NAG B C5  1 
HETATM 1105 C  C6  . NAG B 2 .   ? 2.400   -16.092 8.726   1.00 29.53 ? 3   NAG B C6  1 
HETATM 1106 C  C7  . NAG B 2 .   ? 1.369   -17.084 2.346   1.00 32.21 ? 3   NAG B C7  1 
HETATM 1107 C  C8  . NAG B 2 .   ? 0.685   -16.698 1.059   1.00 32.31 ? 3   NAG B C8  1 
HETATM 1108 N  N2  . NAG B 2 .   ? 0.828   -16.526 3.400   1.00 31.03 ? 3   NAG B N2  1 
HETATM 1109 O  O3  . NAG B 2 .   ? -0.519  -18.172 5.448   1.00 30.48 ? 3   NAG B O3  1 
HETATM 1110 O  O4  . NAG B 2 .   ? -0.578  -16.801 8.071   1.00 29.09 ? 3   NAG B O4  1 
HETATM 1111 O  O5  . NAG B 2 .   ? 2.490   -15.623 6.447   1.00 27.36 ? 3   NAG B O5  1 
HETATM 1112 O  O6  . NAG B 2 .   ? 1.694   -16.960 9.611   1.00 32.14 ? 3   NAG B O6  1 
HETATM 1113 O  O7  . NAG B 2 .   ? 2.329   -17.851 2.370   1.00 33.24 ? 3   NAG B O7  1 
HETATM 1114 CL CL  . CL  C 3 .   ? -7.371  -6.542  -12.423 1.00 18.36 ? 145 CL  A CL  1 
HETATM 1115 CL CL  . CL  D 3 .   ? -3.922  -11.206 -13.729 1.00 21.69 ? 146 CL  A CL  1 
HETATM 1116 O  O   . HOH E 4 .   ? 1.334   17.242  -0.876  1.00 19.47 ? 150 HOH A O   1 
HETATM 1117 O  O   . HOH E 4 .   ? -6.133  19.160  12.233  1.00 29.78 ? 151 HOH A O   1 
HETATM 1118 O  O   . HOH E 4 .   ? 1.625   9.872   -11.451 1.00 15.64 ? 152 HOH A O   1 
HETATM 1119 O  O   . HOH E 4 .   ? -3.094  11.237  -14.495 1.00 31.54 ? 153 HOH A O   1 
HETATM 1120 O  O   . HOH E 4 .   ? -2.570  8.703   14.490  1.00 15.70 ? 154 HOH A O   1 
HETATM 1121 O  O   . HOH E 4 .   ? -0.326  0.436   -4.297  1.00 12.18 ? 156 HOH A O   1 
HETATM 1122 O  O   . HOH E 4 .   ? -5.995  1.125   -7.737  1.00 11.65 ? 157 HOH A O   1 
HETATM 1123 O  O   . HOH E 4 .   ? 0.424   -8.256  6.636   1.00 13.92 ? 158 HOH A O   1 
HETATM 1124 O  O   . HOH E 4 .   ? 2.038   -12.653 -7.847  1.00 9.37  ? 159 HOH A O   1 
HETATM 1125 O  O   . HOH E 4 .   ? 7.794   13.692  7.403   1.00 33.17 ? 166 HOH A O   1 
HETATM 1126 O  O   . HOH E 4 .   ? 2.072   15.608  -3.142  1.00 26.86 ? 167 HOH A O   1 
HETATM 1127 O  O   . HOH E 4 .   ? -8.849  19.748  10.490  1.00 19.43 ? 168 HOH A O   1 
HETATM 1128 O  O   . HOH E 4 .   ? -7.555  16.544  9.913   1.00 29.68 ? 170 HOH A O   1 
HETATM 1129 O  O   . HOH E 4 .   ? -0.828  14.271  -11.077 1.00 26.64 ? 171 HOH A O   1 
HETATM 1130 O  O   . HOH E 4 .   ? 1.487   12.362  -13.009 1.00 21.72 ? 172 HOH A O   1 
HETATM 1131 O  O   . HOH E 4 .   ? -5.191  9.509   12.202  1.00 15.99 ? 173 HOH A O   1 
HETATM 1132 O  O   . HOH E 4 .   ? 8.310   4.840   -10.180 1.00 43.53 ? 174 HOH A O   1 
HETATM 1133 O  O   . HOH E 4 .   ? -13.411 12.376  3.973   1.00 25.38 ? 175 HOH A O   1 
HETATM 1134 O  O   . HOH E 4 .   ? 9.125   -0.438  -0.599  1.00 26.24 ? 176 HOH A O   1 
HETATM 1135 O  O   . HOH E 4 .   ? -9.266  7.688   -5.999  1.00 17.27 ? 177 HOH A O   1 
HETATM 1136 O  O   . HOH E 4 .   ? -1.494  2.601   -6.466  1.00 15.50 ? 178 HOH A O   1 
HETATM 1137 O  O   . HOH E 4 .   ? -7.163  5.518   -13.872 1.00 13.82 ? 179 HOH A O   1 
HETATM 1138 O  O   . HOH E 4 .   ? -12.139 5.740   7.238   1.00 14.52 ? 180 HOH A O   1 
HETATM 1139 O  O   . HOH E 4 .   ? 16.799  -6.317  -4.637  1.00 24.57 ? 181 HOH A O   1 
HETATM 1140 O  O   . HOH E 4 .   ? 1.282   -4.596  13.055  1.00 19.88 ? 183 HOH A O   1 
HETATM 1141 O  O   . HOH E 4 .   ? -9.339  1.416   -8.618  1.00 16.78 ? 184 HOH A O   1 
HETATM 1142 O  O   . HOH E 4 .   ? -0.265  -1.372  -16.623 1.00 20.87 ? 185 HOH A O   1 
HETATM 1143 O  O   . HOH E 4 .   ? -12.036 -1.158  0.027   1.00 16.35 ? 187 HOH A O   1 
HETATM 1144 O  O   . HOH E 4 .   ? -11.151 -3.503  10.755  1.00 29.69 ? 188 HOH A O   1 
HETATM 1145 O  O   . HOH E 4 .   ? -13.721 -1.439  4.438   1.00 35.86 ? 189 HOH A O   1 
HETATM 1146 O  O   . HOH E 4 .   ? 2.340   -9.941  5.619   1.00 21.92 ? 190 HOH A O   1 
HETATM 1147 O  O   . HOH E 4 .   ? -3.784  -7.836  11.268  1.00 21.12 ? 191 HOH A O   1 
HETATM 1148 O  O   . HOH E 4 .   ? -10.124 -5.985  0.944   1.00 19.66 ? 192 HOH A O   1 
HETATM 1149 O  O   . HOH E 4 .   ? 1.759   -11.801 7.892   1.00 19.83 ? 193 HOH A O   1 
HETATM 1150 O  O   . HOH E 4 .   ? 8.209   -14.800 2.772   1.00 42.69 ? 194 HOH A O   1 
HETATM 1151 O  O   . HOH E 4 .   ? -1.451  -9.355  -14.902 1.00 13.66 ? 195 HOH A O   1 
HETATM 1152 O  O   . HOH E 4 .   ? 3.937   -14.386 -7.337  1.00 25.26 ? 196 HOH A O   1 
HETATM 1153 O  O   . HOH E 4 .   ? -12.378 -7.144  -1.153  1.00 36.37 ? 197 HOH A O   1 
HETATM 1154 O  O   . HOH E 4 .   ? -7.705  9.194   12.619  1.00 28.01 ? 198 HOH A O   1 
HETATM 1155 O  O   . HOH E 4 .   ? -7.766  9.359   -8.089  1.00 31.23 ? 199 HOH A O   1 
HETATM 1156 O  O   . HOH E 4 .   ? 12.939  -0.004  -10.854 1.00 26.92 ? 200 HOH A O   1 
HETATM 1157 O  O   . HOH E 4 .   ? -1.292  -7.180  12.737  1.00 17.35 ? 201 HOH A O   1 
HETATM 1158 O  O   . HOH E 4 .   ? -12.457 -4.163  0.480   1.00 32.97 ? 204 HOH A O   1 
HETATM 1159 O  O   . HOH E 4 .   ? 3.039   -12.286 -10.062 1.00 13.95 ? 205 HOH A O   1 
HETATM 1160 O  O   . HOH E 4 .   ? -10.716 -12.955 -1.103  1.00 29.33 ? 206 HOH A O   1 
HETATM 1161 O  O   . HOH E 4 .   ? -1.859  -17.722 -6.681  1.00 26.38 ? 208 HOH A O   1 
HETATM 1162 O  O   . HOH E 4 .   ? 5.566   18.051  7.565   1.00 34.60 ? 210 HOH A O   1 
HETATM 1163 O  O   . HOH E 4 .   ? 1.918   17.650  -5.685  1.00 30.16 ? 212 HOH A O   1 
HETATM 1164 O  O   . HOH E 4 .   ? 0.229   16.900  -7.527  1.00 32.79 ? 213 HOH A O   1 
HETATM 1165 O  O   . HOH E 4 .   ? -9.933  17.417  -2.144  1.00 26.16 ? 214 HOH A O   1 
HETATM 1166 O  O   . HOH E 4 .   ? 1.332   9.922   16.506  1.00 39.00 ? 215 HOH A O   1 
HETATM 1167 O  O   . HOH E 4 .   ? 12.936  3.291   4.355   1.00 24.51 ? 216 HOH A O   1 
HETATM 1168 O  O   . HOH E 4 .   ? 2.560   6.649   15.935  1.00 25.61 ? 218 HOH A O   1 
HETATM 1169 O  O   . HOH E 4 .   ? 3.902   2.925   16.327  1.00 32.03 ? 219 HOH A O   1 
HETATM 1170 O  O   . HOH E 4 .   ? -1.566  6.338   -12.194 1.00 18.45 ? 220 HOH A O   1 
HETATM 1171 O  O   . HOH E 4 .   ? 8.813   -0.806  2.365   1.00 22.94 ? 221 HOH A O   1 
HETATM 1172 O  O   . HOH E 4 .   ? -3.835  3.180   -7.786  1.00 15.64 ? 222 HOH A O   1 
HETATM 1173 O  O   . HOH E 4 .   ? -16.023 5.324   4.951   1.00 22.35 ? 224 HOH A O   1 
HETATM 1174 O  O   . HOH E 4 .   ? 6.257   -4.431  -14.214 1.00 23.94 ? 226 HOH A O   1 
HETATM 1175 O  O   . HOH E 4 .   ? -12.009 0.034   -2.262  1.00 26.42 ? 227 HOH A O   1 
HETATM 1176 O  O   . HOH E 4 .   ? 8.114   -8.645  -11.038 1.00 18.56 ? 228 HOH A O   1 
HETATM 1177 O  O   . HOH E 4 .   ? -3.970  -10.416 12.267  1.00 28.52 ? 229 HOH A O   1 
HETATM 1178 O  O   . HOH E 4 .   ? 0.916   -14.339 -9.350  1.00 18.58 ? 231 HOH A O   1 
HETATM 1179 O  O   . HOH E 4 .   ? -5.686  -13.758 7.001   1.00 41.91 ? 232 HOH A O   1 
HETATM 1180 O  O   . HOH E 4 .   ? -7.117  -13.774 -0.254  1.00 26.35 ? 233 HOH A O   1 
HETATM 1181 O  O   . HOH E 4 .   ? 2.018   19.326  9.240   1.00 39.21 ? 240 HOH A O   1 
HETATM 1182 O  O   . HOH E 4 .   ? 3.873   16.842  6.133   1.00 47.95 ? 242 HOH A O   1 
HETATM 1183 O  O   . HOH E 4 .   ? 3.860   17.076  -7.134  1.00 35.65 ? 243 HOH A O   1 
HETATM 1184 O  O   . HOH E 4 .   ? -13.937 3.577   9.082   1.00 41.26 ? 245 HOH A O   1 
HETATM 1185 O  O   . HOH E 4 .   ? 7.264   9.991   10.290  1.00 37.05 ? 246 HOH A O   1 
HETATM 1186 O  O   . HOH E 4 .   ? 6.964   8.908   -7.043  1.00 24.01 ? 247 HOH A O   1 
HETATM 1187 O  O   . HOH E 4 .   ? 3.132   5.037   14.067  1.00 23.22 ? 248 HOH A O   1 
HETATM 1188 O  O   . HOH E 4 .   ? 11.050  0.779   14.168  1.00 35.91 ? 249 HOH A O   1 
HETATM 1189 O  O   . HOH E 4 .   ? 6.715   3.657   -13.336 1.00 38.52 ? 250 HOH A O   1 
HETATM 1190 O  O   . HOH E 4 .   ? 9.263   -0.050  -3.184  1.00 22.47 ? 251 HOH A O   1 
HETATM 1191 O  O   . HOH E 4 .   ? 10.145  -4.629  -1.716  1.00 31.87 ? 252 HOH A O   1 
HETATM 1192 O  O   . HOH E 4 .   ? 7.043   -2.096  -0.272  1.00 26.24 ? 253 HOH A O   1 
HETATM 1193 O  O   . HOH E 4 .   ? 7.496   -3.342  1.923   1.00 27.45 ? 254 HOH A O   1 
HETATM 1194 O  O   . HOH E 4 .   ? -8.659  3.373   -14.306 1.00 37.48 ? 255 HOH A O   1 
HETATM 1195 O  O   . HOH E 4 .   ? 9.441   -4.819  -13.068 1.00 27.01 ? 256 HOH A O   1 
HETATM 1196 O  O   . HOH E 4 .   ? 11.168  -6.217  -14.339 1.00 44.90 ? 257 HOH A O   1 
HETATM 1197 O  O   . HOH E 4 .   ? 9.036   -10.220 -1.955  1.00 22.96 ? 260 HOH A O   1 
HETATM 1198 O  O   . HOH E 4 .   ? 4.501   -9.724  -2.044  1.00 30.35 ? 261 HOH A O   1 
HETATM 1199 O  O   . HOH E 4 .   ? -8.211  -6.552  -3.756  1.00 31.48 ? 262 HOH A O   1 
HETATM 1200 O  O   . HOH E 4 .   ? 3.869   -14.246 -11.252 1.00 25.66 ? 263 HOH A O   1 
HETATM 1201 O  O   . HOH E 4 .   ? 4.228   -16.595 -3.459  1.00 31.78 ? 264 HOH A O   1 
HETATM 1202 O  O   . HOH E 4 .   ? -5.975  -11.294 -11.256 1.00 22.08 ? 265 HOH A O   1 
HETATM 1203 O  O   . HOH E 4 .   ? -4.421  -16.676 0.540   1.00 44.99 ? 266 HOH A O   1 
HETATM 1204 O  O   . HOH E 4 .   ? -9.947  22.172  9.963   1.00 45.16 ? 267 HOH A O   1 
HETATM 1205 O  O   . HOH E 4 .   ? -3.178  16.225  13.301  1.00 38.80 ? 268 HOH A O   1 
HETATM 1206 O  O   . HOH E 4 .   ? 5.948   -0.250  18.406  1.00 37.71 ? 270 HOH A O   1 
HETATM 1207 O  O   . HOH E 4 .   ? 6.752   -1.341  -14.492 1.00 37.53 ? 271 HOH A O   1 
HETATM 1208 O  O   . HOH E 4 .   ? 4.064   -13.468 8.266   1.00 30.38 ? 272 HOH A O   1 
HETATM 1209 O  O   . HOH E 4 .   ? -10.326 -8.148  -6.862  1.00 30.86 ? 273 HOH A O   1 
HETATM 1210 O  O   . HOH E 4 .   ? 0.749   -16.549 -12.849 1.00 36.45 ? 274 HOH A O   1 
HETATM 1211 O  O   . HOH E 4 .   ? -3.178  -15.179 -10.568 1.00 26.70 ? 275 HOH A O   1 
HETATM 1212 O  O   . HOH E 4 .   ? -1.040  -16.252 -9.349  1.00 36.74 ? 276 HOH A O   1 
HETATM 1213 O  O   . HOH E 4 .   ? 0.123   19.369  0.097   1.00 44.92 ? 280 HOH A O   1 
HETATM 1214 O  O   . HOH E 4 .   ? 3.447   15.134  3.540   1.00 19.24 ? 281 HOH A O   1 
HETATM 1215 O  O   . HOH E 4 .   ? 3.851   14.909  13.517  1.00 41.39 ? 282 HOH A O   1 
HETATM 1216 O  O   . HOH E 4 .   ? 11.268  9.575   8.760   1.00 46.62 ? 283 HOH A O   1 
HETATM 1217 O  O   . HOH E 4 .   ? 5.803   11.862  -5.784  1.00 34.97 ? 284 HOH A O   1 
HETATM 1218 O  O   . HOH E 4 .   ? -10.077 14.380  -1.461  1.00 42.07 ? 285 HOH A O   1 
HETATM 1219 O  O   . HOH E 4 .   ? -0.759  11.683  -13.510 1.00 44.15 ? 286 HOH A O   1 
HETATM 1220 O  O   . HOH E 4 .   ? 0.811   6.577   -15.934 1.00 33.27 ? 287 HOH A O   1 
HETATM 1221 O  O   . HOH E 4 .   ? -7.212  9.003   -15.012 1.00 40.10 ? 288 HOH A O   1 
HETATM 1222 O  O   . HOH E 4 .   ? -15.144 5.901   7.173   1.00 41.02 ? 289 HOH A O   1 
HETATM 1223 O  O   . HOH E 4 .   ? 16.504  -9.844  -10.983 1.00 45.98 ? 290 HOH A O   1 
HETATM 1224 O  O   . HOH E 4 .   ? 10.375  -7.237  1.048   1.00 38.79 ? 291 HOH A O   1 
HETATM 1225 O  O   . HOH E 4 .   ? -13.048 0.200   7.398   1.00 39.33 ? 292 HOH A O   1 
HETATM 1226 O  O   . HOH E 4 .   ? 11.023  -10.345 -12.227 1.00 36.40 ? 293 HOH A O   1 
HETATM 1227 O  O   . HOH E 4 .   ? 17.589  -15.286 -10.134 1.00 26.52 ? 294 HOH A O   1 
HETATM 1228 O  O   . HOH E 4 .   ? -10.383 -9.737  -3.939  1.00 40.84 ? 295 HOH A O   1 
HETATM 1229 O  O   . HOH E 4 .   ? -1.883  -16.990 -12.438 1.00 46.29 ? 296 HOH A O   1 
HETATM 1230 O  O   . HOH E 4 .   ? -9.607  -15.924 -6.284  1.00 33.57 ? 297 HOH A O   1 
# 
